data_6TRF
#
_entry.id   6TRF
#
_cell.length_a   78.655
_cell.length_b   148.928
_cell.length_c   190.298
_cell.angle_alpha   90
_cell.angle_beta   90
_cell.angle_gamma   90
#
_symmetry.space_group_name_H-M   'P 21 21 21'
#
loop_
_entity.id
_entity.type
_entity.pdbx_description
1 polymer 'UDP-glucose-glycoprotein glucosyltransferase-like protein'
2 branched alpha-D-mannopyranose-(1-3)-alpha-D-mannopyranose-(1-6)-[alpha-D-mannopyranose-(1-3)]beta-D-mannopyranose-(1-4)-2-acetamido-2-deoxy-beta-D-glucopyranose-(1-4)-2-acetamido-2-deoxy-beta-D-glucopyranose
3 non-polymer 2-acetamido-2-deoxy-beta-D-glucopyranose
4 non-polymer 'CALCIUM ION'
#
_entity_poly.entity_id   1
_entity_poly.type   'polypeptide(L)'
_entity_poly.pdbx_seq_one_letter_code
;ETGQVAASPSINVALKAAFPSPPYLVELLETAASDNTTIYYSLLDRIAKGHFAEATTDKALYEKFLEVLRDDGHMDPEAL
SAFKLALSLRTATPRVEAHYQYYTATVEPSLSGTQEGCDQWFLIDGEQYCSPTLDTSHGKVKGEDQLRTLPFDRKFGVGS
RDVILYADITSKSFAPFHEVAMDLAKKGKASYRVRYRRSPSHSRESLSVNGYGVELVLKRTDYIVIDDRDTGAAAKPAEE
NDQKPLVGHETVLDDGEEIADIKPLEKSELAALGMKAASFVMQSEKPFEALLKLTQDFPKYSNSLGSQNVSAEFEAEHRG
NREVFLPEGSNVLWLNGLHLIDRQIQPFGLVDLLTRERKLIKSVLDLGLTGQQAVDLLGHAEVAHAKSGDDEPRRFDWRD
DIEEGQVIIWLNNLEKDKRYKSFSPSIWVLIHHFGHGLPQIRRDVFNLVVPVDLTKADDVKIVVEGLLSFVKRLIPVRFG
FVPLTPTGQAIDQAKVVYYLLENYGLAAATAYLEKSYEEQSTGQPNERIFNEVIKDKSLRPDGVELSFKDIFISEKHEKQ
IHLSKHWVERLRAGGDVPTVFFDGFPIPREDNWLRVMNHRLMQDLQALQQAGYFGMLNESMWLPGFFLEKALSRRNTLIF
PEDKNELTVLNVNKIYIENHDLMSKVPVIEASKESTRDDWAALTVVADLDDIEGQELVYYALRFRKSNDGVRLDIVHNPK
DTSRSPSVLAQRLKSREDKLLDFTRFLDLETALETGEFEPDVAYDASLANFLASSNMKAGDNFVILNGRVLGPITSADDF
KKEDFEVFLQAERRTRILPVYKALEDLGLDDKVSGPLSAAKLTSVTALSTISDLPQGIFDNAPTVRTTLFKQWNSTYTSF
EVGDASTATIFFVAVINPASEIGQRWVAVLKVLSELEGVHLRVFLNPTVMIEELPVKRFYRYVLSSSPSFDESGKVKALS
ARFTGVPRETLLVVGMDVPPAWLVTSKVAVDDLDNLRIKDIKAKRGTEHVEAIYELEHILIEGHSREIPGAHAPRGVQLV
LETENNPHFADTIIMANLGYFQFKANPGVYNIRLKEGRSSEIFTLESVGAKGWGPIPGDDNTEVVLMDFQGTTLYPRLRR
KPGMEEEDVLEPSTKSGEESGSGARNLVSRGIKFAEGLLGRGNKAAEATKSVSKTEHAEINIFSVASGHLYERMLNIMMA
SVMHHTNHTVKFWFIEQFLSPSFKDFIPHMAAEYGFKYEMVTYKWPHWLRQQKEKQREIWGYKILFLDVLFPLSLDKVIF
VDADQIVRTDMYDLVEHPLDGAPYGFAPMCDSRVEMEGYRFWKTGYWANYLKGKPYHISALYVVDLQRFRELAAGDRLRQ
QYHALSADPNSLANLDQDLPNHMQFTIPIATLPQEWLWCETWCSDETLKDARTIDLCNNPMTKEPKLDRARRQVPEWTKY
DEEIAELARRVREEKPKKKEEEKVQKNPKSRRLDGDEEEVKTVREGTKHHHHHH
;
_entity_poly.pdbx_strand_id   A
#
# COMPACT_ATOMS: atom_id res chain seq x y z
N SER A 8 8.86 5.64 -43.45
CA SER A 8 8.54 5.85 -42.03
C SER A 8 9.20 4.77 -41.17
N PRO A 9 10.38 5.07 -40.61
CA PRO A 9 11.05 4.07 -39.77
C PRO A 9 10.36 3.91 -38.42
N SER A 10 9.96 2.68 -38.09
CA SER A 10 9.19 2.43 -36.87
C SER A 10 9.82 1.43 -35.90
N ILE A 11 9.38 1.47 -34.62
CA ILE A 11 9.82 0.57 -33.57
C ILE A 11 8.57 0.04 -32.86
N ASN A 12 8.47 -1.29 -32.70
CA ASN A 12 7.31 -1.91 -32.05
C ASN A 12 7.75 -2.76 -30.86
N VAL A 13 7.13 -2.50 -29.69
CA VAL A 13 7.42 -3.24 -28.45
C VAL A 13 6.14 -3.83 -27.82
N ALA A 14 6.15 -5.14 -27.55
CA ALA A 14 5.02 -5.87 -26.97
C ALA A 14 5.40 -6.65 -25.72
N LEU A 15 4.42 -6.90 -24.84
CA LEU A 15 4.65 -7.65 -23.61
C LEU A 15 3.69 -8.83 -23.52
N LYS A 16 4.19 -10.00 -23.15
CA LYS A 16 3.40 -11.23 -22.99
C LYS A 16 3.63 -11.84 -21.61
N ALA A 17 2.57 -12.37 -20.98
CA ALA A 17 2.60 -12.98 -19.65
C ALA A 17 3.30 -14.35 -19.61
N ALA A 18 3.66 -14.84 -18.41
CA ALA A 18 4.30 -16.14 -18.22
C ALA A 18 3.30 -17.32 -18.11
N PHE A 19 2.01 -17.09 -18.41
CA PHE A 19 1.00 -18.13 -18.35
C PHE A 19 0.11 -18.09 -19.60
N PRO A 20 -0.41 -19.25 -20.06
CA PRO A 20 -1.25 -19.24 -21.28
C PRO A 20 -2.56 -18.46 -21.12
N SER A 21 -3.12 -18.00 -22.24
CA SER A 21 -4.36 -17.25 -22.23
C SER A 21 -5.56 -18.15 -21.96
N PRO A 22 -6.31 -17.87 -20.88
CA PRO A 22 -7.51 -18.67 -20.59
C PRO A 22 -8.59 -18.50 -21.66
N PRO A 23 -9.54 -19.45 -21.80
CA PRO A 23 -10.59 -19.29 -22.82
C PRO A 23 -11.36 -17.99 -22.66
N TYR A 24 -11.64 -17.32 -23.76
CA TYR A 24 -12.33 -16.04 -23.73
C TYR A 24 -13.68 -16.08 -23.00
N LEU A 25 -14.46 -17.16 -23.18
CA LEU A 25 -15.77 -17.31 -22.52
C LEU A 25 -15.72 -17.12 -21.00
N VAL A 26 -14.85 -17.89 -20.32
CA VAL A 26 -14.72 -17.82 -18.87
C VAL A 26 -14.18 -16.45 -18.43
N GLU A 27 -13.34 -15.80 -19.26
CA GLU A 27 -12.78 -14.49 -18.98
C GLU A 27 -13.89 -13.43 -18.96
N LEU A 28 -14.85 -13.53 -19.89
CA LEU A 28 -15.97 -12.58 -19.97
C LEU A 28 -16.94 -12.74 -18.82
N LEU A 29 -17.10 -13.96 -18.30
CA LEU A 29 -17.97 -14.26 -17.16
C LEU A 29 -17.41 -13.54 -15.93
N GLU A 30 -16.10 -13.70 -15.69
CA GLU A 30 -15.38 -13.11 -14.57
C GLU A 30 -15.29 -11.61 -14.66
N THR A 31 -15.01 -11.06 -15.85
CA THR A 31 -14.92 -9.61 -16.02
C THR A 31 -16.30 -8.99 -15.76
N ALA A 32 -17.34 -9.58 -16.37
CA ALA A 32 -18.70 -9.09 -16.25
C ALA A 32 -19.19 -9.02 -14.81
N ALA A 33 -18.93 -10.06 -14.03
CA ALA A 33 -19.33 -10.09 -12.64
C ALA A 33 -18.07 -9.89 -11.82
N SER A 34 -17.65 -8.63 -11.62
CA SER A 34 -16.42 -8.32 -10.90
C SER A 34 -16.41 -8.91 -9.49
N ASP A 35 -17.43 -8.59 -8.72
CA ASP A 35 -17.57 -9.10 -7.35
C ASP A 35 -19.02 -9.37 -6.96
N ASN A 36 -19.98 -9.06 -7.85
CA ASN A 36 -21.39 -9.30 -7.62
C ASN A 36 -21.62 -10.75 -8.00
N THR A 37 -22.08 -11.56 -7.05
CA THR A 37 -22.33 -12.97 -7.27
C THR A 37 -23.59 -13.20 -8.08
N THR A 38 -24.62 -12.37 -7.89
CA THR A 38 -25.86 -12.52 -8.64
C THR A 38 -25.62 -12.45 -10.14
N ILE A 39 -24.80 -11.49 -10.60
CA ILE A 39 -24.44 -11.38 -12.03
C ILE A 39 -23.70 -12.64 -12.49
N TYR A 40 -22.86 -13.22 -11.64
CA TYR A 40 -22.08 -14.41 -11.94
C TYR A 40 -22.95 -15.63 -12.24
N TYR A 41 -23.79 -16.05 -11.29
CA TYR A 41 -24.64 -17.21 -11.49
C TYR A 41 -25.80 -16.94 -12.46
N SER A 42 -26.26 -15.68 -12.56
CA SER A 42 -27.29 -15.32 -13.53
C SER A 42 -26.78 -15.50 -14.96
N LEU A 43 -25.48 -15.27 -15.19
CA LEU A 43 -24.82 -15.47 -16.48
C LEU A 43 -24.46 -16.95 -16.66
N LEU A 44 -24.11 -17.63 -15.57
CA LEU A 44 -23.79 -19.06 -15.58
C LEU A 44 -25.02 -19.89 -16.01
N ASP A 45 -26.24 -19.38 -15.75
CA ASP A 45 -27.48 -20.02 -16.19
C ASP A 45 -27.55 -19.91 -17.72
N ARG A 46 -27.33 -18.70 -18.26
CA ARG A 46 -27.37 -18.38 -19.70
C ARG A 46 -26.45 -19.25 -20.56
N ILE A 47 -25.24 -19.53 -20.09
CA ILE A 47 -24.31 -20.38 -20.85
C ILE A 47 -24.61 -21.88 -20.67
N ALA A 48 -25.29 -22.25 -19.56
CA ALA A 48 -25.72 -23.63 -19.32
C ALA A 48 -26.96 -24.00 -20.14
N LYS A 49 -27.68 -23.00 -20.68
CA LYS A 49 -28.76 -23.22 -21.64
C LYS A 49 -28.17 -23.80 -22.94
N GLY A 50 -26.92 -23.44 -23.22
CA GLY A 50 -26.21 -23.66 -24.46
C GLY A 50 -26.41 -22.43 -25.33
N HIS A 51 -26.75 -21.29 -24.70
CA HIS A 51 -27.05 -20.01 -25.30
C HIS A 51 -25.82 -19.40 -25.94
N PHE A 52 -24.66 -19.52 -25.28
CA PHE A 52 -23.43 -18.96 -25.82
C PHE A 52 -22.62 -19.94 -26.67
N ALA A 53 -23.22 -21.06 -27.07
CA ALA A 53 -22.54 -22.06 -27.91
C ALA A 53 -22.55 -21.65 -29.39
N GLU A 54 -23.54 -20.87 -29.83
CA GLU A 54 -23.67 -20.44 -31.22
C GLU A 54 -22.74 -19.32 -31.64
N ALA A 55 -21.96 -18.75 -30.70
CA ALA A 55 -21.00 -17.71 -31.02
C ALA A 55 -19.67 -18.38 -31.29
N THR A 56 -19.20 -18.34 -32.55
CA THR A 56 -17.98 -18.98 -33.01
C THR A 56 -16.69 -18.25 -32.69
N THR A 57 -16.68 -16.92 -32.83
CA THR A 57 -15.47 -16.14 -32.62
C THR A 57 -15.52 -15.26 -31.38
N ASP A 58 -14.35 -14.88 -30.87
CA ASP A 58 -14.21 -14.03 -29.69
C ASP A 58 -14.97 -12.72 -29.83
N LYS A 59 -14.93 -12.12 -31.02
CA LYS A 59 -15.66 -10.88 -31.31
C LYS A 59 -17.16 -11.11 -31.14
N ALA A 60 -17.70 -12.17 -31.76
CA ALA A 60 -19.11 -12.54 -31.69
C ALA A 60 -19.54 -12.82 -30.26
N LEU A 61 -18.69 -13.52 -29.52
CA LEU A 61 -18.90 -13.87 -28.12
C LEU A 61 -18.97 -12.61 -27.27
N TYR A 62 -18.07 -11.66 -27.52
CA TYR A 62 -18.03 -10.38 -26.86
C TYR A 62 -19.29 -9.60 -27.21
N GLU A 63 -19.68 -9.60 -28.50
CA GLU A 63 -20.86 -8.91 -29.00
C GLU A 63 -22.11 -9.41 -28.32
N LYS A 64 -22.21 -10.73 -28.10
CA LYS A 64 -23.36 -11.35 -27.48
C LYS A 64 -23.55 -10.91 -26.03
N PHE A 65 -22.45 -10.79 -25.27
CA PHE A 65 -22.50 -10.37 -23.87
C PHE A 65 -23.10 -8.98 -23.69
N LEU A 66 -22.79 -8.04 -24.61
CA LEU A 66 -23.29 -6.67 -24.55
C LEU A 66 -24.82 -6.62 -24.60
N GLU A 67 -25.43 -7.37 -25.52
CA GLU A 67 -26.88 -7.41 -25.64
C GLU A 67 -27.52 -8.00 -24.39
N VAL A 68 -26.96 -9.12 -23.89
CA VAL A 68 -27.43 -9.83 -22.71
C VAL A 68 -27.43 -8.96 -21.45
N LEU A 69 -26.28 -8.34 -21.12
CA LEU A 69 -26.14 -7.49 -19.94
C LEU A 69 -27.15 -6.34 -19.96
N ARG A 70 -27.28 -5.67 -21.11
CA ARG A 70 -28.22 -4.57 -21.31
C ARG A 70 -29.68 -5.04 -21.18
N ASP A 71 -30.02 -6.18 -21.80
CA ASP A 71 -31.38 -6.73 -21.79
C ASP A 71 -31.83 -7.23 -20.42
N ASP A 72 -30.92 -7.82 -19.64
CA ASP A 72 -31.28 -8.33 -18.32
C ASP A 72 -31.14 -7.33 -17.17
N GLY A 73 -30.76 -6.09 -17.48
CA GLY A 73 -30.64 -5.01 -16.51
C GLY A 73 -29.37 -5.02 -15.65
N HIS A 74 -28.39 -5.85 -16.02
CA HIS A 74 -27.13 -5.98 -15.28
C HIS A 74 -26.28 -4.72 -15.33
N MET A 75 -26.15 -4.11 -16.50
CA MET A 75 -25.34 -2.90 -16.66
C MET A 75 -26.09 -1.81 -17.40
N ASP A 76 -25.76 -0.58 -17.08
CA ASP A 76 -26.30 0.61 -17.74
C ASP A 76 -25.19 1.12 -18.72
N PRO A 77 -25.39 2.20 -19.52
CA PRO A 77 -24.33 2.64 -20.44
C PRO A 77 -22.98 2.88 -19.75
N GLU A 78 -22.99 3.53 -18.58
CA GLU A 78 -21.81 3.83 -17.80
C GLU A 78 -21.05 2.58 -17.35
N ALA A 79 -21.76 1.56 -16.86
CA ALA A 79 -21.14 0.31 -16.42
C ALA A 79 -20.68 -0.56 -17.59
N LEU A 80 -21.38 -0.48 -18.73
CA LEU A 80 -21.03 -1.23 -19.94
C LEU A 80 -19.70 -0.73 -20.49
N SER A 81 -19.52 0.59 -20.51
CA SER A 81 -18.29 1.24 -20.98
C SER A 81 -17.11 0.86 -20.09
N ALA A 82 -17.34 0.77 -18.77
CA ALA A 82 -16.34 0.36 -17.80
C ALA A 82 -15.99 -1.13 -17.98
N PHE A 83 -16.95 -1.96 -18.42
CA PHE A 83 -16.73 -3.37 -18.68
C PHE A 83 -15.75 -3.55 -19.83
N LYS A 84 -15.92 -2.79 -20.93
CA LYS A 84 -15.04 -2.87 -22.10
C LYS A 84 -13.58 -2.58 -21.76
N LEU A 85 -13.32 -1.50 -21.00
CA LEU A 85 -11.97 -1.11 -20.59
C LEU A 85 -11.32 -2.17 -19.68
N ALA A 86 -12.08 -2.72 -18.72
CA ALA A 86 -11.59 -3.77 -17.82
C ALA A 86 -11.31 -5.07 -18.59
N LEU A 87 -12.11 -5.34 -19.63
CA LEU A 87 -11.96 -6.48 -20.52
C LEU A 87 -10.70 -6.32 -21.36
N SER A 88 -10.39 -5.08 -21.80
CA SER A 88 -9.17 -4.80 -22.56
C SER A 88 -7.98 -5.06 -21.66
N LEU A 89 -8.02 -4.55 -20.42
CA LEU A 89 -6.96 -4.71 -19.43
C LEU A 89 -6.68 -6.18 -19.07
N ARG A 90 -7.63 -7.09 -19.39
CA ARG A 90 -7.57 -8.53 -19.14
C ARG A 90 -7.39 -8.81 -17.65
N THR A 91 -8.11 -8.03 -16.81
CA THR A 91 -8.07 -8.07 -15.34
C THR A 91 -8.44 -9.42 -14.76
N ALA A 92 -9.33 -10.14 -15.44
CA ALA A 92 -9.82 -11.43 -14.96
C ALA A 92 -8.90 -12.61 -15.27
N THR A 93 -7.97 -12.49 -16.23
CA THR A 93 -7.09 -13.60 -16.61
C THR A 93 -6.26 -14.16 -15.42
N PRO A 94 -5.58 -13.36 -14.56
CA PRO A 94 -4.85 -13.98 -13.43
C PRO A 94 -5.77 -14.65 -12.41
N ARG A 95 -7.03 -14.19 -12.30
CA ARG A 95 -8.03 -14.73 -11.38
C ARG A 95 -8.41 -16.16 -11.79
N VAL A 96 -8.48 -16.43 -13.10
CA VAL A 96 -8.81 -17.74 -13.65
C VAL A 96 -7.62 -18.70 -13.53
N GLU A 97 -6.41 -18.19 -13.76
CA GLU A 97 -5.15 -18.93 -13.63
C GLU A 97 -4.88 -19.37 -12.19
N ALA A 98 -5.47 -18.65 -11.21
CA ALA A 98 -5.36 -19.01 -9.80
C ALA A 98 -6.04 -20.36 -9.58
N HIS A 99 -7.23 -20.56 -10.20
CA HIS A 99 -8.00 -21.78 -10.13
C HIS A 99 -7.18 -22.95 -10.66
N TYR A 100 -6.57 -22.75 -11.85
CA TYR A 100 -5.78 -23.75 -12.55
C TYR A 100 -4.57 -24.19 -11.76
N GLN A 101 -3.77 -23.23 -11.23
CA GLN A 101 -2.60 -23.56 -10.44
C GLN A 101 -3.01 -24.32 -9.18
N TYR A 102 -4.12 -23.91 -8.55
CA TYR A 102 -4.63 -24.60 -7.38
C TYR A 102 -5.04 -26.03 -7.74
N TYR A 103 -5.77 -26.17 -8.85
CA TYR A 103 -6.24 -27.47 -9.34
C TYR A 103 -5.08 -28.39 -9.70
N THR A 104 -4.06 -27.87 -10.37
CA THR A 104 -2.90 -28.64 -10.81
C THR A 104 -2.01 -29.08 -9.65
N ALA A 105 -1.84 -28.22 -8.63
CA ALA A 105 -0.94 -28.52 -7.52
C ALA A 105 -1.55 -29.16 -6.27
N THR A 106 -2.87 -29.02 -6.03
CA THR A 106 -3.46 -29.60 -4.82
C THR A 106 -4.55 -30.63 -5.13
N VAL A 107 -5.35 -30.42 -6.19
CA VAL A 107 -6.44 -31.34 -6.52
C VAL A 107 -5.96 -32.65 -7.18
N GLU A 108 -5.26 -32.57 -8.33
CA GLU A 108 -4.79 -33.74 -9.08
C GLU A 108 -3.92 -34.74 -8.29
N PRO A 109 -2.90 -34.31 -7.50
CA PRO A 109 -2.09 -35.30 -6.76
C PRO A 109 -2.80 -35.90 -5.53
N SER A 110 -3.90 -35.30 -5.10
CA SER A 110 -4.66 -35.78 -3.96
C SER A 110 -5.95 -36.55 -4.38
N LEU A 111 -6.19 -36.71 -5.69
CA LEU A 111 -7.39 -37.36 -6.22
C LEU A 111 -7.22 -38.82 -6.64
N SER A 112 -7.79 -39.75 -5.85
CA SER A 112 -7.73 -41.18 -6.12
C SER A 112 -8.75 -41.61 -7.18
N GLY A 113 -8.32 -42.43 -8.13
CA GLY A 113 -9.20 -42.92 -9.19
C GLY A 113 -8.74 -42.51 -10.56
N THR A 114 -9.03 -43.33 -11.58
CA THR A 114 -8.64 -43.04 -12.95
C THR A 114 -9.53 -41.96 -13.57
N GLN A 115 -8.92 -40.95 -14.21
CA GLN A 115 -9.68 -39.86 -14.79
C GLN A 115 -9.85 -39.95 -16.31
N GLU A 116 -10.97 -40.57 -16.73
CA GLU A 116 -11.40 -40.75 -18.11
C GLU A 116 -12.93 -40.72 -18.04
N GLY A 117 -13.53 -39.69 -18.61
CA GLY A 117 -14.98 -39.49 -18.54
C GLY A 117 -15.40 -38.58 -17.40
N CYS A 118 -14.48 -38.33 -16.45
CA CYS A 118 -14.69 -37.47 -15.29
C CYS A 118 -14.22 -36.05 -15.59
N ASP A 119 -14.73 -35.43 -16.65
CA ASP A 119 -14.35 -34.05 -17.00
C ASP A 119 -14.82 -33.11 -15.90
N GLN A 120 -16.03 -33.32 -15.39
CA GLN A 120 -16.57 -32.55 -14.28
C GLN A 120 -16.88 -33.51 -13.14
N TRP A 121 -16.81 -33.02 -11.89
CA TRP A 121 -17.11 -33.86 -10.74
C TRP A 121 -17.29 -33.07 -9.45
N PHE A 122 -18.38 -33.35 -8.76
CA PHE A 122 -18.64 -32.75 -7.46
C PHE A 122 -17.76 -33.40 -6.42
N LEU A 123 -17.43 -32.67 -5.36
CA LEU A 123 -16.67 -33.20 -4.24
C LEU A 123 -17.55 -33.08 -3.00
N ILE A 124 -17.95 -34.21 -2.42
CA ILE A 124 -18.78 -34.26 -1.23
C ILE A 124 -18.17 -35.23 -0.22
N ASP A 125 -17.89 -34.75 1.00
CA ASP A 125 -17.32 -35.55 2.10
C ASP A 125 -16.05 -36.34 1.72
N GLY A 126 -15.17 -35.68 0.97
CA GLY A 126 -13.94 -36.31 0.51
C GLY A 126 -14.20 -37.44 -0.48
N GLU A 127 -15.30 -37.34 -1.22
CA GLU A 127 -15.70 -38.34 -2.20
C GLU A 127 -16.00 -37.64 -3.51
N GLN A 128 -15.48 -38.21 -4.60
CA GLN A 128 -15.66 -37.66 -5.93
C GLN A 128 -16.83 -38.36 -6.65
N TYR A 129 -17.72 -37.57 -7.28
CA TYR A 129 -18.84 -38.13 -8.04
C TYR A 129 -18.82 -37.59 -9.48
N CYS A 130 -18.46 -38.45 -10.44
CA CYS A 130 -18.39 -38.09 -11.86
C CYS A 130 -19.77 -38.00 -12.55
N SER A 131 -20.87 -38.18 -11.80
CA SER A 131 -22.21 -38.13 -12.37
C SER A 131 -23.13 -37.23 -11.54
N PRO A 132 -24.06 -36.52 -12.17
CA PRO A 132 -25.00 -35.69 -11.40
C PRO A 132 -25.92 -36.52 -10.51
N THR A 133 -26.31 -37.73 -10.99
CA THR A 133 -27.21 -38.64 -10.29
C THR A 133 -26.63 -39.20 -8.97
N LEU A 134 -25.32 -38.97 -8.70
CA LEU A 134 -24.62 -39.35 -7.46
C LEU A 134 -24.55 -40.87 -7.13
N ASP A 135 -24.68 -41.74 -8.15
CA ASP A 135 -24.69 -43.19 -7.95
C ASP A 135 -23.35 -43.81 -7.50
N THR A 136 -22.23 -43.44 -8.15
CA THR A 136 -20.94 -44.06 -7.85
C THR A 136 -19.91 -43.05 -7.31
N SER A 137 -19.08 -43.45 -6.32
CA SER A 137 -18.00 -42.63 -5.75
C SER A 137 -16.62 -43.22 -6.11
N HIS A 138 -15.83 -42.50 -6.90
CA HIS A 138 -14.51 -42.97 -7.32
C HIS A 138 -13.45 -42.99 -6.24
N GLY A 139 -13.36 -41.94 -5.42
CA GLY A 139 -12.29 -41.89 -4.44
C GLY A 139 -12.40 -41.14 -3.13
N LYS A 140 -11.45 -41.49 -2.25
CA LYS A 140 -11.20 -40.93 -0.94
C LYS A 140 -10.05 -39.97 -1.22
N VAL A 141 -10.31 -38.67 -1.16
CA VAL A 141 -9.32 -37.65 -1.50
C VAL A 141 -8.32 -37.37 -0.36
N LYS A 142 -7.02 -37.53 -0.67
CA LYS A 142 -5.92 -37.25 0.27
C LYS A 142 -5.62 -35.73 0.35
N GLY A 143 -4.67 -35.33 1.20
CA GLY A 143 -4.27 -33.93 1.31
C GLY A 143 -5.05 -33.10 2.30
N GLU A 144 -4.72 -31.80 2.40
CA GLU A 144 -5.36 -30.85 3.31
C GLU A 144 -6.81 -30.53 2.91
N ASP A 145 -7.62 -30.01 3.85
CA ASP A 145 -9.03 -29.67 3.64
C ASP A 145 -9.25 -28.68 2.49
N GLN A 146 -10.04 -29.10 1.49
CA GLN A 146 -10.38 -28.26 0.34
C GLN A 146 -11.63 -27.40 0.60
N LEU A 147 -12.36 -27.65 1.70
CA LEU A 147 -13.56 -26.92 2.05
C LEU A 147 -13.32 -25.54 2.65
N ARG A 148 -12.05 -25.15 2.86
CA ARG A 148 -11.75 -23.84 3.40
C ARG A 148 -12.09 -22.80 2.33
N THR A 149 -12.89 -21.79 2.70
CA THR A 149 -13.27 -20.75 1.76
C THR A 149 -12.06 -19.84 1.53
N LEU A 150 -11.66 -19.70 0.28
CA LEU A 150 -10.49 -18.90 -0.06
C LEU A 150 -10.86 -17.70 -1.00
N PRO A 151 -9.96 -16.72 -1.17
CA PRO A 151 -10.28 -15.49 -1.92
C PRO A 151 -11.05 -15.57 -3.24
N PHE A 152 -10.76 -16.53 -4.14
CA PHE A 152 -11.46 -16.55 -5.43
C PHE A 152 -12.82 -17.29 -5.42
N ASP A 153 -13.22 -17.84 -4.27
CA ASP A 153 -14.48 -18.57 -4.16
C ASP A 153 -15.73 -17.69 -4.27
N ARG A 154 -16.82 -18.32 -4.66
CA ARG A 154 -18.16 -17.75 -4.74
C ARG A 154 -19.09 -18.75 -4.10
N LYS A 155 -20.13 -18.28 -3.41
CA LYS A 155 -21.10 -19.19 -2.81
C LYS A 155 -22.50 -18.81 -3.24
N PHE A 156 -23.30 -19.81 -3.53
CA PHE A 156 -24.67 -19.63 -3.94
C PHE A 156 -25.50 -20.41 -2.96
N GLY A 157 -26.35 -19.70 -2.23
CA GLY A 157 -27.22 -20.31 -1.23
C GLY A 157 -26.55 -20.71 0.06
N VAL A 158 -27.36 -20.96 1.08
CA VAL A 158 -26.91 -21.39 2.40
C VAL A 158 -27.33 -22.84 2.58
N GLY A 159 -26.43 -23.68 3.06
CA GLY A 159 -26.74 -25.09 3.27
C GLY A 159 -25.79 -25.72 4.25
N SER A 160 -26.29 -26.65 5.08
CA SER A 160 -25.50 -27.37 6.08
C SER A 160 -24.37 -28.13 5.39
N ARG A 161 -24.70 -28.86 4.32
CA ARG A 161 -23.69 -29.58 3.56
C ARG A 161 -23.00 -28.61 2.58
N ASP A 162 -21.74 -28.86 2.26
CA ASP A 162 -21.01 -27.99 1.35
C ASP A 162 -20.62 -28.77 0.11
N VAL A 163 -21.03 -28.28 -1.07
CA VAL A 163 -20.73 -28.98 -2.33
C VAL A 163 -19.87 -28.12 -3.27
N ILE A 164 -18.86 -28.75 -3.89
CA ILE A 164 -17.94 -28.07 -4.81
C ILE A 164 -17.93 -28.77 -6.16
N LEU A 165 -18.10 -28.01 -7.26
CA LEU A 165 -18.10 -28.55 -8.61
C LEU A 165 -16.89 -28.02 -9.41
N TYR A 166 -15.95 -28.92 -9.79
CA TYR A 166 -14.77 -28.56 -10.58
C TYR A 166 -15.14 -28.77 -12.03
N ALA A 167 -15.38 -27.68 -12.76
CA ALA A 167 -15.87 -27.80 -14.12
C ALA A 167 -15.03 -27.16 -15.21
N ASP A 168 -15.10 -27.76 -16.40
CA ASP A 168 -14.55 -27.21 -17.60
C ASP A 168 -15.82 -26.71 -18.26
N ILE A 169 -16.07 -25.41 -18.17
CA ILE A 169 -17.28 -24.80 -18.70
C ILE A 169 -17.41 -24.92 -20.22
N THR A 170 -16.28 -24.82 -20.95
CA THR A 170 -16.21 -24.86 -22.42
C THR A 170 -17.09 -25.92 -23.09
N SER A 171 -17.06 -27.17 -22.61
CA SER A 171 -17.87 -28.24 -23.18
C SER A 171 -19.35 -28.18 -22.77
N LYS A 172 -20.22 -28.89 -23.50
CA LYS A 172 -21.65 -28.97 -23.20
C LYS A 172 -21.94 -29.94 -22.04
N SER A 173 -20.98 -30.83 -21.72
CA SER A 173 -21.07 -31.79 -20.62
C SER A 173 -21.26 -31.14 -19.24
N PHE A 174 -21.03 -29.81 -19.14
CA PHE A 174 -21.16 -29.02 -17.92
C PHE A 174 -22.62 -28.79 -17.48
N ALA A 175 -23.45 -28.25 -18.40
CA ALA A 175 -24.86 -27.86 -18.20
C ALA A 175 -25.69 -28.72 -17.21
N PRO A 176 -25.85 -30.06 -17.38
CA PRO A 176 -26.68 -30.82 -16.42
C PRO A 176 -26.15 -30.84 -14.98
N PHE A 177 -24.82 -30.94 -14.78
CA PHE A 177 -24.20 -30.96 -13.46
C PHE A 177 -24.55 -29.70 -12.67
N HIS A 178 -24.43 -28.54 -13.33
CA HIS A 178 -24.72 -27.22 -12.78
C HIS A 178 -26.14 -27.16 -12.22
N GLU A 179 -27.14 -27.48 -13.05
CA GLU A 179 -28.56 -27.45 -12.70
C GLU A 179 -28.94 -28.34 -11.52
N VAL A 180 -28.20 -29.42 -11.32
CA VAL A 180 -28.42 -30.36 -10.22
C VAL A 180 -28.12 -29.67 -8.90
N ALA A 181 -27.01 -28.92 -8.84
CA ALA A 181 -26.62 -28.21 -7.62
C ALA A 181 -27.22 -26.81 -7.52
N MET A 182 -27.67 -26.22 -8.64
CA MET A 182 -28.31 -24.91 -8.63
C MET A 182 -29.65 -25.05 -7.89
N ASP A 183 -30.43 -26.07 -8.27
CA ASP A 183 -31.72 -26.39 -7.69
C ASP A 183 -31.56 -26.85 -6.24
N LEU A 184 -30.53 -27.67 -5.98
CA LEU A 184 -30.19 -28.17 -4.64
C LEU A 184 -29.92 -27.02 -3.68
N ALA A 185 -29.28 -25.94 -4.19
CA ALA A 185 -28.99 -24.74 -3.41
C ALA A 185 -30.26 -23.89 -3.29
N LYS A 186 -31.07 -23.79 -4.36
CA LYS A 186 -32.33 -23.06 -4.36
C LYS A 186 -33.29 -23.62 -3.30
N LYS A 187 -33.26 -24.95 -3.09
CA LYS A 187 -34.07 -25.60 -2.06
C LYS A 187 -33.49 -25.29 -0.68
N GLY A 188 -32.18 -25.47 -0.53
CA GLY A 188 -31.48 -25.21 0.72
C GLY A 188 -30.77 -26.41 1.33
N LYS A 189 -30.62 -27.48 0.55
CA LYS A 189 -29.97 -28.72 1.01
C LYS A 189 -28.48 -28.50 1.31
N ALA A 190 -27.81 -27.74 0.45
CA ALA A 190 -26.38 -27.43 0.58
C ALA A 190 -26.03 -26.12 -0.17
N SER A 191 -24.85 -25.52 0.13
CA SER A 191 -24.39 -24.30 -0.53
C SER A 191 -23.48 -24.65 -1.71
N TYR A 192 -23.71 -23.98 -2.85
CA TYR A 192 -23.05 -24.22 -4.14
C TYR A 192 -21.90 -23.27 -4.47
N ARG A 193 -20.78 -23.81 -4.94
CA ARG A 193 -19.66 -23.02 -5.39
C ARG A 193 -18.91 -23.68 -6.54
N VAL A 194 -18.44 -22.87 -7.50
CA VAL A 194 -17.75 -23.36 -8.69
C VAL A 194 -16.24 -23.08 -8.67
N ARG A 195 -15.46 -24.12 -8.95
CA ARG A 195 -14.01 -24.03 -9.11
C ARG A 195 -13.67 -24.45 -10.56
N TYR A 196 -12.57 -23.92 -11.13
CA TYR A 196 -12.24 -24.20 -12.53
C TYR A 196 -11.30 -25.36 -12.77
N ARG A 197 -11.38 -25.89 -13.99
CA ARG A 197 -10.54 -26.95 -14.48
C ARG A 197 -9.95 -26.50 -15.80
N ARG A 198 -8.61 -26.66 -15.97
CA ARG A 198 -7.88 -26.32 -17.19
C ARG A 198 -8.50 -27.05 -18.37
N SER A 199 -9.05 -26.30 -19.34
CA SER A 199 -9.71 -26.89 -20.50
C SER A 199 -8.74 -27.22 -21.63
N PRO A 200 -8.59 -28.51 -21.97
CA PRO A 200 -7.65 -28.89 -23.05
C PRO A 200 -8.12 -28.59 -24.48
N SER A 201 -9.32 -28.00 -24.64
CA SER A 201 -9.84 -27.60 -25.95
C SER A 201 -9.07 -26.37 -26.47
N HIS A 202 -8.60 -25.50 -25.54
CA HIS A 202 -7.85 -24.30 -25.83
C HIS A 202 -6.38 -24.62 -26.10
N SER A 203 -5.70 -23.74 -26.84
CA SER A 203 -4.28 -23.91 -27.16
C SER A 203 -3.38 -23.33 -26.05
N ARG A 204 -2.11 -23.72 -26.04
CA ARG A 204 -1.13 -23.27 -25.05
C ARG A 204 -0.39 -22.03 -25.57
N GLU A 205 -1.15 -21.06 -26.09
CA GLU A 205 -0.56 -19.81 -26.55
C GLU A 205 -0.49 -18.86 -25.36
N SER A 206 0.62 -18.11 -25.23
CA SER A 206 0.79 -17.17 -24.15
C SER A 206 -0.14 -15.96 -24.28
N LEU A 207 -0.35 -15.26 -23.17
CA LEU A 207 -1.24 -14.12 -23.05
C LEU A 207 -0.57 -12.79 -23.37
N SER A 208 -1.21 -11.94 -24.18
CA SER A 208 -0.67 -10.61 -24.49
C SER A 208 -1.28 -9.61 -23.51
N VAL A 209 -0.44 -8.87 -22.78
CA VAL A 209 -0.88 -7.93 -21.76
C VAL A 209 -0.78 -6.45 -22.18
N ASN A 210 -1.46 -5.56 -21.44
CA ASN A 210 -1.44 -4.12 -21.65
C ASN A 210 -1.72 -3.39 -20.32
N GLY A 211 -1.44 -2.10 -20.31
CA GLY A 211 -1.55 -1.26 -19.12
C GLY A 211 -0.18 -0.78 -18.63
N TYR A 212 0.81 -0.87 -19.50
CA TYR A 212 2.19 -0.48 -19.25
C TYR A 212 2.64 0.62 -20.24
N GLY A 213 3.82 1.16 -20.04
CA GLY A 213 4.37 2.17 -20.91
C GLY A 213 5.77 1.81 -21.41
N VAL A 214 6.15 2.35 -22.56
CA VAL A 214 7.47 2.13 -23.14
C VAL A 214 8.12 3.51 -23.32
N GLU A 215 9.40 3.61 -23.01
CA GLU A 215 10.15 4.84 -23.16
C GLU A 215 11.38 4.62 -24.05
N LEU A 216 11.72 5.64 -24.84
CA LEU A 216 12.89 5.61 -25.69
C LEU A 216 13.74 6.76 -25.20
N VAL A 217 14.72 6.44 -24.37
CA VAL A 217 15.59 7.41 -23.72
C VAL A 217 16.82 7.80 -24.56
N LEU A 218 17.08 9.11 -24.68
CA LEU A 218 18.25 9.62 -25.39
C LEU A 218 19.43 9.36 -24.46
N LYS A 219 20.41 8.57 -24.91
CA LYS A 219 21.55 8.24 -24.04
C LYS A 219 22.69 9.29 -24.08
N ARG A 220 22.65 10.22 -25.03
CA ARG A 220 23.63 11.30 -25.08
C ARG A 220 22.88 12.60 -24.88
N THR A 221 23.04 13.21 -23.70
CA THR A 221 22.36 14.47 -23.39
C THR A 221 23.34 15.67 -23.28
N ASP A 222 24.65 15.43 -23.48
CA ASP A 222 25.73 16.42 -23.46
C ASP A 222 25.49 17.64 -24.36
N TYR A 223 24.77 17.45 -25.47
CA TYR A 223 24.49 18.52 -26.44
C TYR A 223 23.58 19.60 -25.86
N ILE A 224 24.04 20.85 -25.96
CA ILE A 224 23.51 22.17 -25.56
C ILE A 224 24.71 23.11 -25.42
N VAL A 225 24.64 24.30 -26.02
CA VAL A 225 25.72 25.29 -25.99
C VAL A 225 25.74 26.04 -24.65
N GLU A 257 8.44 21.94 -38.28
CA GLU A 257 8.39 21.11 -39.48
C GLU A 257 8.29 19.63 -39.16
N GLU A 258 7.70 18.86 -40.07
CA GLU A 258 7.55 17.41 -39.92
C GLU A 258 8.64 16.68 -40.71
N ILE A 259 9.03 15.47 -40.25
CA ILE A 259 10.08 14.59 -40.81
C ILE A 259 11.49 15.11 -40.46
N ALA A 260 12.04 14.66 -39.33
CA ALA A 260 13.37 15.08 -38.87
C ALA A 260 14.37 13.92 -38.78
N ASP A 261 15.66 14.24 -38.92
CA ASP A 261 16.73 13.25 -38.92
C ASP A 261 17.39 13.04 -37.55
N ILE A 262 17.64 14.13 -36.82
CA ILE A 262 18.28 14.11 -35.51
C ILE A 262 17.88 15.38 -34.72
N LYS A 263 17.99 15.33 -33.38
CA LYS A 263 17.66 16.48 -32.55
C LYS A 263 18.69 17.60 -32.62
N PRO A 264 18.29 18.80 -33.07
CA PRO A 264 19.24 19.92 -33.12
C PRO A 264 19.26 20.68 -31.80
N LEU A 265 20.41 20.73 -31.13
CA LEU A 265 20.51 21.42 -29.85
C LEU A 265 20.85 22.88 -30.01
N GLU A 266 20.30 23.71 -29.14
CA GLU A 266 20.45 25.15 -29.20
C GLU A 266 20.99 25.74 -27.89
N LYS A 267 21.36 27.02 -27.89
CA LYS A 267 21.88 27.75 -26.72
C LYS A 267 20.88 27.74 -25.51
N SER A 268 21.13 28.54 -24.46
CA SER A 268 20.27 28.55 -23.27
C SER A 268 18.93 29.28 -23.48
N GLU A 269 18.18 28.92 -24.52
CA GLU A 269 16.86 29.48 -24.77
C GLU A 269 15.81 28.41 -24.45
N LEU A 270 16.03 27.67 -23.37
CA LEU A 270 15.14 26.62 -22.93
C LEU A 270 13.92 27.19 -22.26
N ALA A 271 14.10 28.25 -21.47
CA ALA A 271 13.07 28.94 -20.70
C ALA A 271 11.69 29.05 -21.37
N ALA A 272 11.64 29.32 -22.67
CA ALA A 272 10.37 29.50 -23.38
C ALA A 272 9.70 28.22 -23.88
N LEU A 273 10.39 27.08 -23.84
CA LEU A 273 9.86 25.81 -24.33
C LEU A 273 8.49 25.44 -23.80
N GLY A 274 8.32 25.42 -22.49
CA GLY A 274 7.04 25.09 -21.87
C GLY A 274 5.98 26.10 -22.25
N MET A 275 6.34 27.39 -22.17
CA MET A 275 5.43 28.50 -22.46
C MET A 275 4.90 28.48 -23.90
N LYS A 276 5.80 28.32 -24.88
CA LYS A 276 5.42 28.27 -26.28
C LYS A 276 4.69 26.96 -26.59
N ALA A 277 5.14 25.85 -25.98
CA ALA A 277 4.49 24.55 -26.16
C ALA A 277 3.04 24.59 -25.70
N ALA A 278 2.75 25.30 -24.59
CA ALA A 278 1.39 25.42 -24.07
C ALA A 278 0.47 26.19 -25.02
N SER A 279 1.00 27.24 -25.66
CA SER A 279 0.26 28.08 -26.60
C SER A 279 -0.12 27.33 -27.88
N PHE A 280 0.83 26.55 -28.45
CA PHE A 280 0.67 25.74 -29.66
C PHE A 280 -0.62 24.91 -29.61
N VAL A 281 -0.86 24.31 -28.46
CA VAL A 281 -1.99 23.45 -28.16
C VAL A 281 -3.28 24.25 -28.12
N MET A 282 -3.27 25.38 -27.42
CA MET A 282 -4.44 26.24 -27.30
C MET A 282 -4.89 26.74 -28.66
N GLN A 283 -3.92 27.10 -29.51
CA GLN A 283 -4.13 27.61 -30.85
C GLN A 283 -4.69 26.56 -31.82
N SER A 284 -4.24 25.31 -31.70
CA SER A 284 -4.60 24.20 -32.58
C SER A 284 -6.09 23.99 -32.85
N GLU A 285 -6.94 24.04 -31.81
CA GLU A 285 -8.39 23.81 -31.91
C GLU A 285 -8.69 22.39 -32.41
N LYS A 286 -8.25 21.48 -31.58
CA LYS A 286 -8.28 20.02 -31.37
C LYS A 286 -7.11 19.82 -30.40
N PRO A 287 -7.25 20.36 -29.16
CA PRO A 287 -6.10 20.48 -28.28
C PRO A 287 -5.68 19.21 -27.61
N PHE A 288 -6.63 18.32 -27.32
CA PHE A 288 -6.31 17.06 -26.65
C PHE A 288 -5.37 16.22 -27.48
N GLU A 289 -5.64 16.13 -28.77
CA GLU A 289 -4.82 15.36 -29.70
C GLU A 289 -3.43 15.97 -29.87
N ALA A 290 -3.36 17.30 -29.91
CA ALA A 290 -2.09 18.01 -30.07
C ALA A 290 -1.14 17.72 -28.92
N LEU A 291 -1.63 17.76 -27.68
CA LEU A 291 -0.85 17.51 -26.49
C LEU A 291 -0.30 16.12 -26.50
N LEU A 292 -1.10 15.13 -26.91
CA LEU A 292 -0.67 13.75 -26.99
C LEU A 292 0.42 13.62 -28.06
N LYS A 293 0.17 14.19 -29.25
CA LYS A 293 1.12 14.12 -30.35
C LYS A 293 2.41 14.87 -30.05
N LEU A 294 2.31 15.99 -29.33
CA LEU A 294 3.49 16.78 -28.96
C LEU A 294 4.23 16.12 -27.82
N THR A 295 3.53 15.73 -26.75
CA THR A 295 4.16 15.15 -25.58
C THR A 295 4.81 13.79 -25.83
N GLN A 296 4.30 13.00 -26.79
CA GLN A 296 4.89 11.68 -27.06
C GLN A 296 6.24 11.76 -27.75
N ASP A 297 6.38 12.68 -28.71
CA ASP A 297 7.60 12.87 -29.48
C ASP A 297 8.28 14.21 -29.18
N PHE A 298 8.08 14.74 -27.96
CA PHE A 298 8.59 16.04 -27.54
C PHE A 298 10.07 16.34 -27.86
N PRO A 299 11.07 15.45 -27.61
CA PRO A 299 12.47 15.83 -27.90
C PRO A 299 12.71 16.25 -29.35
N LYS A 300 11.98 15.61 -30.26
CA LYS A 300 12.01 15.80 -31.70
C LYS A 300 11.42 17.17 -32.12
N TYR A 301 10.45 17.69 -31.35
CA TYR A 301 9.80 18.95 -31.69
C TYR A 301 10.38 20.19 -31.01
N SER A 302 11.50 20.05 -30.29
CA SER A 302 12.13 21.18 -29.58
C SER A 302 12.45 22.37 -30.49
N ASN A 303 13.26 22.16 -31.53
CA ASN A 303 13.60 23.25 -32.45
C ASN A 303 12.45 23.65 -33.38
N SER A 304 11.42 22.80 -33.50
CA SER A 304 10.22 23.07 -34.28
C SER A 304 9.25 24.02 -33.52
N LEU A 305 9.57 24.39 -32.26
CA LEU A 305 8.77 25.29 -31.45
C LEU A 305 9.35 26.70 -31.49
N GLY A 306 8.46 27.68 -31.38
CA GLY A 306 8.84 29.08 -31.47
C GLY A 306 8.61 29.66 -32.85
N SER A 307 7.77 28.99 -33.67
CA SER A 307 7.50 29.39 -35.04
C SER A 307 6.09 29.95 -35.28
N GLN A 308 5.94 30.77 -36.35
CA GLN A 308 4.72 31.42 -36.86
C GLN A 308 3.93 32.22 -35.81
N ASN A 309 4.52 33.34 -35.30
CA ASN A 309 3.93 34.23 -34.27
C ASN A 309 3.42 33.39 -33.10
N VAL A 310 4.34 32.64 -32.54
CA VAL A 310 4.16 31.62 -31.51
C VAL A 310 3.73 32.13 -30.10
N SER A 311 4.35 33.21 -29.56
CA SER A 311 4.07 33.75 -28.21
C SER A 311 2.58 33.88 -27.84
N ALA A 312 1.79 34.68 -28.61
CA ALA A 312 0.35 34.91 -28.43
C ALA A 312 -0.15 34.85 -26.98
N GLU A 313 0.46 35.69 -26.11
CA GLU A 313 0.09 35.68 -24.70
C GLU A 313 -1.23 36.34 -24.40
N PHE A 314 -2.31 35.68 -24.79
CA PHE A 314 -3.64 36.10 -24.41
C PHE A 314 -3.84 35.67 -22.93
N GLU A 315 -3.24 34.52 -22.52
CA GLU A 315 -3.30 33.99 -21.17
C GLU A 315 -2.38 34.71 -20.17
N ALA A 316 -2.34 36.05 -20.22
CA ALA A 316 -1.56 36.83 -19.25
C ALA A 316 -2.30 37.00 -17.92
N GLU A 317 -3.63 36.82 -17.92
CA GLU A 317 -4.46 36.89 -16.72
C GLU A 317 -4.25 35.64 -15.85
N HIS A 318 -3.97 34.48 -16.48
CA HIS A 318 -3.82 33.20 -15.79
C HIS A 318 -2.50 33.02 -15.04
N ARG A 319 -1.64 34.03 -15.02
CA ARG A 319 -0.43 33.99 -14.19
C ARG A 319 -0.87 34.04 -12.70
N GLY A 320 -1.97 34.74 -12.44
CA GLY A 320 -2.60 34.83 -11.14
C GLY A 320 -3.13 33.49 -10.68
N ASN A 321 -3.42 32.56 -11.62
CA ASN A 321 -3.88 31.21 -11.31
C ASN A 321 -2.73 30.49 -10.62
N ARG A 322 -1.54 30.55 -11.23
CA ARG A 322 -0.35 29.90 -10.70
C ARG A 322 0.13 30.53 -9.40
N GLU A 323 -0.11 31.83 -9.21
CA GLU A 323 0.31 32.52 -8.01
C GLU A 323 -0.59 32.24 -6.80
N VAL A 324 -1.87 31.92 -7.02
CA VAL A 324 -2.79 31.69 -5.90
C VAL A 324 -2.80 30.24 -5.38
N PHE A 325 -2.77 29.22 -6.28
CA PHE A 325 -2.86 27.85 -5.79
C PHE A 325 -1.60 26.97 -6.07
N LEU A 326 -1.32 26.59 -7.33
CA LEU A 326 -0.20 25.70 -7.59
C LEU A 326 1.02 26.32 -8.27
N PRO A 327 2.22 25.93 -7.84
CA PRO A 327 3.44 26.46 -8.48
C PRO A 327 3.63 25.98 -9.93
N GLU A 328 4.32 26.80 -10.74
CA GLU A 328 4.57 26.49 -12.16
C GLU A 328 5.34 25.20 -12.40
N GLY A 329 4.93 24.47 -13.41
CA GLY A 329 5.54 23.21 -13.81
C GLY A 329 5.20 22.01 -12.96
N SER A 330 4.12 22.08 -12.19
CA SER A 330 3.73 20.99 -11.31
C SER A 330 2.54 20.19 -11.85
N ASN A 331 2.64 18.86 -11.80
CA ASN A 331 1.56 17.99 -12.26
C ASN A 331 0.67 17.57 -11.10
N VAL A 332 -0.63 17.87 -11.20
CA VAL A 332 -1.60 17.51 -10.15
C VAL A 332 -2.92 16.99 -10.75
N LEU A 333 -3.37 15.80 -10.32
CA LEU A 333 -4.64 15.24 -10.83
C LEU A 333 -5.65 15.08 -9.72
N TRP A 334 -6.93 15.31 -10.04
CA TRP A 334 -8.02 15.16 -9.12
C TRP A 334 -9.11 14.29 -9.73
N LEU A 335 -9.74 13.46 -8.90
CA LEU A 335 -10.87 12.63 -9.32
C LEU A 335 -11.97 12.90 -8.31
N ASN A 336 -12.93 13.79 -8.68
CA ASN A 336 -14.02 14.24 -7.82
C ASN A 336 -13.52 14.75 -6.48
N GLY A 337 -12.45 15.53 -6.53
CA GLY A 337 -11.84 16.12 -5.35
C GLY A 337 -10.63 15.37 -4.84
N LEU A 338 -10.58 14.04 -5.04
CA LEU A 338 -9.48 13.19 -4.58
C LEU A 338 -8.17 13.49 -5.28
N HIS A 339 -7.15 13.88 -4.50
CA HIS A 339 -5.83 14.22 -5.01
C HIS A 339 -4.98 12.95 -5.21
N LEU A 340 -4.50 12.73 -6.44
CA LEU A 340 -3.70 11.55 -6.75
C LEU A 340 -2.25 11.89 -7.09
N ILE A 341 -1.31 11.13 -6.54
CA ILE A 341 0.11 11.24 -6.88
C ILE A 341 0.40 10.21 -7.99
N ASP A 342 1.59 10.26 -8.63
CA ASP A 342 1.93 9.35 -9.72
C ASP A 342 1.82 7.86 -9.36
N ARG A 343 2.25 7.48 -8.17
CA ARG A 343 2.20 6.09 -7.73
C ARG A 343 0.79 5.52 -7.69
N GLN A 344 -0.21 6.37 -7.48
CA GLN A 344 -1.60 5.93 -7.44
C GLN A 344 -2.25 5.89 -8.83
N ILE A 345 -1.49 6.17 -9.89
CA ILE A 345 -2.05 6.22 -11.23
C ILE A 345 -1.58 5.05 -12.05
N GLN A 346 -2.28 3.96 -11.87
CA GLN A 346 -2.09 2.72 -12.62
C GLN A 346 -3.47 2.37 -13.19
N PRO A 347 -3.54 1.74 -14.37
CA PRO A 347 -4.85 1.45 -14.98
C PRO A 347 -5.74 0.54 -14.14
N PHE A 348 -5.13 -0.39 -13.44
CA PHE A 348 -5.80 -1.37 -12.60
C PHE A 348 -6.42 -0.71 -11.36
N GLY A 349 -5.66 0.15 -10.73
CA GLY A 349 -6.09 0.89 -9.54
C GLY A 349 -7.10 1.99 -9.85
N LEU A 350 -7.04 2.55 -11.07
CA LEU A 350 -7.98 3.58 -11.47
C LEU A 350 -9.34 3.01 -11.85
N VAL A 351 -9.38 1.79 -12.40
CA VAL A 351 -10.64 1.14 -12.75
C VAL A 351 -11.46 0.86 -11.49
N ASP A 352 -10.80 0.44 -10.42
CA ASP A 352 -11.46 0.17 -9.16
C ASP A 352 -11.98 1.43 -8.48
N LEU A 353 -11.32 2.59 -8.70
CA LEU A 353 -11.76 3.85 -8.13
C LEU A 353 -13.06 4.36 -8.75
N LEU A 354 -13.20 4.25 -10.09
CA LEU A 354 -14.41 4.66 -10.81
C LEU A 354 -15.60 3.83 -10.32
N THR A 355 -15.39 2.50 -10.23
CA THR A 355 -16.37 1.51 -9.80
C THR A 355 -16.94 1.86 -8.42
N ARG A 356 -16.06 2.22 -7.47
CA ARG A 356 -16.44 2.60 -6.11
C ARG A 356 -17.16 3.95 -6.12
N GLU A 357 -16.68 4.89 -6.95
CA GLU A 357 -17.20 6.25 -7.04
C GLU A 357 -18.60 6.34 -7.62
N ARG A 358 -18.90 5.55 -8.65
CA ARG A 358 -20.22 5.55 -9.28
C ARG A 358 -21.28 5.06 -8.32
N LYS A 359 -21.00 3.96 -7.59
CA LYS A 359 -21.89 3.39 -6.58
C LYS A 359 -22.27 4.45 -5.53
N LEU A 360 -21.29 5.27 -5.16
CA LEU A 360 -21.42 6.36 -4.21
C LEU A 360 -22.29 7.49 -4.76
N ILE A 361 -22.06 7.92 -6.01
CA ILE A 361 -22.79 9.02 -6.62
C ILE A 361 -24.23 8.65 -6.97
N LYS A 362 -24.47 7.43 -7.46
CA LYS A 362 -25.82 6.94 -7.77
C LYS A 362 -26.69 6.99 -6.51
N SER A 363 -26.09 6.65 -5.34
CA SER A 363 -26.74 6.72 -4.04
C SER A 363 -27.19 8.16 -3.76
N VAL A 364 -26.36 9.15 -4.13
CA VAL A 364 -26.66 10.57 -3.97
C VAL A 364 -27.79 11.01 -4.90
N LEU A 365 -27.73 10.62 -6.20
CA LEU A 365 -28.70 11.12 -7.15
C LEU A 365 -30.08 10.45 -7.11
N ASP A 366 -30.36 9.67 -6.07
CA ASP A 366 -31.71 9.14 -5.86
C ASP A 366 -32.60 10.18 -5.12
N LEU A 367 -31.99 11.29 -4.65
CA LEU A 367 -32.67 12.39 -3.99
C LEU A 367 -32.75 13.65 -4.88
N GLY A 368 -32.71 13.45 -6.20
CA GLY A 368 -32.83 14.54 -7.15
C GLY A 368 -31.67 15.51 -7.25
N LEU A 369 -30.44 14.98 -7.34
CA LEU A 369 -29.25 15.82 -7.49
C LEU A 369 -28.54 15.41 -8.78
N THR A 370 -28.05 16.38 -9.57
CA THR A 370 -27.30 16.03 -10.79
C THR A 370 -25.90 15.58 -10.37
N GLY A 371 -25.20 14.86 -11.25
CA GLY A 371 -23.82 14.44 -10.99
C GLY A 371 -22.91 15.62 -10.67
N GLN A 372 -23.16 16.75 -11.34
CA GLN A 372 -22.45 18.01 -11.15
C GLN A 372 -22.73 18.59 -9.76
N GLN A 373 -24.01 18.59 -9.32
CA GLN A 373 -24.42 19.10 -8.02
C GLN A 373 -23.86 18.22 -6.90
N ALA A 374 -23.92 16.89 -7.09
CA ALA A 374 -23.46 15.90 -6.14
C ALA A 374 -21.97 16.05 -5.81
N VAL A 375 -21.09 16.13 -6.84
CA VAL A 375 -19.65 16.27 -6.67
C VAL A 375 -19.33 17.61 -6.01
N ASP A 376 -20.00 18.68 -6.44
CA ASP A 376 -19.84 20.04 -5.92
C ASP A 376 -20.08 20.07 -4.41
N LEU A 377 -21.09 19.33 -3.93
CA LEU A 377 -21.43 19.24 -2.52
C LEU A 377 -20.36 18.46 -1.75
N LEU A 378 -19.87 17.35 -2.33
CA LEU A 378 -18.85 16.50 -1.69
C LEU A 378 -17.51 17.22 -1.48
N GLY A 379 -17.06 17.96 -2.48
CA GLY A 379 -15.78 18.66 -2.38
C GLY A 379 -15.92 20.12 -2.04
N HIS A 380 -17.01 20.51 -1.37
CA HIS A 380 -17.22 21.90 -1.00
C HIS A 380 -16.24 22.33 0.10
N ALA A 381 -15.86 23.61 0.10
CA ALA A 381 -14.91 24.23 1.03
C ALA A 381 -15.27 24.03 2.50
N GLU A 382 -16.54 24.21 2.87
CA GLU A 382 -16.98 24.02 4.25
C GLU A 382 -16.86 22.57 4.73
N VAL A 383 -17.00 21.61 3.78
CA VAL A 383 -16.88 20.18 4.06
C VAL A 383 -15.42 19.80 4.32
N ALA A 384 -14.50 20.21 3.42
CA ALA A 384 -13.07 19.95 3.56
C ALA A 384 -12.49 20.58 4.82
N HIS A 385 -13.03 21.74 5.22
CA HIS A 385 -12.61 22.44 6.43
C HIS A 385 -12.88 21.57 7.66
N ALA A 386 -14.01 20.85 7.67
CA ALA A 386 -14.37 19.95 8.77
C ALA A 386 -13.41 18.78 8.89
N LYS A 387 -12.92 18.24 7.76
CA LYS A 387 -11.97 17.13 7.80
C LYS A 387 -10.67 17.62 8.42
N SER A 388 -10.21 18.82 8.02
CA SER A 388 -9.01 19.43 8.58
C SER A 388 -9.23 19.79 10.06
N GLY A 389 -10.45 20.21 10.40
CA GLY A 389 -10.87 20.54 11.75
C GLY A 389 -10.83 19.34 12.67
N ASP A 390 -11.30 18.17 12.19
CA ASP A 390 -11.27 16.95 13.00
C ASP A 390 -9.92 16.19 12.92
N ASP A 391 -8.97 16.69 12.12
CA ASP A 391 -7.59 16.21 12.10
C ASP A 391 -6.95 16.82 13.38
N GLU A 392 -7.28 18.09 13.71
CA GLU A 392 -6.86 18.77 14.92
C GLU A 392 -7.56 18.08 16.09
N PRO A 393 -6.77 17.51 17.01
CA PRO A 393 -7.36 16.73 18.08
C PRO A 393 -8.22 17.45 19.09
N ARG A 394 -9.18 16.74 19.68
CA ARG A 394 -10.01 17.27 20.74
C ARG A 394 -9.55 16.73 22.08
N ARG A 395 -9.65 17.57 23.10
CA ARG A 395 -9.11 17.27 24.40
C ARG A 395 -10.15 17.09 25.49
N PHE A 396 -9.74 16.49 26.61
CA PHE A 396 -10.58 16.23 27.74
C PHE A 396 -10.02 16.91 28.99
N ASP A 397 -10.91 17.47 29.78
CA ASP A 397 -10.65 18.23 30.99
C ASP A 397 -10.10 17.35 32.12
N TRP A 398 -8.79 17.32 32.24
CA TRP A 398 -8.05 16.52 33.22
C TRP A 398 -8.02 17.11 34.62
N ARG A 399 -8.68 18.23 34.87
CA ARG A 399 -8.61 18.92 36.14
C ARG A 399 -9.30 18.24 37.34
N ASP A 400 -8.83 18.66 38.52
CA ASP A 400 -9.21 18.27 39.87
C ASP A 400 -10.48 18.97 40.36
N ASP A 401 -10.87 20.08 39.71
CA ASP A 401 -12.00 20.96 40.05
C ASP A 401 -13.27 20.23 40.51
N ILE A 402 -13.68 19.19 39.78
CA ILE A 402 -14.87 18.39 40.08
C ILE A 402 -14.64 17.57 41.37
N GLU A 403 -13.43 17.04 41.55
CA GLU A 403 -13.05 16.25 42.71
C GLU A 403 -12.37 17.09 43.81
N GLU A 404 -12.68 18.40 43.84
CA GLU A 404 -12.24 19.40 44.83
C GLU A 404 -10.71 19.49 45.07
N GLY A 405 -9.91 19.26 44.03
CA GLY A 405 -8.45 19.37 44.10
C GLY A 405 -7.72 18.36 44.95
N GLN A 406 -8.38 17.27 45.35
CA GLN A 406 -7.76 16.27 46.21
C GLN A 406 -7.62 14.90 45.55
N VAL A 407 -7.23 14.86 44.26
CA VAL A 407 -7.05 13.59 43.56
C VAL A 407 -5.67 13.47 42.89
N ILE A 408 -5.29 14.44 42.07
CA ILE A 408 -4.04 14.38 41.31
C ILE A 408 -2.84 14.97 42.04
N ILE A 409 -1.73 14.24 41.98
CA ILE A 409 -0.48 14.67 42.58
C ILE A 409 0.40 15.39 41.55
N TRP A 410 0.56 16.72 41.73
CA TRP A 410 1.39 17.54 40.85
C TRP A 410 2.84 17.09 41.02
N LEU A 411 3.37 16.37 40.03
CA LEU A 411 4.74 15.85 40.11
C LEU A 411 5.78 16.94 40.23
N ASN A 412 5.61 18.00 39.46
CA ASN A 412 6.52 19.15 39.43
C ASN A 412 5.76 20.48 39.41
N ASN A 413 6.46 21.56 39.69
CA ASN A 413 5.91 22.91 39.64
C ASN A 413 6.99 23.80 39.06
N LEU A 414 6.64 24.58 38.05
CA LEU A 414 7.58 25.43 37.34
C LEU A 414 7.86 26.73 38.06
N GLU A 415 6.86 27.27 38.76
CA GLU A 415 7.03 28.54 39.45
C GLU A 415 7.44 28.40 40.92
N LYS A 416 7.31 27.19 41.48
CA LYS A 416 7.67 26.97 42.89
C LYS A 416 8.44 25.64 43.08
N ASP A 417 9.60 25.49 42.40
CA ASP A 417 10.41 24.27 42.55
C ASP A 417 11.87 24.52 42.89
N LYS A 418 12.32 25.78 42.81
CA LYS A 418 13.69 26.19 43.10
C LYS A 418 14.75 25.55 42.18
N ARG A 419 14.32 25.01 41.04
CA ARG A 419 15.18 24.40 40.03
C ARG A 419 15.09 25.24 38.76
N TYR A 420 13.86 25.63 38.41
CA TYR A 420 13.52 26.42 37.23
C TYR A 420 13.16 27.87 37.62
N LYS A 421 12.83 28.13 38.91
CA LYS A 421 12.40 29.39 39.50
C LYS A 421 13.06 30.65 38.91
N SER A 422 14.39 30.71 38.86
CA SER A 422 15.08 31.90 38.36
C SER A 422 15.20 31.97 36.84
N PHE A 423 14.87 30.90 36.11
CA PHE A 423 14.95 30.88 34.66
C PHE A 423 13.79 31.60 33.96
N SER A 424 13.77 32.95 34.05
CA SER A 424 12.78 33.87 33.47
C SER A 424 11.34 33.39 33.48
N PRO A 425 10.47 34.04 34.25
CA PRO A 425 9.06 33.63 34.27
C PRO A 425 8.25 34.49 33.29
N SER A 426 8.65 34.52 32.01
CA SER A 426 7.94 35.32 31.02
C SER A 426 7.35 34.49 29.90
N ILE A 427 6.19 34.92 29.41
CA ILE A 427 5.52 34.25 28.31
C ILE A 427 6.30 34.42 27.01
N TRP A 428 6.88 35.61 26.81
CA TRP A 428 7.68 35.90 25.62
C TRP A 428 8.92 35.01 25.47
N VAL A 429 9.31 34.30 26.53
CA VAL A 429 10.39 33.32 26.46
C VAL A 429 9.93 32.16 25.58
N LEU A 430 8.66 31.73 25.72
CA LEU A 430 8.07 30.67 24.92
C LEU A 430 7.90 31.11 23.46
N ILE A 431 7.25 32.26 23.24
CA ILE A 431 6.96 32.78 21.90
C ILE A 431 8.21 33.06 21.06
N HIS A 432 9.28 33.57 21.67
CA HIS A 432 10.52 33.84 20.94
C HIS A 432 11.43 32.61 20.98
N HIS A 433 11.01 31.54 20.30
CA HIS A 433 11.77 30.28 20.31
C HIS A 433 11.85 29.65 18.94
N PHE A 434 12.98 28.99 18.67
CA PHE A 434 13.19 28.25 17.45
C PHE A 434 14.08 27.04 17.75
N GLY A 435 13.76 25.91 17.13
CA GLY A 435 14.52 24.67 17.32
C GLY A 435 13.81 23.61 18.13
N HIS A 436 14.59 22.75 18.80
CA HIS A 436 14.06 21.67 19.64
C HIS A 436 14.45 21.85 21.12
N GLY A 437 14.67 23.10 21.54
CA GLY A 437 15.04 23.43 22.91
C GLY A 437 13.84 23.65 23.80
N LEU A 438 14.06 23.68 25.11
CA LEU A 438 12.97 23.84 26.07
C LEU A 438 12.87 25.26 26.64
N PRO A 439 11.87 26.07 26.25
CA PRO A 439 11.73 27.39 26.86
C PRO A 439 11.09 27.25 28.25
N GLN A 440 11.64 27.91 29.28
CA GLN A 440 11.13 27.75 30.65
C GLN A 440 10.53 29.03 31.28
N ILE A 441 9.72 28.84 32.35
CA ILE A 441 9.07 29.91 33.10
C ILE A 441 9.33 29.77 34.61
N PRO A 486 -8.38 1.04 42.09
CA PRO A 486 -8.16 0.01 41.07
C PRO A 486 -8.02 -1.40 41.66
N THR A 487 -7.17 -1.56 42.69
CA THR A 487 -6.96 -2.82 43.42
C THR A 487 -6.95 -2.54 44.95
N GLY A 488 -7.08 -3.58 45.77
CA GLY A 488 -7.08 -3.43 47.22
C GLY A 488 -5.86 -2.72 47.77
N GLN A 489 -4.66 -3.23 47.43
CA GLN A 489 -3.37 -2.67 47.84
C GLN A 489 -3.27 -1.19 47.45
N ALA A 490 -3.73 -0.86 46.23
CA ALA A 490 -3.71 0.51 45.72
C ALA A 490 -4.59 1.41 46.56
N ILE A 491 -5.79 0.96 46.96
CA ILE A 491 -6.72 1.73 47.79
C ILE A 491 -6.05 2.13 49.12
N ASP A 492 -5.47 1.16 49.82
CA ASP A 492 -4.77 1.38 51.08
C ASP A 492 -3.59 2.35 50.90
N GLN A 493 -2.73 2.08 49.92
CA GLN A 493 -1.57 2.93 49.65
C GLN A 493 -1.93 4.33 49.19
N ALA A 494 -3.13 4.52 48.61
CA ALA A 494 -3.58 5.85 48.22
C ALA A 494 -3.86 6.60 49.52
N LYS A 495 -4.62 5.97 50.47
CA LYS A 495 -4.93 6.55 51.79
C LYS A 495 -3.64 7.03 52.48
N VAL A 496 -2.65 6.13 52.56
CA VAL A 496 -1.35 6.34 53.18
C VAL A 496 -0.65 7.58 52.63
N VAL A 497 -0.39 7.60 51.30
CA VAL A 497 0.30 8.68 50.61
C VAL A 497 -0.47 9.99 50.70
N TYR A 498 -1.80 9.94 50.55
CA TYR A 498 -2.69 11.10 50.62
C TYR A 498 -2.58 11.76 51.99
N TYR A 499 -2.66 10.95 53.06
CA TYR A 499 -2.56 11.42 54.45
C TYR A 499 -1.20 12.09 54.65
N LEU A 500 -0.14 11.35 54.34
CA LEU A 500 1.26 11.75 54.47
C LEU A 500 1.58 13.04 53.73
N LEU A 501 0.87 13.31 52.62
CA LEU A 501 1.08 14.54 51.87
C LEU A 501 0.39 15.70 52.60
N GLU A 502 -0.88 15.50 52.98
CA GLU A 502 -1.73 16.49 53.63
C GLU A 502 -1.12 17.16 54.88
N ASN A 503 -0.61 16.37 55.83
CA ASN A 503 -0.06 16.93 57.06
C ASN A 503 1.45 17.22 56.99
N TYR A 504 2.25 16.20 56.63
CA TYR A 504 3.70 16.27 56.63
C TYR A 504 4.33 16.87 55.36
N GLY A 505 3.85 16.48 54.18
CA GLY A 505 4.38 17.01 52.93
C GLY A 505 4.84 16.00 51.89
N LEU A 506 5.07 16.50 50.66
CA LEU A 506 5.48 15.74 49.47
C LEU A 506 6.71 14.86 49.68
N ALA A 507 7.80 15.41 50.24
CA ALA A 507 9.04 14.68 50.48
C ALA A 507 8.85 13.47 51.39
N ALA A 508 7.99 13.60 52.40
CA ALA A 508 7.69 12.51 53.35
C ALA A 508 6.92 11.40 52.64
N ALA A 509 5.95 11.77 51.79
CA ALA A 509 5.17 10.83 51.00
C ALA A 509 6.07 10.10 50.00
N THR A 510 6.95 10.87 49.34
CA THR A 510 7.98 10.42 48.42
C THR A 510 8.85 9.38 49.13
N ALA A 511 9.25 9.69 50.37
CA ALA A 511 10.06 8.82 51.22
C ALA A 511 9.38 7.48 51.43
N TYR A 512 8.06 7.45 51.74
CA TYR A 512 7.35 6.17 51.92
C TYR A 512 7.41 5.36 50.63
N LEU A 513 7.12 6.00 49.50
CA LEU A 513 7.16 5.33 48.20
C LEU A 513 8.53 4.73 47.90
N GLU A 514 9.60 5.51 48.06
CA GLU A 514 10.96 5.03 47.79
C GLU A 514 11.37 3.87 48.69
N LYS A 515 11.14 4.00 49.99
CA LYS A 515 11.46 2.96 50.97
C LYS A 515 10.67 1.69 50.65
N SER A 516 9.37 1.82 50.36
CA SER A 516 8.50 0.70 50.02
C SER A 516 9.01 -0.04 48.80
N TYR A 517 9.44 0.70 47.76
CA TYR A 517 9.97 0.07 46.55
C TYR A 517 11.18 -0.81 46.84
N GLU A 518 12.23 -0.27 47.48
CA GLU A 518 13.42 -1.07 47.74
C GLU A 518 13.20 -2.13 48.83
N GLU A 519 12.75 -1.71 50.02
CA GLU A 519 12.61 -2.58 51.17
C GLU A 519 11.51 -3.65 51.12
N GLN A 520 10.27 -3.28 50.79
CA GLN A 520 9.17 -4.27 50.78
C GLN A 520 8.92 -4.88 49.40
N SER A 521 9.15 -4.09 48.35
CA SER A 521 9.00 -4.43 46.93
C SER A 521 7.60 -4.88 46.50
N THR A 522 6.53 -4.38 47.16
CA THR A 522 5.13 -4.71 46.82
C THR A 522 4.17 -3.54 47.18
N GLY A 523 3.03 -3.48 46.51
CA GLY A 523 2.02 -2.46 46.73
C GLY A 523 1.29 -2.58 48.06
N GLN A 524 1.25 -3.79 48.64
CA GLN A 524 0.59 -4.07 49.93
C GLN A 524 1.03 -3.11 51.03
N PRO A 525 0.08 -2.54 51.80
CA PRO A 525 0.46 -1.57 52.83
C PRO A 525 1.30 -2.17 53.95
N ASN A 526 2.46 -1.57 54.24
CA ASN A 526 3.34 -2.09 55.28
C ASN A 526 3.56 -1.06 56.37
N GLU A 527 3.02 -1.30 57.56
CA GLU A 527 3.16 -0.43 58.72
C GLU A 527 4.54 -0.54 59.33
N ARG A 528 5.20 -1.71 59.22
CA ARG A 528 6.58 -1.86 59.67
C ARG A 528 7.48 -0.89 58.87
N ILE A 529 7.16 -0.68 57.57
CA ILE A 529 7.87 0.25 56.72
C ILE A 529 7.30 1.69 56.87
N PHE A 530 5.98 1.81 57.11
CA PHE A 530 5.27 3.07 57.26
C PHE A 530 5.66 3.83 58.53
N ASN A 531 5.67 3.15 59.68
CA ASN A 531 6.02 3.74 60.98
C ASN A 531 7.42 4.33 60.99
N GLU A 532 8.37 3.68 60.30
CA GLU A 532 9.76 4.14 60.16
C GLU A 532 9.78 5.51 59.44
N VAL A 533 8.92 5.68 58.42
CA VAL A 533 8.79 6.92 57.67
C VAL A 533 8.26 8.04 58.56
N ILE A 534 7.23 7.79 59.39
CA ILE A 534 6.74 8.82 60.31
C ILE A 534 7.85 9.18 61.33
N LYS A 535 8.61 8.18 61.78
CA LYS A 535 9.71 8.40 62.71
C LYS A 535 10.87 9.24 62.13
N ASP A 536 11.24 9.04 60.85
CA ASP A 536 12.36 9.76 60.26
C ASP A 536 11.94 11.05 59.52
N LYS A 537 10.85 11.00 58.76
CA LYS A 537 10.35 12.13 58.01
C LYS A 537 9.13 12.79 58.67
N SER A 538 9.23 13.04 59.97
CA SER A 538 8.18 13.70 60.73
C SER A 538 8.36 15.23 60.74
N LEU A 539 8.97 15.78 59.67
CA LEU A 539 9.27 17.21 59.52
C LEU A 539 8.07 18.12 59.72
N ARG A 540 7.95 18.69 60.94
CA ARG A 540 6.92 19.63 61.39
C ARG A 540 5.59 19.56 60.63
N PRO A 541 4.75 18.56 60.91
CA PRO A 541 3.47 18.47 60.19
C PRO A 541 2.51 19.59 60.57
N ASP A 542 2.55 20.67 59.78
CA ASP A 542 1.76 21.89 60.02
C ASP A 542 0.32 21.78 59.47
N GLY A 543 -0.44 22.87 59.58
CA GLY A 543 -1.82 22.92 59.13
C GLY A 543 -2.70 22.02 59.97
N VAL A 544 -3.52 21.18 59.31
CA VAL A 544 -4.38 20.22 60.00
C VAL A 544 -3.49 19.20 60.72
N GLU A 545 -3.84 18.87 61.96
CA GLU A 545 -3.06 17.95 62.79
C GLU A 545 -3.00 16.52 62.24
N LEU A 546 -1.98 15.79 62.66
CA LEU A 546 -1.78 14.39 62.32
C LEU A 546 -2.90 13.52 62.89
N SER A 547 -3.24 12.45 62.17
CA SER A 547 -4.27 11.50 62.56
C SER A 547 -3.70 10.15 63.06
N PHE A 548 -2.36 10.00 63.06
CA PHE A 548 -1.63 8.83 63.53
C PHE A 548 -1.75 7.56 62.64
N LYS A 549 -0.94 6.55 63.00
CA LYS A 549 -0.69 5.20 62.47
C LYS A 549 -1.78 4.52 61.62
N ASP A 550 -3.06 4.50 62.04
CA ASP A 550 -4.09 3.78 61.31
C ASP A 550 -5.12 4.64 60.60
N ILE A 551 -5.44 4.28 59.34
CA ILE A 551 -6.41 5.05 58.57
C ILE A 551 -7.67 4.27 58.21
N PHE A 552 -8.79 4.90 58.57
CA PHE A 552 -10.18 4.54 58.31
C PHE A 552 -11.04 5.81 58.37
N ILE A 553 -10.45 7.00 58.04
CA ILE A 553 -11.15 8.28 58.12
C ILE A 553 -12.39 8.29 57.28
N SER A 554 -13.54 8.62 57.88
CA SER A 554 -14.82 8.67 57.17
C SER A 554 -14.74 9.58 55.94
N GLU A 555 -13.96 10.66 56.03
CA GLU A 555 -13.78 11.58 54.93
C GLU A 555 -12.55 11.24 54.10
N LYS A 556 -11.42 10.98 54.75
CA LYS A 556 -10.18 10.68 54.03
C LYS A 556 -10.27 9.39 53.22
N HIS A 557 -10.76 8.31 53.84
CA HIS A 557 -10.93 7.06 53.10
C HIS A 557 -12.09 7.18 52.13
N GLU A 558 -13.25 7.73 52.58
CA GLU A 558 -14.39 7.76 51.68
C GLU A 558 -14.23 8.79 50.59
N LYS A 559 -14.27 10.10 50.92
CA LYS A 559 -14.16 11.16 49.92
C LYS A 559 -12.92 11.03 49.03
N GLN A 560 -11.69 11.08 49.56
CA GLN A 560 -10.50 11.01 48.72
C GLN A 560 -10.44 9.80 47.78
N ILE A 561 -10.59 8.57 48.30
CA ILE A 561 -10.54 7.38 47.46
C ILE A 561 -11.66 7.30 46.43
N HIS A 562 -12.91 7.58 46.85
CA HIS A 562 -14.03 7.51 45.92
C HIS A 562 -13.99 8.67 44.91
N LEU A 563 -13.43 9.83 45.28
CA LEU A 563 -13.24 10.96 44.35
C LEU A 563 -12.18 10.56 43.30
N SER A 564 -11.11 9.85 43.72
CA SER A 564 -10.07 9.38 42.80
C SER A 564 -10.68 8.41 41.78
N LYS A 565 -11.50 7.47 42.25
CA LYS A 565 -12.20 6.50 41.40
C LYS A 565 -13.11 7.22 40.39
N HIS A 566 -13.75 8.32 40.83
CA HIS A 566 -14.61 9.17 40.00
C HIS A 566 -13.82 9.87 38.90
N TRP A 567 -12.53 10.16 39.13
CA TRP A 567 -11.67 10.78 38.13
C TRP A 567 -11.29 9.76 37.05
N VAL A 568 -10.85 8.54 37.46
CA VAL A 568 -10.46 7.47 36.55
C VAL A 568 -11.63 7.04 35.67
N GLU A 569 -12.81 6.87 36.29
CA GLU A 569 -14.04 6.47 35.60
C GLU A 569 -14.47 7.54 34.59
N ARG A 570 -14.43 8.81 35.00
CA ARG A 570 -14.84 9.96 34.20
C ARG A 570 -14.11 10.07 32.87
N LEU A 571 -12.82 9.78 32.88
CA LEU A 571 -12.01 9.87 31.67
C LEU A 571 -11.60 8.49 31.12
N ARG A 572 -12.19 7.39 31.63
CA ARG A 572 -11.90 6.01 31.26
C ARG A 572 -10.39 5.76 31.19
N ALA A 573 -9.70 6.11 32.28
CA ALA A 573 -8.25 6.03 32.36
C ALA A 573 -7.70 4.72 32.95
N GLY A 574 -8.52 3.69 33.00
CA GLY A 574 -8.08 2.40 33.54
C GLY A 574 -8.40 1.23 32.64
N GLY A 575 -8.30 0.02 33.19
CA GLY A 575 -8.58 -1.21 32.46
C GLY A 575 -7.36 -2.01 32.08
N ASP A 576 -7.50 -2.83 31.04
CA ASP A 576 -6.42 -3.66 30.50
C ASP A 576 -5.30 -2.73 30.00
N VAL A 577 -5.69 -1.67 29.27
CA VAL A 577 -4.74 -0.67 28.79
C VAL A 577 -5.11 0.70 29.36
N PRO A 578 -4.33 1.19 30.33
CA PRO A 578 -4.62 2.52 30.91
C PRO A 578 -4.36 3.68 29.94
N THR A 579 -4.82 4.89 30.28
CA THR A 579 -4.71 6.05 29.41
C THR A 579 -3.98 7.23 30.07
N VAL A 580 -2.91 7.72 29.42
CA VAL A 580 -2.12 8.87 29.86
C VAL A 580 -2.71 10.14 29.23
N PHE A 581 -2.75 11.27 29.97
CA PHE A 581 -3.29 12.51 29.42
C PHE A 581 -2.24 13.61 29.41
N PHE A 582 -1.82 14.01 28.20
CA PHE A 582 -0.85 15.08 28.01
C PHE A 582 -1.63 16.26 27.45
N ASP A 583 -1.76 17.36 28.22
CA ASP A 583 -2.51 18.55 27.84
C ASP A 583 -3.96 18.23 27.44
N GLY A 584 -4.56 17.27 28.14
CA GLY A 584 -5.92 16.83 27.85
C GLY A 584 -6.05 15.91 26.66
N PHE A 585 -4.95 15.41 26.14
CA PHE A 585 -4.96 14.52 24.99
C PHE A 585 -4.68 13.09 25.42
N PRO A 586 -5.63 12.18 25.20
CA PRO A 586 -5.41 10.79 25.59
C PRO A 586 -4.38 10.06 24.74
N ILE A 587 -3.42 9.41 25.41
CA ILE A 587 -2.39 8.59 24.81
C ILE A 587 -2.36 7.32 25.63
N PRO A 588 -2.81 6.19 25.07
CA PRO A 588 -2.83 4.94 25.85
C PRO A 588 -1.42 4.50 26.26
N ARG A 589 -1.29 3.92 27.46
CA ARG A 589 0.00 3.44 27.98
C ARG A 589 0.43 2.17 27.25
N GLU A 590 1.00 2.33 26.05
CA GLU A 590 1.46 1.22 25.22
C GLU A 590 2.70 1.61 24.46
N ASP A 591 3.59 0.63 24.27
CA ASP A 591 4.84 0.67 23.51
C ASP A 591 5.62 2.02 23.64
N ASN A 592 5.60 2.91 22.61
CA ASN A 592 6.34 4.17 22.67
C ASN A 592 5.39 5.36 22.78
N TRP A 593 4.70 5.47 23.91
CA TRP A 593 3.77 6.58 24.13
C TRP A 593 4.50 7.91 24.24
N LEU A 594 5.74 7.91 24.73
CA LEU A 594 6.56 9.12 24.85
C LEU A 594 6.85 9.71 23.48
N ARG A 595 7.01 8.85 22.45
CA ARG A 595 7.24 9.27 21.07
C ARG A 595 6.01 10.09 20.60
N VAL A 596 4.80 9.60 20.93
CA VAL A 596 3.54 10.25 20.62
C VAL A 596 3.41 11.57 21.40
N MET A 597 3.81 11.54 22.68
CA MET A 597 3.77 12.69 23.57
C MET A 597 4.65 13.82 23.02
N ASN A 598 5.87 13.49 22.61
CA ASN A 598 6.85 14.44 22.05
C ASN A 598 6.28 15.13 20.81
N HIS A 599 5.56 14.37 19.97
CA HIS A 599 4.93 14.88 18.75
C HIS A 599 3.91 15.96 19.10
N ARG A 600 3.05 15.70 20.09
CA ARG A 600 2.05 16.67 20.52
C ARG A 600 2.67 17.83 21.29
N LEU A 601 3.79 17.59 22.00
CA LEU A 601 4.51 18.61 22.76
C LEU A 601 5.01 19.70 21.81
N MET A 602 5.58 19.31 20.67
CA MET A 602 6.05 20.26 19.67
C MET A 602 4.88 20.92 18.96
N GLN A 603 3.83 20.15 18.64
CA GLN A 603 2.63 20.65 17.97
C GLN A 603 1.83 21.65 18.82
N ASP A 604 1.89 21.50 20.15
CA ASP A 604 1.24 22.40 21.09
C ASP A 604 2.02 23.71 21.19
N LEU A 605 3.35 23.61 21.20
CA LEU A 605 4.27 24.74 21.29
C LEU A 605 4.06 25.69 20.11
N GLN A 606 4.03 25.14 18.89
CA GLN A 606 3.81 25.94 17.69
C GLN A 606 2.40 26.56 17.67
N ALA A 607 1.43 25.89 18.31
CA ALA A 607 0.06 26.39 18.42
C ALA A 607 0.00 27.59 19.36
N LEU A 608 0.85 27.62 20.41
CA LEU A 608 0.88 28.73 21.35
C LEU A 608 1.52 29.95 20.70
N GLN A 609 2.66 29.75 20.03
CA GLN A 609 3.44 30.79 19.36
C GLN A 609 2.59 31.65 18.42
N GLN A 610 1.81 31.02 17.52
CA GLN A 610 0.99 31.75 16.56
C GLN A 610 -0.08 32.61 17.23
N ALA A 611 -0.62 32.17 18.37
CA ALA A 611 -1.61 32.97 19.10
C ALA A 611 -0.93 34.19 19.74
N GLY A 612 0.29 34.02 20.22
CA GLY A 612 1.08 35.07 20.83
C GLY A 612 1.45 36.17 19.86
N TYR A 613 1.86 35.81 18.62
CA TYR A 613 2.21 36.80 17.60
C TYR A 613 0.99 37.64 17.18
N PHE A 614 -0.22 37.06 17.30
CA PHE A 614 -1.46 37.77 16.99
C PHE A 614 -2.09 38.48 18.20
N GLY A 615 -1.41 38.41 19.35
CA GLY A 615 -1.85 39.05 20.58
C GLY A 615 -3.05 38.42 21.25
N MET A 616 -3.35 37.16 20.90
CA MET A 616 -4.49 36.45 21.49
C MET A 616 -4.27 36.21 22.99
N LEU A 617 -3.01 35.94 23.37
CA LEU A 617 -2.61 35.66 24.75
C LEU A 617 -2.35 36.94 25.56
N ASN A 618 -2.38 36.85 26.89
CA ASN A 618 -2.07 37.98 27.77
C ASN A 618 -1.11 37.55 28.90
N GLU A 619 -0.43 38.52 29.54
CA GLU A 619 0.60 38.29 30.57
C GLU A 619 0.16 37.48 31.80
N SER A 620 -1.07 37.68 32.29
CA SER A 620 -1.54 36.92 33.44
C SER A 620 -2.40 35.78 32.93
N MET A 621 -1.77 34.67 32.57
CA MET A 621 -2.50 33.54 32.01
C MET A 621 -1.93 32.19 32.40
N TRP A 622 -2.82 31.23 32.56
CA TRP A 622 -2.46 29.86 32.84
C TRP A 622 -2.42 29.22 31.47
N LEU A 623 -1.23 28.74 31.07
CA LEU A 623 -1.04 28.15 29.75
C LEU A 623 -1.90 26.89 29.47
N PRO A 624 -2.07 25.91 30.40
CA PRO A 624 -2.89 24.73 30.06
C PRO A 624 -4.34 25.01 29.71
N GLY A 625 -4.88 26.13 30.20
CA GLY A 625 -6.26 26.54 29.96
C GLY A 625 -6.58 27.01 28.57
N PHE A 626 -5.56 27.21 27.74
CA PHE A 626 -5.78 27.59 26.34
C PHE A 626 -6.30 26.39 25.54
N PHE A 627 -5.89 25.18 25.93
CA PHE A 627 -6.27 23.91 25.35
C PHE A 627 -7.62 23.41 25.90
N LEU A 628 -7.92 23.76 27.16
CA LEU A 628 -9.13 23.37 27.88
C LEU A 628 -10.39 24.18 27.50
N GLU A 629 -10.25 25.17 26.60
CA GLU A 629 -11.33 26.04 26.15
C GLU A 629 -12.52 25.23 25.61
N LYS A 630 -12.26 24.24 24.74
CA LYS A 630 -13.32 23.41 24.16
C LYS A 630 -13.36 21.98 24.72
N ALA A 631 -12.57 21.68 25.77
CA ALA A 631 -12.52 20.35 26.36
C ALA A 631 -13.82 19.91 27.02
N LEU A 632 -14.13 18.62 26.90
CA LEU A 632 -15.31 18.01 27.49
C LEU A 632 -14.95 17.41 28.85
N SER A 633 -15.86 17.50 29.82
CA SER A 633 -15.61 16.95 31.15
C SER A 633 -15.56 15.42 31.13
N ARG A 634 -16.51 14.78 30.44
CA ARG A 634 -16.58 13.32 30.40
C ARG A 634 -16.07 12.72 29.08
N ARG A 635 -15.33 11.60 29.17
CA ARG A 635 -14.77 10.93 28.00
C ARG A 635 -15.40 9.58 27.73
N ASN A 636 -16.07 9.45 26.58
CA ASN A 636 -16.69 8.20 26.14
C ASN A 636 -15.80 7.54 25.10
N THR A 637 -15.34 6.32 25.40
CA THR A 637 -14.48 5.53 24.51
C THR A 637 -15.22 5.08 23.24
N LEU A 638 -16.56 5.03 23.28
CA LEU A 638 -17.34 4.67 22.12
C LEU A 638 -17.35 5.82 21.13
N ILE A 639 -17.72 7.03 21.58
CA ILE A 639 -17.76 8.19 20.69
C ILE A 639 -16.37 8.59 20.26
N PHE A 640 -15.43 8.57 21.20
CA PHE A 640 -14.07 8.98 20.95
C PHE A 640 -13.16 7.81 21.20
N PRO A 641 -13.09 6.89 20.23
CA PRO A 641 -12.20 5.74 20.41
C PRO A 641 -10.76 6.15 20.28
N GLU A 642 -9.88 5.52 21.07
CA GLU A 642 -8.45 5.82 20.99
C GLU A 642 -7.84 5.31 19.67
N ASP A 643 -8.47 4.30 19.05
CA ASP A 643 -8.07 3.82 17.75
C ASP A 643 -8.85 4.75 16.86
N LYS A 644 -8.18 5.74 16.28
CA LYS A 644 -8.81 6.76 15.45
C LYS A 644 -9.42 6.24 14.15
N ASN A 645 -9.01 5.06 13.70
CA ASN A 645 -9.53 4.45 12.48
C ASN A 645 -10.96 3.95 12.65
N GLU A 646 -11.25 3.40 13.84
CA GLU A 646 -12.52 2.85 14.26
C GLU A 646 -13.66 3.83 14.01
N LEU A 647 -14.37 3.65 12.91
CA LEU A 647 -15.50 4.49 12.57
C LEU A 647 -16.34 3.73 11.56
N THR A 648 -17.65 3.68 11.80
CA THR A 648 -18.54 2.95 10.92
C THR A 648 -19.79 3.76 10.65
N VAL A 649 -20.13 3.92 9.36
CA VAL A 649 -21.29 4.67 8.90
C VAL A 649 -22.07 3.81 7.89
N LEU A 650 -23.40 3.86 7.92
CA LEU A 650 -24.26 3.11 7.01
C LEU A 650 -25.00 4.05 6.06
N ASN A 651 -25.39 3.57 4.87
CA ASN A 651 -26.16 4.41 3.96
C ASN A 651 -27.61 4.39 4.44
N VAL A 652 -28.09 5.55 4.90
CA VAL A 652 -29.44 5.72 5.43
C VAL A 652 -30.51 5.50 4.37
N ASN A 653 -30.33 6.08 3.16
CA ASN A 653 -31.29 5.94 2.07
C ASN A 653 -31.54 4.46 1.75
N LYS A 654 -30.44 3.69 1.70
CA LYS A 654 -30.46 2.26 1.45
C LYS A 654 -31.30 1.54 2.50
N ILE A 655 -31.06 1.85 3.77
CA ILE A 655 -31.76 1.25 4.91
C ILE A 655 -33.28 1.41 4.85
N TYR A 656 -33.79 2.53 4.33
CA TYR A 656 -35.22 2.75 4.28
C TYR A 656 -35.89 2.26 2.98
N ILE A 657 -35.10 1.77 1.99
CA ILE A 657 -35.72 1.20 0.79
C ILE A 657 -35.58 -0.34 0.80
N GLU A 658 -34.46 -0.85 1.35
CA GLU A 658 -34.16 -2.28 1.46
C GLU A 658 -35.10 -2.93 2.48
N ASN A 659 -35.31 -2.25 3.61
CA ASN A 659 -36.11 -2.78 4.71
C ASN A 659 -37.39 -1.97 4.96
N HIS A 660 -38.06 -1.52 3.90
CA HIS A 660 -39.29 -0.73 4.02
C HIS A 660 -40.36 -1.47 4.81
N ASP A 661 -40.41 -2.80 4.69
CA ASP A 661 -41.35 -3.65 5.43
C ASP A 661 -41.09 -3.50 6.94
N LEU A 662 -39.82 -3.47 7.34
CA LEU A 662 -39.42 -3.32 8.74
C LEU A 662 -39.59 -1.88 9.25
N MET A 663 -38.97 -0.89 8.57
CA MET A 663 -38.92 0.51 8.99
C MET A 663 -40.24 1.27 8.92
N SER A 664 -41.26 0.73 8.26
CA SER A 664 -42.59 1.34 8.26
C SER A 664 -43.48 0.79 9.40
N LYS A 665 -42.97 -0.20 10.18
CA LYS A 665 -43.67 -0.84 11.29
C LYS A 665 -42.89 -0.74 12.62
N VAL A 666 -41.78 0.03 12.69
CA VAL A 666 -41.01 0.22 13.93
C VAL A 666 -41.62 1.39 14.71
N PRO A 667 -41.54 1.42 16.07
CA PRO A 667 -42.06 2.59 16.79
C PRO A 667 -41.22 3.80 16.45
N VAL A 668 -41.86 4.85 15.89
CA VAL A 668 -41.14 6.06 15.49
C VAL A 668 -41.68 7.29 16.19
N ILE A 669 -40.80 8.08 16.82
CA ILE A 669 -41.18 9.35 17.39
C ILE A 669 -40.72 10.36 16.37
N GLU A 670 -41.68 10.97 15.67
CA GLU A 670 -41.34 11.98 14.66
C GLU A 670 -40.79 13.19 15.38
N ALA A 671 -39.80 13.82 14.76
CA ALA A 671 -39.24 15.05 15.28
C ALA A 671 -40.26 16.14 15.07
N SER A 672 -40.38 17.08 16.01
CA SER A 672 -41.35 18.15 15.91
C SER A 672 -41.20 18.96 14.61
N LYS A 673 -42.30 19.16 13.87
CA LYS A 673 -42.25 19.93 12.62
C LYS A 673 -41.96 21.41 12.87
N GLU A 674 -42.41 21.93 14.02
CA GLU A 674 -42.24 23.31 14.44
C GLU A 674 -40.91 23.50 15.18
N SER A 675 -39.84 23.04 14.53
CA SER A 675 -38.45 23.11 14.97
C SER A 675 -37.59 23.45 13.74
N THR A 676 -36.36 23.90 13.97
CA THR A 676 -35.53 24.37 12.88
C THR A 676 -34.59 23.32 12.29
N ARG A 677 -34.25 23.53 11.01
CA ARG A 677 -33.36 22.73 10.19
C ARG A 677 -32.04 22.47 10.92
N ASP A 678 -31.52 23.48 11.62
CA ASP A 678 -30.28 23.34 12.39
C ASP A 678 -30.47 22.33 13.54
N ASP A 679 -31.64 22.33 14.17
CA ASP A 679 -31.99 21.40 15.25
C ASP A 679 -32.14 19.96 14.76
N TRP A 680 -32.61 19.77 13.52
CA TRP A 680 -32.88 18.45 12.93
C TRP A 680 -31.71 17.44 12.98
N ALA A 681 -32.05 16.19 13.34
CA ALA A 681 -31.16 15.03 13.45
C ALA A 681 -32.01 13.74 13.50
N ALA A 682 -31.46 12.61 13.01
CA ALA A 682 -32.18 11.33 12.99
C ALA A 682 -31.47 10.24 13.78
N LEU A 683 -32.12 9.73 14.84
CA LEU A 683 -31.57 8.71 15.71
C LEU A 683 -32.35 7.40 15.67
N THR A 684 -31.62 6.28 15.69
CA THR A 684 -32.16 4.93 15.70
C THR A 684 -31.43 4.16 16.80
N VAL A 685 -32.19 3.54 17.71
CA VAL A 685 -31.60 2.74 18.78
C VAL A 685 -31.93 1.26 18.54
N VAL A 686 -30.91 0.41 18.40
CA VAL A 686 -31.07 -1.03 18.19
C VAL A 686 -30.76 -1.69 19.54
N ALA A 687 -31.75 -2.34 20.19
CA ALA A 687 -31.52 -2.92 21.52
C ALA A 687 -32.32 -4.17 21.83
N ASP A 688 -31.77 -5.01 22.72
CA ASP A 688 -32.42 -6.22 23.18
C ASP A 688 -33.34 -5.87 24.33
N LEU A 689 -34.64 -5.75 24.07
CA LEU A 689 -35.60 -5.40 25.11
C LEU A 689 -35.91 -6.55 26.08
N ASP A 690 -35.34 -7.75 25.86
CA ASP A 690 -35.48 -8.87 26.79
C ASP A 690 -34.35 -8.89 27.86
N ASP A 691 -33.53 -7.81 27.90
CA ASP A 691 -32.44 -7.65 28.84
C ASP A 691 -32.57 -6.25 29.49
N ILE A 692 -32.14 -6.14 30.75
CA ILE A 692 -32.21 -4.89 31.50
C ILE A 692 -31.43 -3.77 30.80
N GLU A 693 -30.24 -4.09 30.26
CA GLU A 693 -29.36 -3.16 29.57
C GLU A 693 -30.00 -2.62 28.29
N GLY A 694 -30.68 -3.48 27.57
CA GLY A 694 -31.36 -3.09 26.34
C GLY A 694 -32.50 -2.12 26.58
N GLN A 695 -33.30 -2.34 27.63
CA GLN A 695 -34.42 -1.44 27.93
C GLN A 695 -34.00 -0.20 28.73
N GLU A 696 -32.87 -0.27 29.46
CA GLU A 696 -32.33 0.87 30.18
C GLU A 696 -31.88 1.91 29.15
N LEU A 697 -31.15 1.46 28.12
CA LEU A 697 -30.63 2.25 27.01
C LEU A 697 -31.75 3.02 26.29
N VAL A 698 -32.91 2.38 26.09
CA VAL A 698 -34.05 3.01 25.41
C VAL A 698 -34.68 4.10 26.27
N TYR A 699 -34.71 3.91 27.61
CA TYR A 699 -35.27 4.93 28.50
C TYR A 699 -34.45 6.22 28.41
N TYR A 700 -33.12 6.09 28.35
CA TYR A 700 -32.18 7.21 28.21
C TYR A 700 -32.39 7.94 26.89
N ALA A 701 -32.66 7.19 25.81
CA ALA A 701 -32.89 7.73 24.47
C ALA A 701 -34.21 8.50 24.44
N LEU A 702 -35.24 7.99 25.15
CA LEU A 702 -36.54 8.64 25.27
C LEU A 702 -36.42 9.92 26.08
N ARG A 703 -35.60 9.89 27.16
CA ARG A 703 -35.33 11.04 28.02
C ARG A 703 -34.66 12.14 27.20
N PHE A 704 -33.66 11.75 26.41
CA PHE A 704 -32.92 12.65 25.54
C PHE A 704 -33.84 13.31 24.50
N ARG A 705 -34.84 12.57 24.01
CA ARG A 705 -35.80 13.07 23.03
C ARG A 705 -36.71 14.17 23.61
N LYS A 706 -37.10 14.06 24.89
CA LYS A 706 -37.94 15.07 25.54
C LYS A 706 -37.25 16.45 25.52
N SER A 707 -35.95 16.46 25.81
CA SER A 707 -35.13 17.66 25.86
C SER A 707 -34.89 18.24 24.46
N ASN A 708 -34.63 17.37 23.48
CA ASN A 708 -34.32 17.81 22.12
C ASN A 708 -35.50 17.55 21.16
N ASP A 709 -36.28 18.61 20.86
CA ASP A 709 -37.46 18.57 19.99
C ASP A 709 -37.17 18.25 18.52
N GLY A 710 -35.94 18.49 18.09
CA GLY A 710 -35.53 18.29 16.71
C GLY A 710 -35.19 16.88 16.30
N VAL A 711 -34.89 15.99 17.25
CA VAL A 711 -34.52 14.59 16.96
C VAL A 711 -35.73 13.74 16.55
N ARG A 712 -35.53 12.79 15.62
CA ARG A 712 -36.54 11.85 15.17
C ARG A 712 -36.04 10.46 15.59
N LEU A 713 -36.73 9.81 16.53
CA LEU A 713 -36.31 8.53 17.10
C LEU A 713 -36.99 7.28 16.52
N ASP A 714 -36.23 6.17 16.41
CA ASP A 714 -36.67 4.83 15.97
C ASP A 714 -36.19 3.83 17.03
N ILE A 715 -36.98 2.76 17.33
CA ILE A 715 -36.55 1.82 18.38
C ILE A 715 -36.24 0.38 17.87
N VAL A 716 -37.00 -0.17 16.91
CA VAL A 716 -36.84 -1.48 16.26
C VAL A 716 -37.03 -2.71 17.27
N HIS A 717 -35.97 -3.24 17.96
CA HIS A 717 -35.89 -4.37 18.92
C HIS A 717 -35.12 -5.56 18.34
N ASN A 718 -33.93 -5.80 18.87
CA ASN A 718 -33.05 -6.87 18.46
C ASN A 718 -32.81 -7.85 19.63
N PRO A 719 -33.60 -8.94 19.70
CA PRO A 719 -33.43 -9.89 20.81
C PRO A 719 -32.42 -11.02 20.58
N LYS A 720 -31.73 -11.42 21.66
CA LYS A 720 -30.70 -12.48 21.64
C LYS A 720 -31.34 -13.84 21.47
N ASP A 721 -32.46 -14.08 22.16
CA ASP A 721 -33.14 -15.35 22.11
C ASP A 721 -33.86 -15.58 20.78
N THR A 722 -33.53 -16.69 20.11
CA THR A 722 -34.12 -17.06 18.82
C THR A 722 -35.32 -18.02 19.03
N SER A 723 -36.17 -18.16 17.99
CA SER A 723 -37.40 -18.96 17.98
C SER A 723 -38.60 -18.22 18.59
N ARG A 724 -38.35 -17.10 19.31
CA ARG A 724 -39.38 -16.24 19.88
C ARG A 724 -39.50 -15.07 18.90
N SER A 725 -40.73 -14.72 18.49
CA SER A 725 -40.92 -13.66 17.50
C SER A 725 -40.60 -12.25 17.98
N PRO A 726 -39.70 -11.56 17.27
CA PRO A 726 -39.37 -10.18 17.64
C PRO A 726 -40.52 -9.19 17.36
N SER A 727 -41.44 -9.54 16.46
CA SER A 727 -42.56 -8.67 16.10
C SER A 727 -43.51 -8.35 17.26
N VAL A 728 -43.66 -9.27 18.23
CA VAL A 728 -44.57 -9.06 19.36
C VAL A 728 -44.21 -7.80 20.19
N LEU A 729 -42.95 -7.68 20.67
CA LEU A 729 -42.53 -6.53 21.48
C LEU A 729 -42.51 -5.22 20.70
N ALA A 730 -42.30 -5.29 19.38
CA ALA A 730 -42.35 -4.11 18.51
C ALA A 730 -43.81 -3.65 18.40
N GLN A 731 -44.75 -4.62 18.27
CA GLN A 731 -46.18 -4.36 18.19
C GLN A 731 -46.71 -3.79 19.52
N ARG A 732 -46.11 -4.17 20.66
CA ARG A 732 -46.47 -3.67 21.98
C ARG A 732 -46.21 -2.17 22.08
N LEU A 733 -45.07 -1.72 21.51
CA LEU A 733 -44.64 -0.32 21.55
C LEU A 733 -45.29 0.57 20.52
N LYS A 734 -45.52 0.07 19.30
CA LYS A 734 -46.17 0.89 18.26
C LYS A 734 -47.61 1.27 18.61
N SER A 735 -48.25 0.47 19.48
CA SER A 735 -49.58 0.77 20.00
C SER A 735 -49.48 1.95 20.97
N ARG A 736 -48.40 1.97 21.78
CA ARG A 736 -48.11 3.02 22.76
C ARG A 736 -47.30 4.19 22.16
N GLU A 737 -47.00 4.15 20.85
CA GLU A 737 -46.19 5.09 20.09
C GLU A 737 -46.61 6.54 20.29
N ASP A 738 -47.91 6.79 20.31
CA ASP A 738 -48.47 8.13 20.51
C ASP A 738 -48.13 8.63 21.92
N LYS A 739 -48.21 7.73 22.90
CA LYS A 739 -47.96 7.99 24.31
C LYS A 739 -46.48 7.91 24.72
N LEU A 740 -45.57 7.61 23.77
CA LEU A 740 -44.14 7.53 24.06
C LEU A 740 -43.63 8.85 24.62
N LEU A 741 -42.63 8.76 25.49
CA LEU A 741 -41.97 9.82 26.27
C LEU A 741 -42.96 10.59 27.15
N ASP A 742 -43.92 9.89 27.69
CA ASP A 742 -44.82 10.39 28.73
C ASP A 742 -44.67 9.47 29.98
N PHE A 743 -43.49 8.82 30.10
CA PHE A 743 -43.11 7.88 31.12
C PHE A 743 -42.44 8.66 32.22
N THR A 744 -43.22 9.04 33.23
CA THR A 744 -42.76 9.76 34.42
C THR A 744 -41.64 8.95 35.11
N ARG A 745 -41.80 7.63 35.15
CA ARG A 745 -40.80 6.73 35.72
C ARG A 745 -40.47 5.57 34.78
N PHE A 746 -39.33 4.90 35.03
CA PHE A 746 -38.83 3.80 34.23
C PHE A 746 -39.79 2.62 34.15
N LEU A 747 -40.47 2.28 35.26
CA LEU A 747 -41.43 1.16 35.30
C LEU A 747 -42.57 1.32 34.29
N ASP A 748 -42.93 2.57 33.93
CA ASP A 748 -43.98 2.79 32.94
C ASP A 748 -43.59 2.19 31.58
N LEU A 749 -42.30 2.23 31.23
CA LEU A 749 -41.77 1.64 30.00
C LEU A 749 -41.70 0.12 30.14
N GLU A 750 -41.25 -0.37 31.31
CA GLU A 750 -41.16 -1.79 31.65
C GLU A 750 -42.53 -2.45 31.50
N THR A 751 -43.57 -1.83 32.09
CA THR A 751 -44.94 -2.32 32.08
C THR A 751 -45.54 -2.30 30.69
N ALA A 752 -45.24 -1.26 29.88
CA ALA A 752 -45.74 -1.16 28.51
C ALA A 752 -45.26 -2.32 27.65
N LEU A 753 -44.05 -2.84 27.93
CA LEU A 753 -43.46 -3.97 27.22
C LEU A 753 -44.20 -5.27 27.51
N GLU A 754 -44.67 -5.44 28.75
CA GLU A 754 -45.32 -6.66 29.22
C GLU A 754 -46.80 -6.80 28.83
N THR A 755 -47.55 -5.69 28.78
CA THR A 755 -48.99 -5.70 28.51
C THR A 755 -49.40 -5.68 27.04
N GLY A 756 -50.42 -6.48 26.74
CA GLY A 756 -50.99 -6.60 25.40
C GLY A 756 -50.81 -7.99 24.81
N GLU A 757 -51.78 -8.44 24.00
CA GLU A 757 -51.67 -9.73 23.35
C GLU A 757 -51.54 -9.52 21.86
N PHE A 758 -50.45 -10.03 21.25
CA PHE A 758 -50.22 -9.80 19.84
C PHE A 758 -49.90 -11.05 19.01
N GLU A 759 -50.24 -10.94 17.73
CA GLU A 759 -50.10 -11.92 16.66
C GLU A 759 -48.79 -11.64 15.94
N PRO A 760 -47.86 -12.60 15.90
CA PRO A 760 -46.57 -12.34 15.24
C PRO A 760 -46.63 -12.06 13.75
N ASP A 761 -46.16 -10.87 13.33
CA ASP A 761 -46.07 -10.53 11.92
C ASP A 761 -44.76 -11.16 11.48
N VAL A 762 -44.83 -12.36 10.89
CA VAL A 762 -43.63 -13.07 10.46
C VAL A 762 -42.98 -12.41 9.22
N ALA A 763 -43.72 -11.53 8.51
CA ALA A 763 -43.15 -10.75 7.40
C ALA A 763 -42.16 -9.72 7.97
N TYR A 764 -42.49 -9.13 9.14
CA TYR A 764 -41.66 -8.17 9.86
C TYR A 764 -40.35 -8.84 10.29
N ASP A 765 -40.46 -10.06 10.88
CA ASP A 765 -39.34 -10.86 11.38
C ASP A 765 -38.30 -11.10 10.30
N ALA A 766 -38.75 -11.39 9.07
CA ALA A 766 -37.89 -11.64 7.91
C ALA A 766 -37.09 -10.41 7.52
N SER A 767 -37.74 -9.23 7.41
CA SER A 767 -37.06 -7.99 7.07
C SER A 767 -36.10 -7.54 8.20
N LEU A 768 -36.42 -7.91 9.45
CA LEU A 768 -35.59 -7.58 10.61
C LEU A 768 -34.25 -8.31 10.54
N ALA A 769 -34.26 -9.64 10.35
CA ALA A 769 -33.03 -10.44 10.26
C ALA A 769 -32.20 -10.14 9.00
N ASN A 770 -32.83 -9.56 7.96
CA ASN A 770 -32.13 -9.15 6.74
C ASN A 770 -31.33 -7.87 7.01
N PHE A 771 -31.93 -6.94 7.78
CA PHE A 771 -31.34 -5.66 8.17
C PHE A 771 -30.05 -5.88 8.95
N LEU A 772 -30.07 -6.76 9.97
CA LEU A 772 -28.90 -7.07 10.80
C LEU A 772 -27.81 -7.71 9.97
N ALA A 773 -28.18 -8.56 9.01
CA ALA A 773 -27.23 -9.23 8.14
C ALA A 773 -26.56 -8.21 7.21
N SER A 774 -27.34 -7.27 6.66
CA SER A 774 -26.83 -6.22 5.79
C SER A 774 -25.92 -5.28 6.57
N SER A 775 -26.33 -4.93 7.80
CA SER A 775 -25.59 -4.02 8.67
C SER A 775 -24.52 -4.70 9.53
N ASN A 776 -24.29 -6.01 9.36
CA ASN A 776 -23.32 -6.81 10.11
C ASN A 776 -23.47 -6.67 11.63
N MET A 777 -24.67 -6.96 12.14
CA MET A 777 -24.98 -6.89 13.55
C MET A 777 -25.42 -8.24 14.07
N LYS A 778 -24.93 -8.61 15.25
CA LYS A 778 -25.24 -9.87 15.90
C LYS A 778 -26.57 -9.74 16.70
N ALA A 779 -27.15 -10.88 17.13
CA ALA A 779 -28.37 -10.90 17.90
C ALA A 779 -28.08 -10.61 19.37
N GLY A 780 -28.99 -9.86 20.00
CA GLY A 780 -28.87 -9.46 21.39
C GLY A 780 -27.82 -8.42 21.68
N ASP A 781 -27.35 -7.73 20.63
CA ASP A 781 -26.32 -6.70 20.76
C ASP A 781 -26.94 -5.31 20.63
N ASN A 782 -26.55 -4.40 21.52
CA ASN A 782 -27.09 -3.04 21.54
C ASN A 782 -26.24 -2.10 20.68
N PHE A 783 -26.89 -1.27 19.85
CA PHE A 783 -26.24 -0.30 18.97
C PHE A 783 -27.01 1.03 18.96
N VAL A 784 -26.32 2.13 18.67
CA VAL A 784 -26.91 3.46 18.59
C VAL A 784 -26.48 4.10 17.26
N ILE A 785 -27.46 4.57 16.46
CA ILE A 785 -27.21 5.14 15.14
C ILE A 785 -27.76 6.56 14.99
N LEU A 786 -26.89 7.56 14.96
CA LEU A 786 -27.31 8.94 14.74
C LEU A 786 -26.76 9.34 13.39
N ASN A 787 -27.66 9.66 12.46
CA ASN A 787 -27.34 10.10 11.10
C ASN A 787 -26.39 9.15 10.36
N GLY A 788 -26.65 7.85 10.48
CA GLY A 788 -25.85 6.83 9.81
C GLY A 788 -24.67 6.29 10.58
N ARG A 789 -24.12 7.05 11.54
CA ARG A 789 -22.96 6.59 12.32
C ARG A 789 -23.35 5.65 13.44
N VAL A 790 -22.74 4.46 13.46
CA VAL A 790 -23.07 3.47 14.47
C VAL A 790 -21.99 3.31 15.53
N LEU A 791 -22.43 3.22 16.79
CA LEU A 791 -21.61 3.00 17.97
C LEU A 791 -22.09 1.72 18.61
N GLY A 792 -21.15 0.84 18.94
CA GLY A 792 -21.50 -0.42 19.57
C GLY A 792 -20.57 -1.57 19.24
N PRO A 793 -20.83 -2.77 19.79
CA PRO A 793 -21.93 -3.14 20.69
C PRO A 793 -21.82 -2.57 22.11
N ILE A 794 -22.95 -2.15 22.69
CA ILE A 794 -23.03 -1.61 24.04
C ILE A 794 -23.18 -2.79 25.00
N THR A 795 -22.10 -3.10 25.75
CA THR A 795 -22.11 -4.22 26.69
C THR A 795 -22.95 -3.88 27.92
N SER A 796 -22.83 -2.65 28.43
CA SER A 796 -23.59 -2.21 29.60
C SER A 796 -24.22 -0.85 29.32
N ALA A 797 -25.51 -0.68 29.67
CA ALA A 797 -26.25 0.57 29.43
C ALA A 797 -25.76 1.76 30.26
N ASP A 798 -24.97 1.49 31.30
CA ASP A 798 -24.36 2.55 32.11
C ASP A 798 -23.28 3.29 31.28
N ASP A 799 -22.71 2.63 30.25
CA ASP A 799 -21.71 3.21 29.36
C ASP A 799 -22.36 4.31 28.49
N PHE A 800 -23.64 4.14 28.08
CA PHE A 800 -24.33 5.14 27.29
C PHE A 800 -25.55 5.71 28.02
N LYS A 801 -25.40 6.87 28.65
CA LYS A 801 -26.48 7.54 29.38
C LYS A 801 -27.04 8.75 28.59
N LYS A 802 -28.07 9.44 29.14
CA LYS A 802 -28.71 10.62 28.53
C LYS A 802 -27.66 11.69 28.15
N GLU A 803 -26.69 11.91 29.05
CA GLU A 803 -25.59 12.86 28.85
C GLU A 803 -24.66 12.42 27.71
N ASP A 804 -24.52 11.11 27.50
CA ASP A 804 -23.70 10.56 26.44
C ASP A 804 -24.34 10.74 25.07
N PHE A 805 -25.68 10.75 24.99
CA PHE A 805 -26.39 11.00 23.74
C PHE A 805 -26.22 12.47 23.34
N GLU A 806 -26.27 13.39 24.32
CA GLU A 806 -26.15 14.82 24.12
C GLU A 806 -24.79 15.23 23.54
N VAL A 807 -23.70 14.62 24.03
CA VAL A 807 -22.37 14.90 23.52
C VAL A 807 -22.20 14.22 22.15
N PHE A 808 -22.75 13.01 21.98
CA PHE A 808 -22.71 12.29 20.70
C PHE A 808 -23.37 13.10 19.61
N LEU A 809 -24.49 13.76 19.91
CA LEU A 809 -25.17 14.62 18.96
C LEU A 809 -24.36 15.89 18.74
N GLN A 810 -23.82 16.48 19.82
CA GLN A 810 -23.02 17.70 19.76
C GLN A 810 -21.80 17.58 18.85
N ALA A 811 -21.02 16.51 19.03
CA ALA A 811 -19.80 16.25 18.28
C ALA A 811 -20.12 15.87 16.82
N GLU A 812 -21.04 14.91 16.62
CA GLU A 812 -21.47 14.44 15.30
C GLU A 812 -22.03 15.60 14.49
N ARG A 813 -22.84 16.44 15.15
CA ARG A 813 -23.48 17.62 14.59
C ARG A 813 -22.42 18.54 14.00
N ARG A 814 -21.41 18.86 14.81
CA ARG A 814 -20.31 19.73 14.43
C ARG A 814 -19.61 19.27 13.14
N THR A 815 -19.00 18.07 13.19
CA THR A 815 -18.23 17.49 12.10
C THR A 815 -19.00 17.23 10.82
N ARG A 816 -20.15 16.55 10.90
CA ARG A 816 -20.83 16.12 9.70
C ARG A 816 -22.03 16.96 9.35
N ILE A 817 -22.88 17.27 10.32
CA ILE A 817 -24.11 18.00 10.00
C ILE A 817 -23.88 19.47 9.65
N LEU A 818 -23.13 20.22 10.47
CA LEU A 818 -22.93 21.63 10.18
C LEU A 818 -22.24 21.89 8.84
N PRO A 819 -21.13 21.19 8.49
CA PRO A 819 -20.53 21.42 7.18
C PRO A 819 -21.45 21.06 6.02
N VAL A 820 -22.30 20.02 6.16
CA VAL A 820 -23.24 19.70 5.07
C VAL A 820 -24.25 20.83 4.92
N TYR A 821 -24.84 21.30 6.02
CA TYR A 821 -25.83 22.38 5.97
C TYR A 821 -25.35 23.66 5.29
N LYS A 822 -24.17 24.19 5.69
CA LYS A 822 -23.62 25.40 5.08
C LYS A 822 -23.40 25.23 3.59
N ALA A 823 -22.56 24.25 3.21
CA ALA A 823 -22.20 23.92 1.84
C ALA A 823 -23.44 23.73 0.96
N LEU A 824 -24.43 22.96 1.44
CA LEU A 824 -25.69 22.67 0.77
C LEU A 824 -26.42 23.99 0.45
N GLU A 825 -26.53 24.89 1.45
CA GLU A 825 -27.17 26.20 1.33
C GLU A 825 -26.43 27.12 0.35
N ASP A 826 -25.08 27.09 0.36
CA ASP A 826 -24.25 27.90 -0.53
C ASP A 826 -24.54 27.60 -2.00
N LEU A 827 -24.81 26.32 -2.31
CA LEU A 827 -25.18 25.83 -3.63
C LEU A 827 -26.67 26.08 -3.97
N GLY A 828 -27.48 26.37 -2.95
CA GLY A 828 -28.91 26.61 -3.12
C GLY A 828 -29.70 25.33 -3.28
N LEU A 829 -29.24 24.26 -2.62
CA LEU A 829 -29.94 22.97 -2.63
C LEU A 829 -30.75 22.76 -1.31
N ASP A 830 -30.79 23.78 -0.41
CA ASP A 830 -31.45 23.73 0.89
C ASP A 830 -32.99 23.63 0.82
N ASP A 831 -33.55 23.47 -0.38
CA ASP A 831 -34.97 23.22 -0.55
C ASP A 831 -35.25 21.71 -0.51
N LYS A 832 -34.24 20.87 -0.85
CA LYS A 832 -34.31 19.42 -0.84
C LYS A 832 -34.39 18.80 0.55
N VAL A 833 -34.10 19.57 1.61
CA VAL A 833 -34.19 19.06 2.98
C VAL A 833 -35.60 19.31 3.53
N SER A 834 -36.39 18.23 3.64
CA SER A 834 -37.78 18.31 4.10
C SER A 834 -38.03 17.75 5.51
N GLY A 835 -36.98 17.32 6.20
CA GLY A 835 -37.11 16.76 7.53
C GLY A 835 -35.83 16.12 8.05
N PRO A 836 -35.91 15.54 9.26
CA PRO A 836 -34.74 14.89 9.85
C PRO A 836 -34.25 13.68 9.08
N LEU A 837 -35.20 12.88 8.55
CA LEU A 837 -34.86 11.70 7.76
C LEU A 837 -34.29 12.12 6.41
N SER A 838 -34.86 13.18 5.82
CA SER A 838 -34.42 13.73 4.54
C SER A 838 -32.97 14.23 4.64
N ALA A 839 -32.64 14.90 5.76
CA ALA A 839 -31.31 15.44 6.01
C ALA A 839 -30.24 14.36 6.22
N ALA A 840 -30.59 13.30 6.96
CA ALA A 840 -29.71 12.19 7.28
C ALA A 840 -29.16 11.49 6.04
N LYS A 841 -29.97 11.43 4.97
CA LYS A 841 -29.56 10.81 3.72
C LYS A 841 -28.33 11.51 3.14
N LEU A 842 -28.35 12.86 3.13
CA LEU A 842 -27.23 13.66 2.62
C LEU A 842 -25.99 13.58 3.51
N THR A 843 -26.14 13.86 4.82
CA THR A 843 -25.02 13.83 5.78
C THR A 843 -24.36 12.45 5.87
N SER A 844 -25.17 11.37 5.81
CA SER A 844 -24.67 9.99 5.84
C SER A 844 -23.89 9.62 4.59
N VAL A 845 -24.32 10.14 3.44
CA VAL A 845 -23.64 9.87 2.17
C VAL A 845 -22.27 10.56 2.11
N THR A 846 -22.19 11.84 2.50
CA THR A 846 -20.93 12.59 2.46
C THR A 846 -19.88 12.05 3.44
N ALA A 847 -20.32 11.41 4.53
CA ALA A 847 -19.40 10.81 5.50
C ALA A 847 -18.81 9.52 4.91
N LEU A 848 -19.61 8.75 4.15
CA LEU A 848 -19.20 7.52 3.49
C LEU A 848 -18.20 7.79 2.35
N SER A 849 -18.22 9.00 1.78
CA SER A 849 -17.34 9.41 0.69
C SER A 849 -15.87 9.38 1.07
N THR A 850 -15.55 9.66 2.34
CA THR A 850 -14.16 9.69 2.79
C THR A 850 -13.64 8.38 3.39
N ILE A 851 -14.51 7.39 3.59
CA ILE A 851 -14.09 6.11 4.17
C ILE A 851 -14.37 4.97 3.22
N THR A 867 -11.89 18.12 -2.25
CA THR A 867 -11.70 19.58 -2.30
C THR A 867 -11.96 20.14 -3.69
N THR A 868 -12.49 21.37 -3.76
CA THR A 868 -12.74 22.05 -5.03
C THR A 868 -12.06 23.41 -5.06
N LEU A 869 -10.84 23.49 -4.49
CA LEU A 869 -9.99 24.68 -4.40
C LEU A 869 -9.48 25.20 -5.77
N PHE A 870 -9.61 24.39 -6.81
CA PHE A 870 -9.23 24.73 -8.19
C PHE A 870 -10.36 25.42 -8.96
N LYS A 871 -11.57 25.50 -8.38
CA LYS A 871 -12.69 26.16 -9.02
C LYS A 871 -12.58 27.70 -8.96
N GLN A 872 -11.67 28.23 -8.12
CA GLN A 872 -11.36 29.65 -7.99
C GLN A 872 -10.65 30.14 -9.28
N TRP A 873 -9.84 29.27 -9.90
CA TRP A 873 -9.07 29.52 -11.10
C TRP A 873 -9.89 29.87 -12.34
N ASN A 874 -9.43 30.87 -13.12
CA ASN A 874 -10.05 31.21 -14.39
C ASN A 874 -9.68 30.08 -15.37
N SER A 875 -10.57 29.78 -16.32
CA SER A 875 -10.34 28.68 -17.25
C SER A 875 -10.28 29.02 -18.74
N THR A 876 -10.77 30.19 -19.14
CA THR A 876 -10.88 30.62 -20.53
C THR A 876 -9.67 30.32 -21.46
N TYR A 877 -8.45 30.72 -21.08
CA TYR A 877 -7.29 30.57 -21.98
C TYR A 877 -6.33 29.39 -21.70
N THR A 878 -6.48 28.66 -20.59
CA THR A 878 -5.57 27.51 -20.32
C THR A 878 -6.29 26.16 -20.22
N SER A 879 -7.62 26.17 -20.23
CA SER A 879 -8.37 24.95 -20.05
C SER A 879 -9.23 24.54 -21.24
N PHE A 880 -9.44 23.23 -21.35
CA PHE A 880 -10.30 22.65 -22.35
C PHE A 880 -11.01 21.43 -21.75
N GLU A 881 -12.25 21.21 -22.18
CA GLU A 881 -13.04 20.10 -21.65
C GLU A 881 -13.42 19.05 -22.69
N VAL A 882 -13.53 17.80 -22.25
CA VAL A 882 -13.94 16.68 -23.10
C VAL A 882 -14.96 15.83 -22.32
N GLY A 883 -16.08 15.52 -22.96
CA GLY A 883 -17.17 14.78 -22.35
C GLY A 883 -18.28 15.72 -21.90
N ASP A 884 -19.53 15.23 -21.79
CA ASP A 884 -20.64 16.09 -21.37
C ASP A 884 -20.70 16.24 -19.86
N ALA A 885 -20.55 17.48 -19.38
CA ALA A 885 -20.59 17.80 -17.95
C ALA A 885 -21.96 17.51 -17.35
N SER A 886 -23.02 17.76 -18.11
CA SER A 886 -24.40 17.53 -17.67
C SER A 886 -24.69 16.07 -17.33
N THR A 887 -24.17 15.12 -18.14
CA THR A 887 -24.42 13.70 -17.91
C THR A 887 -23.33 13.01 -17.10
N ALA A 888 -22.09 13.50 -17.16
CA ALA A 888 -20.96 12.87 -16.49
C ALA A 888 -21.13 12.67 -14.99
N THR A 889 -20.70 11.50 -14.55
CA THR A 889 -20.66 11.10 -13.15
C THR A 889 -19.22 11.27 -12.63
N ILE A 890 -18.23 11.07 -13.50
CA ILE A 890 -16.83 11.20 -13.16
C ILE A 890 -16.27 12.53 -13.68
N PHE A 891 -15.60 13.27 -12.82
CA PHE A 891 -15.02 14.55 -13.17
C PHE A 891 -13.53 14.51 -12.87
N PHE A 892 -12.74 14.64 -13.93
CA PHE A 892 -11.29 14.63 -13.83
C PHE A 892 -10.75 16.02 -14.05
N VAL A 893 -9.81 16.44 -13.21
CA VAL A 893 -9.16 17.74 -13.32
C VAL A 893 -7.66 17.52 -13.33
N ALA A 894 -7.05 17.70 -14.50
CA ALA A 894 -5.63 17.51 -14.68
C ALA A 894 -4.92 18.84 -14.81
N VAL A 895 -3.79 18.99 -14.12
CA VAL A 895 -2.96 20.19 -14.20
C VAL A 895 -1.61 19.65 -14.64
N ILE A 896 -1.35 19.71 -15.95
CA ILE A 896 -0.15 19.15 -16.56
C ILE A 896 0.80 20.23 -17.11
N ASN A 897 2.09 20.03 -16.90
CA ASN A 897 3.17 20.89 -17.41
C ASN A 897 3.66 20.21 -18.70
N PRO A 898 3.49 20.87 -19.86
CA PRO A 898 3.92 20.25 -21.13
C PRO A 898 5.40 19.84 -21.21
N ALA A 899 6.29 20.54 -20.51
CA ALA A 899 7.73 20.26 -20.51
C ALA A 899 8.15 19.09 -19.60
N SER A 900 7.22 18.49 -18.85
CA SER A 900 7.54 17.40 -17.93
C SER A 900 7.50 16.02 -18.58
N GLU A 901 8.33 15.09 -18.07
CA GLU A 901 8.37 13.69 -18.51
C GLU A 901 7.21 12.89 -17.87
N ILE A 902 6.80 13.29 -16.64
CA ILE A 902 5.68 12.69 -15.92
C ILE A 902 4.37 12.96 -16.68
N GLY A 903 4.26 14.14 -17.30
CA GLY A 903 3.11 14.54 -18.10
C GLY A 903 2.87 13.62 -19.28
N GLN A 904 3.95 13.06 -19.86
CA GLN A 904 3.89 12.14 -21.00
C GLN A 904 2.99 10.94 -20.69
N ARG A 905 3.17 10.34 -19.51
CA ARG A 905 2.38 9.20 -19.06
C ARG A 905 0.94 9.61 -18.79
N TRP A 906 0.77 10.69 -18.04
CA TRP A 906 -0.54 11.23 -17.65
C TRP A 906 -1.47 11.48 -18.82
N VAL A 907 -1.01 12.19 -19.86
CA VAL A 907 -1.82 12.50 -21.04
C VAL A 907 -2.32 11.23 -21.73
N ALA A 908 -1.40 10.27 -21.96
CA ALA A 908 -1.69 9.00 -22.63
C ALA A 908 -2.77 8.18 -21.91
N VAL A 909 -2.68 8.09 -20.57
CA VAL A 909 -3.65 7.36 -19.76
C VAL A 909 -5.00 8.09 -19.75
N LEU A 910 -4.98 9.42 -19.49
CA LEU A 910 -6.18 10.26 -19.44
C LEU A 910 -6.99 10.29 -20.72
N LYS A 911 -6.34 10.17 -21.88
CA LYS A 911 -7.03 10.15 -23.17
C LYS A 911 -7.91 8.90 -23.28
N VAL A 912 -7.39 7.75 -22.82
CA VAL A 912 -8.11 6.48 -22.83
C VAL A 912 -9.27 6.49 -21.82
N LEU A 913 -9.09 7.11 -20.65
CA LEU A 913 -10.16 7.22 -19.67
C LEU A 913 -11.23 8.24 -20.09
N SER A 914 -10.85 9.23 -20.91
CA SER A 914 -11.76 10.24 -21.46
C SER A 914 -12.74 9.62 -22.47
N GLU A 915 -12.30 8.55 -23.16
CA GLU A 915 -13.10 7.83 -24.15
C GLU A 915 -14.30 7.09 -23.52
N LEU A 916 -14.29 6.87 -22.19
CA LEU A 916 -15.38 6.23 -21.46
C LEU A 916 -16.59 7.15 -21.41
N GLU A 917 -17.80 6.55 -21.50
CA GLU A 917 -19.06 7.29 -21.45
C GLU A 917 -19.45 7.60 -20.01
N GLY A 918 -19.81 8.84 -19.75
CA GLY A 918 -20.18 9.30 -18.41
C GLY A 918 -19.01 9.90 -17.65
N VAL A 919 -17.91 10.23 -18.36
CA VAL A 919 -16.70 10.81 -17.78
C VAL A 919 -16.44 12.17 -18.42
N HIS A 920 -16.12 13.17 -17.60
CA HIS A 920 -15.79 14.52 -18.01
C HIS A 920 -14.36 14.82 -17.59
N LEU A 921 -13.60 15.46 -18.48
CA LEU A 921 -12.20 15.82 -18.21
C LEU A 921 -11.98 17.30 -18.56
N ARG A 922 -11.20 18.01 -17.73
CA ARG A 922 -10.87 19.43 -17.86
C ARG A 922 -9.36 19.55 -17.61
N VAL A 923 -8.60 20.15 -18.54
CA VAL A 923 -7.15 20.20 -18.42
C VAL A 923 -6.57 21.61 -18.29
N PHE A 924 -5.55 21.78 -17.44
CA PHE A 924 -4.85 23.04 -17.21
C PHE A 924 -3.38 22.83 -17.54
N LEU A 925 -2.79 23.75 -18.31
CA LEU A 925 -1.40 23.64 -18.67
C LEU A 925 -0.59 24.66 -17.91
N ASN A 926 0.41 24.21 -17.13
CA ASN A 926 1.21 25.17 -16.37
C ASN A 926 2.72 24.90 -16.49
N PRO A 927 3.38 25.56 -17.44
CA PRO A 927 4.82 25.38 -17.63
C PRO A 927 5.67 26.22 -16.67
N THR A 928 6.99 25.98 -16.64
CA THR A 928 7.93 26.73 -15.82
C THR A 928 8.88 27.55 -16.67
N VAL A 929 9.36 28.66 -16.10
CA VAL A 929 10.38 29.49 -16.75
C VAL A 929 11.81 29.01 -16.33
N MET A 930 11.91 28.14 -15.30
CA MET A 930 13.16 27.61 -14.81
C MET A 930 13.50 26.31 -15.51
N ILE A 931 14.30 26.39 -16.57
CA ILE A 931 14.75 25.21 -17.31
C ILE A 931 16.27 25.30 -17.49
N GLU A 932 17.03 24.75 -16.54
CA GLU A 932 18.49 24.79 -16.61
C GLU A 932 19.07 23.75 -17.57
N GLU A 933 18.42 22.59 -17.66
CA GLU A 933 18.82 21.52 -18.57
C GLU A 933 17.62 21.13 -19.47
N LEU A 934 17.83 20.29 -20.50
CA LEU A 934 16.78 19.83 -21.41
C LEU A 934 15.56 19.26 -20.63
N PRO A 935 14.34 19.74 -20.93
CA PRO A 935 13.18 19.33 -20.12
C PRO A 935 12.73 17.87 -20.27
N VAL A 936 12.51 17.41 -21.51
CA VAL A 936 12.13 16.02 -21.73
C VAL A 936 13.23 15.37 -22.59
N LYS A 937 13.79 14.27 -22.10
CA LYS A 937 14.90 13.60 -22.79
C LYS A 937 14.52 12.20 -23.26
N ARG A 938 13.23 11.97 -23.58
CA ARG A 938 12.77 10.66 -24.03
C ARG A 938 11.48 10.73 -24.86
N PHE A 939 11.20 9.67 -25.62
CA PHE A 939 9.96 9.50 -26.37
C PHE A 939 9.10 8.53 -25.54
N TYR A 940 7.77 8.68 -25.57
CA TYR A 940 6.92 7.84 -24.74
C TYR A 940 5.65 7.36 -25.40
N ARG A 941 5.31 6.08 -25.19
CA ARG A 941 4.07 5.46 -25.68
C ARG A 941 3.44 4.61 -24.60
N TYR A 942 2.12 4.69 -24.47
CA TYR A 942 1.40 3.92 -23.48
C TYR A 942 0.54 2.85 -24.15
N VAL A 943 0.70 1.59 -23.73
CA VAL A 943 -0.07 0.49 -24.30
C VAL A 943 -1.34 0.31 -23.51
N LEU A 944 -2.46 0.81 -24.05
CA LEU A 944 -3.76 0.76 -23.39
C LEU A 944 -4.88 1.06 -24.40
N SER A 945 -5.99 0.33 -24.32
CA SER A 945 -7.16 0.54 -25.18
C SER A 945 -8.42 0.66 -24.32
N SER A 946 -9.36 1.53 -24.71
CA SER A 946 -10.60 1.76 -23.98
C SER A 946 -11.67 0.68 -24.19
N SER A 947 -11.52 -0.12 -25.24
CA SER A 947 -12.43 -1.21 -25.62
C SER A 947 -11.64 -2.27 -26.41
N PRO A 948 -11.97 -3.56 -26.30
CA PRO A 948 -11.17 -4.60 -26.99
C PRO A 948 -11.09 -4.46 -28.50
N SER A 949 -9.98 -4.91 -29.08
CA SER A 949 -9.73 -4.87 -30.52
C SER A 949 -9.79 -6.29 -31.09
N PHE A 950 -10.39 -6.44 -32.27
CA PHE A 950 -10.55 -7.76 -32.87
C PHE A 950 -9.88 -7.90 -34.23
N ASP A 951 -9.49 -9.13 -34.52
CA ASP A 951 -8.78 -9.55 -35.70
C ASP A 951 -9.66 -9.60 -36.94
N GLU A 952 -9.02 -9.76 -38.10
CA GLU A 952 -9.70 -9.99 -39.37
C GLU A 952 -10.43 -11.35 -39.29
N SER A 953 -9.83 -12.34 -38.56
CA SER A 953 -10.39 -13.65 -38.27
C SER A 953 -11.29 -13.66 -36.98
N GLY A 954 -11.43 -12.51 -36.32
CA GLY A 954 -12.26 -12.35 -35.13
C GLY A 954 -11.60 -12.62 -33.80
N LYS A 955 -10.32 -12.98 -33.80
CA LYS A 955 -9.56 -13.25 -32.59
C LYS A 955 -9.21 -11.94 -31.86
N VAL A 956 -8.85 -12.00 -30.57
CA VAL A 956 -8.47 -10.79 -29.83
C VAL A 956 -7.10 -10.29 -30.28
N LYS A 957 -7.01 -9.01 -30.69
CA LYS A 957 -5.77 -8.42 -31.18
C LYS A 957 -4.75 -8.20 -30.09
N ALA A 958 -3.47 -8.41 -30.43
CA ALA A 958 -2.37 -8.17 -29.50
C ALA A 958 -2.18 -6.66 -29.37
N LEU A 959 -1.78 -6.19 -28.19
CA LEU A 959 -1.61 -4.75 -27.95
C LEU A 959 -0.12 -4.40 -27.86
N SER A 960 0.32 -3.37 -28.61
CA SER A 960 1.72 -3.00 -28.70
C SER A 960 2.00 -1.49 -28.71
N ALA A 961 3.26 -1.09 -28.44
CA ALA A 961 3.71 0.30 -28.48
C ALA A 961 4.46 0.51 -29.78
N ARG A 962 3.86 1.25 -30.70
CA ARG A 962 4.45 1.50 -32.01
C ARG A 962 4.87 2.95 -32.13
N PHE A 963 6.17 3.18 -32.34
CA PHE A 963 6.75 4.51 -32.51
C PHE A 963 6.98 4.70 -33.99
N THR A 964 6.37 5.72 -34.62
CA THR A 964 6.53 5.93 -36.05
C THR A 964 7.36 7.16 -36.44
N GLY A 965 7.61 8.07 -35.50
CA GLY A 965 8.41 9.26 -35.80
C GLY A 965 9.81 9.17 -35.23
N VAL A 966 10.49 8.04 -35.48
CA VAL A 966 11.83 7.79 -34.94
C VAL A 966 12.96 8.40 -35.77
N PRO A 967 13.74 9.31 -35.18
CA PRO A 967 14.89 9.86 -35.91
C PRO A 967 15.95 8.78 -36.20
N ARG A 968 16.54 8.84 -37.38
CA ARG A 968 17.49 7.84 -37.87
C ARG A 968 18.87 7.90 -37.23
N GLU A 969 19.35 9.10 -36.87
CA GLU A 969 20.71 9.25 -36.34
C GLU A 969 20.83 9.35 -34.80
N THR A 970 19.71 9.41 -34.06
CA THR A 970 19.78 9.49 -32.59
C THR A 970 19.98 8.12 -31.91
N LEU A 971 20.93 8.04 -30.96
CA LEU A 971 21.15 6.80 -30.22
C LEU A 971 20.10 6.74 -29.10
N LEU A 972 19.32 5.63 -29.04
CA LEU A 972 18.23 5.47 -28.06
C LEU A 972 18.35 4.23 -27.19
N VAL A 973 17.64 4.24 -26.04
CA VAL A 973 17.59 3.14 -25.08
C VAL A 973 16.12 2.77 -24.86
N VAL A 974 15.76 1.48 -24.95
CA VAL A 974 14.38 1.05 -24.71
C VAL A 974 14.17 0.72 -23.24
N GLY A 975 13.17 1.36 -22.64
CA GLY A 975 12.84 1.15 -21.23
C GLY A 975 11.37 0.86 -21.04
N MET A 976 11.06 0.12 -19.97
CA MET A 976 9.70 -0.26 -19.65
C MET A 976 9.21 0.44 -18.38
N ASP A 977 8.09 1.16 -18.48
CA ASP A 977 7.43 1.90 -17.40
C ASP A 977 6.22 1.04 -16.98
N VAL A 978 6.51 -0.04 -16.27
CA VAL A 978 5.62 -1.11 -15.85
C VAL A 978 5.05 -0.95 -14.42
N PRO A 979 3.77 -1.35 -14.17
CA PRO A 979 3.20 -1.22 -12.81
C PRO A 979 4.06 -1.86 -11.71
N PRO A 980 4.08 -1.24 -10.52
CA PRO A 980 4.97 -1.70 -9.44
C PRO A 980 5.03 -3.18 -9.08
N ALA A 981 3.93 -3.95 -9.21
CA ALA A 981 3.98 -5.38 -8.86
C ALA A 981 4.62 -6.28 -9.94
N TRP A 982 4.95 -5.71 -11.11
CA TRP A 982 5.46 -6.49 -12.23
C TRP A 982 6.97 -6.57 -12.34
N LEU A 983 7.46 -7.74 -12.76
CA LEU A 983 8.88 -7.96 -13.03
C LEU A 983 8.99 -8.33 -14.51
N VAL A 984 9.71 -7.52 -15.29
CA VAL A 984 9.76 -7.69 -16.75
C VAL A 984 11.18 -7.77 -17.30
N THR A 985 11.41 -8.65 -18.30
CA THR A 985 12.68 -8.84 -19.00
C THR A 985 12.44 -9.02 -20.50
N SER A 986 13.45 -8.70 -21.32
CA SER A 986 13.34 -8.88 -22.77
C SER A 986 13.42 -10.37 -23.11
N LYS A 987 12.58 -10.82 -24.05
CA LYS A 987 12.56 -12.21 -24.47
C LYS A 987 12.95 -12.35 -25.94
N VAL A 988 12.39 -11.50 -26.83
CA VAL A 988 12.67 -11.54 -28.26
C VAL A 988 13.17 -10.17 -28.73
N ALA A 989 14.39 -10.13 -29.28
CA ALA A 989 15.03 -8.93 -29.85
C ALA A 989 16.32 -9.37 -30.50
N VAL A 990 16.58 -8.88 -31.71
CA VAL A 990 17.82 -9.22 -32.41
C VAL A 990 18.85 -8.06 -32.33
N ASP A 991 18.38 -6.84 -32.07
CA ASP A 991 19.27 -5.69 -31.93
C ASP A 991 19.55 -5.34 -30.45
N ASP A 992 20.45 -4.38 -30.23
CA ASP A 992 20.80 -3.94 -28.89
C ASP A 992 19.80 -2.90 -28.46
N LEU A 993 18.96 -3.24 -27.51
CA LEU A 993 17.97 -2.32 -26.97
C LEU A 993 18.61 -1.19 -26.15
N ASP A 994 19.82 -1.42 -25.62
CA ASP A 994 20.57 -0.41 -24.87
C ASP A 994 21.27 0.59 -25.82
N ASN A 995 21.55 0.19 -27.08
CA ASN A 995 22.20 1.05 -28.07
C ASN A 995 21.48 0.98 -29.44
N LEU A 996 20.28 1.55 -29.53
CA LEU A 996 19.49 1.54 -30.78
C LEU A 996 19.82 2.71 -31.71
N ARG A 997 20.01 2.42 -33.00
CA ARG A 997 20.25 3.42 -34.04
C ARG A 997 19.66 2.87 -35.32
N ILE A 998 18.74 3.60 -35.98
CA ILE A 998 18.11 3.10 -37.21
C ILE A 998 19.10 3.00 -38.37
N LYS A 999 20.01 3.98 -38.54
CA LYS A 999 20.97 3.96 -39.64
C LYS A 999 21.87 2.71 -39.65
N ASP A 1000 22.24 2.20 -38.48
CA ASP A 1000 23.09 1.01 -38.39
C ASP A 1000 22.28 -0.25 -38.69
N ILE A 1001 21.04 -0.31 -38.20
CA ILE A 1001 20.13 -1.44 -38.45
C ILE A 1001 19.79 -1.50 -39.93
N LYS A 1002 19.60 -0.34 -40.57
CA LYS A 1002 19.33 -0.28 -42.00
C LYS A 1002 20.56 -0.79 -42.76
N ALA A 1003 21.75 -0.36 -42.35
CA ALA A 1003 23.00 -0.78 -43.00
C ALA A 1003 23.48 -2.19 -42.63
N LYS A 1004 22.83 -2.88 -41.68
CA LYS A 1004 23.25 -4.24 -41.31
C LYS A 1004 22.15 -5.25 -41.59
N ARG A 1005 20.92 -4.93 -41.23
CA ARG A 1005 19.76 -5.80 -41.42
C ARG A 1005 18.97 -5.50 -42.69
N GLY A 1006 19.08 -4.27 -43.20
CA GLY A 1006 18.35 -3.84 -44.39
C GLY A 1006 16.97 -3.29 -44.10
N THR A 1007 16.53 -3.33 -42.83
CA THR A 1007 15.20 -2.90 -42.44
C THR A 1007 15.25 -1.71 -41.49
N GLU A 1008 14.35 -0.74 -41.72
CA GLU A 1008 14.20 0.44 -40.85
C GLU A 1008 13.15 0.18 -39.75
N HIS A 1009 12.64 -1.05 -39.62
CA HIS A 1009 11.60 -1.42 -38.67
C HIS A 1009 12.13 -2.41 -37.64
N VAL A 1010 11.99 -2.06 -36.35
CA VAL A 1010 12.49 -2.87 -35.25
C VAL A 1010 11.34 -3.45 -34.42
N GLU A 1011 11.43 -4.72 -34.06
CA GLU A 1011 10.42 -5.36 -33.22
C GLU A 1011 11.06 -6.06 -32.03
N ALA A 1012 10.54 -5.83 -30.83
CA ALA A 1012 11.05 -6.44 -29.61
C ALA A 1012 9.89 -6.90 -28.73
N ILE A 1013 10.05 -8.04 -28.05
CA ILE A 1013 9.04 -8.62 -27.17
C ILE A 1013 9.61 -8.85 -25.76
N TYR A 1014 8.86 -8.44 -24.75
CA TYR A 1014 9.21 -8.63 -23.35
C TYR A 1014 8.33 -9.70 -22.71
N GLU A 1015 8.71 -10.18 -21.53
CA GLU A 1015 7.93 -11.16 -20.80
C GLU A 1015 7.66 -10.70 -19.37
N LEU A 1016 6.39 -10.80 -18.94
CA LEU A 1016 5.96 -10.50 -17.59
C LEU A 1016 6.22 -11.82 -16.91
N GLU A 1017 7.48 -12.03 -16.50
CA GLU A 1017 7.91 -13.30 -15.92
C GLU A 1017 7.38 -13.56 -14.54
N HIS A 1018 7.36 -12.53 -13.68
CA HIS A 1018 6.88 -12.68 -12.31
C HIS A 1018 5.99 -11.51 -11.88
N ILE A 1019 5.19 -11.74 -10.83
CA ILE A 1019 4.30 -10.79 -10.16
C ILE A 1019 4.64 -10.91 -8.66
N LEU A 1020 4.80 -9.76 -7.98
CA LEU A 1020 5.23 -9.71 -6.59
C LEU A 1020 4.21 -10.02 -5.52
N ILE A 1021 4.70 -10.69 -4.47
CA ILE A 1021 4.02 -10.93 -3.21
C ILE A 1021 4.92 -10.15 -2.29
N GLU A 1022 4.44 -9.01 -1.77
CA GLU A 1022 5.24 -8.19 -0.88
C GLU A 1022 4.48 -7.81 0.38
N GLY A 1023 5.21 -7.66 1.47
CA GLY A 1023 4.59 -7.35 2.75
C GLY A 1023 5.44 -6.57 3.72
N HIS A 1024 4.80 -6.06 4.78
CA HIS A 1024 5.46 -5.29 5.82
C HIS A 1024 5.22 -5.99 7.17
N SER A 1025 6.26 -6.64 7.71
CA SER A 1025 6.20 -7.41 8.95
C SER A 1025 6.28 -6.59 10.22
N ARG A 1026 5.89 -7.19 11.36
CA ARG A 1026 5.95 -6.58 12.68
C ARG A 1026 5.98 -7.65 13.77
N GLU A 1027 6.63 -7.34 14.87
CA GLU A 1027 6.72 -8.23 16.02
C GLU A 1027 5.46 -8.01 16.90
N ILE A 1028 5.09 -8.99 17.74
CA ILE A 1028 3.95 -8.88 18.65
C ILE A 1028 4.41 -9.20 20.07
N PRO A 1029 4.02 -8.39 21.10
CA PRO A 1029 3.12 -7.24 21.07
C PRO A 1029 3.80 -5.88 20.88
N GLY A 1030 5.09 -5.79 21.23
CA GLY A 1030 5.86 -4.58 21.05
C GLY A 1030 6.31 -4.56 19.61
N ALA A 1031 5.43 -4.05 18.74
CA ALA A 1031 5.55 -4.05 17.28
C ALA A 1031 6.72 -3.28 16.68
N HIS A 1032 7.76 -4.03 16.28
CA HIS A 1032 8.94 -3.52 15.59
C HIS A 1032 9.37 -4.51 14.50
N ALA A 1033 10.12 -4.02 13.51
CA ALA A 1033 10.56 -4.86 12.39
C ALA A 1033 11.59 -5.92 12.77
N PRO A 1034 11.26 -7.21 12.56
CA PRO A 1034 12.22 -8.28 12.89
C PRO A 1034 13.22 -8.46 11.75
N ARG A 1035 14.41 -7.88 11.88
CA ARG A 1035 15.42 -7.96 10.81
C ARG A 1035 16.34 -9.18 10.93
N GLY A 1036 16.62 -9.81 9.80
CA GLY A 1036 17.44 -11.01 9.77
C GLY A 1036 16.63 -12.30 9.78
N VAL A 1037 15.29 -12.19 9.93
CA VAL A 1037 14.37 -13.32 9.94
C VAL A 1037 14.30 -13.89 8.53
N GLN A 1038 14.33 -15.22 8.38
CA GLN A 1038 14.29 -15.86 7.07
C GLN A 1038 12.94 -16.47 6.79
N LEU A 1039 12.46 -16.36 5.55
CA LEU A 1039 11.15 -16.87 5.16
C LEU A 1039 11.21 -17.83 3.99
N VAL A 1040 10.22 -18.75 3.92
CA VAL A 1040 10.09 -19.71 2.83
C VAL A 1040 8.67 -19.67 2.28
N LEU A 1041 8.53 -19.59 0.95
CA LEU A 1041 7.26 -19.64 0.25
C LEU A 1041 7.09 -21.07 -0.25
N GLU A 1042 5.90 -21.65 -0.11
CA GLU A 1042 5.67 -23.02 -0.52
C GLU A 1042 4.31 -23.25 -1.19
N THR A 1043 4.17 -24.41 -1.84
CA THR A 1043 2.97 -24.88 -2.54
C THR A 1043 2.79 -26.39 -2.17
N GLU A 1044 1.60 -26.98 -2.36
CA GLU A 1044 1.38 -28.39 -2.04
C GLU A 1044 2.30 -29.33 -2.84
N ASN A 1045 2.69 -28.93 -4.06
CA ASN A 1045 3.58 -29.72 -4.90
C ASN A 1045 5.00 -29.66 -4.37
N ASN A 1046 5.50 -28.46 -4.06
CA ASN A 1046 6.85 -28.29 -3.56
C ASN A 1046 6.88 -27.44 -2.31
N PRO A 1047 7.60 -27.91 -1.29
CA PRO A 1047 7.66 -27.15 -0.03
C PRO A 1047 8.70 -26.03 -0.01
N HIS A 1048 9.30 -25.71 -1.17
CA HIS A 1048 10.32 -24.66 -1.24
C HIS A 1048 10.30 -23.93 -2.56
N PHE A 1049 9.25 -23.14 -2.77
CA PHE A 1049 9.09 -22.35 -3.98
C PHE A 1049 10.15 -21.25 -4.02
N ALA A 1050 10.25 -20.47 -2.93
CA ALA A 1050 11.17 -19.34 -2.85
C ALA A 1050 11.58 -19.03 -1.40
N ASP A 1051 12.61 -18.19 -1.21
CA ASP A 1051 13.08 -17.79 0.11
C ASP A 1051 13.65 -16.39 0.08
N THR A 1052 13.44 -15.62 1.14
CA THR A 1052 13.95 -14.26 1.29
C THR A 1052 14.19 -13.93 2.78
N ILE A 1053 14.85 -12.80 3.08
CA ILE A 1053 15.06 -12.39 4.47
C ILE A 1053 14.39 -11.04 4.75
N ILE A 1054 13.93 -10.85 5.98
CA ILE A 1054 13.25 -9.64 6.43
C ILE A 1054 14.21 -8.48 6.58
N MET A 1055 13.86 -7.34 5.99
CA MET A 1055 14.63 -6.09 6.03
C MET A 1055 14.27 -5.26 7.26
N ALA A 1056 15.15 -4.33 7.64
CA ALA A 1056 14.92 -3.45 8.78
C ALA A 1056 13.89 -2.37 8.44
N ASN A 1057 13.92 -1.86 7.21
CA ASN A 1057 13.02 -0.81 6.79
C ASN A 1057 11.65 -1.33 6.44
N LEU A 1058 10.67 -1.03 7.31
CA LEU A 1058 9.26 -1.43 7.22
C LEU A 1058 9.06 -2.94 7.29
N GLY A 1059 10.03 -3.70 7.82
CA GLY A 1059 9.97 -5.16 7.85
C GLY A 1059 9.68 -5.74 6.49
N TYR A 1060 10.28 -5.13 5.46
CA TYR A 1060 10.03 -5.45 4.07
C TYR A 1060 10.60 -6.78 3.62
N PHE A 1061 9.87 -7.45 2.75
CA PHE A 1061 10.24 -8.71 2.12
C PHE A 1061 9.45 -8.84 0.81
N GLN A 1062 9.95 -9.64 -0.15
CA GLN A 1062 9.25 -9.87 -1.40
C GLN A 1062 9.55 -11.25 -2.00
N PHE A 1063 8.61 -11.74 -2.80
CA PHE A 1063 8.73 -13.00 -3.50
C PHE A 1063 8.33 -12.80 -4.96
N LYS A 1064 8.94 -13.56 -5.87
CA LYS A 1064 8.64 -13.52 -7.29
C LYS A 1064 7.75 -14.73 -7.59
N ALA A 1065 6.48 -14.49 -7.97
CA ALA A 1065 5.54 -15.58 -8.20
C ALA A 1065 4.48 -15.25 -9.29
N ASN A 1066 3.66 -16.24 -9.70
CA ASN A 1066 2.58 -16.05 -10.66
C ASN A 1066 1.22 -16.47 -10.02
N PRO A 1067 0.04 -16.32 -10.68
CA PRO A 1067 -1.22 -16.66 -10.01
C PRO A 1067 -1.28 -18.05 -9.38
N GLY A 1068 -1.78 -18.12 -8.16
CA GLY A 1068 -1.89 -19.39 -7.46
C GLY A 1068 -1.99 -19.31 -5.95
N VAL A 1069 -2.18 -20.46 -5.30
CA VAL A 1069 -2.29 -20.58 -3.85
C VAL A 1069 -0.97 -21.02 -3.23
N TYR A 1070 -0.43 -20.18 -2.36
CA TYR A 1070 0.85 -20.39 -1.67
C TYR A 1070 0.69 -20.34 -0.14
N ASN A 1071 1.79 -20.62 0.59
CA ASN A 1071 1.84 -20.60 2.05
C ASN A 1071 3.22 -20.08 2.49
N ILE A 1072 3.27 -19.35 3.61
CA ILE A 1072 4.54 -18.83 4.11
C ILE A 1072 4.93 -19.47 5.44
N ARG A 1073 6.04 -20.22 5.45
CA ARG A 1073 6.54 -20.82 6.67
C ARG A 1073 7.92 -20.23 7.01
N LEU A 1074 8.21 -20.03 8.30
CA LEU A 1074 9.51 -19.52 8.73
C LEU A 1074 10.56 -20.59 8.40
N LYS A 1075 11.73 -20.18 7.88
CA LYS A 1075 12.77 -21.14 7.52
C LYS A 1075 13.26 -21.92 8.74
N GLU A 1076 13.43 -23.26 8.56
CA GLU A 1076 13.91 -24.18 9.61
C GLU A 1076 15.28 -23.70 10.08
N GLY A 1077 15.42 -23.53 11.38
CA GLY A 1077 16.67 -23.07 11.97
C GLY A 1077 16.45 -22.12 13.12
N ARG A 1078 17.23 -21.03 13.16
CA ARG A 1078 17.16 -20.03 14.22
C ARG A 1078 15.83 -19.27 14.21
N SER A 1079 15.30 -19.01 13.00
CA SER A 1079 14.04 -18.28 12.82
C SER A 1079 12.86 -18.97 13.49
N SER A 1080 12.67 -20.27 13.23
CA SER A 1080 11.58 -21.02 13.87
C SER A 1080 11.85 -21.27 15.36
N GLU A 1081 13.13 -21.26 15.78
CA GLU A 1081 13.54 -21.42 17.17
C GLU A 1081 13.05 -20.21 17.99
N ILE A 1082 13.29 -18.98 17.50
CA ILE A 1082 12.88 -17.78 18.24
C ILE A 1082 11.42 -17.39 18.04
N PHE A 1083 10.91 -17.49 16.80
CA PHE A 1083 9.56 -17.02 16.51
C PHE A 1083 8.55 -18.07 16.04
N THR A 1084 7.27 -17.68 16.08
CA THR A 1084 6.10 -18.35 15.55
C THR A 1084 5.26 -17.24 14.91
N LEU A 1085 4.86 -17.40 13.63
CA LEU A 1085 4.06 -16.35 13.00
C LEU A 1085 2.57 -16.70 13.09
N GLU A 1086 1.82 -15.89 13.82
CA GLU A 1086 0.39 -16.09 14.01
C GLU A 1086 -0.38 -15.86 12.71
N SER A 1087 0.05 -14.86 11.93
CA SER A 1087 -0.65 -14.51 10.71
C SER A 1087 0.20 -13.80 9.66
N VAL A 1088 -0.29 -13.88 8.42
CA VAL A 1088 0.16 -13.16 7.26
C VAL A 1088 -1.03 -12.21 7.04
N GLY A 1089 -0.78 -10.91 7.11
CA GLY A 1089 -1.85 -9.92 7.06
C GLY A 1089 -2.52 -9.70 5.72
N ALA A 1090 -3.19 -10.73 5.22
CA ALA A 1090 -3.88 -10.70 3.92
C ALA A 1090 -5.19 -9.92 3.92
N LYS A 1091 -5.71 -9.58 5.10
CA LYS A 1091 -6.96 -8.81 5.21
C LYS A 1091 -6.70 -7.32 5.42
N GLY A 1092 -5.55 -6.99 5.99
CA GLY A 1092 -5.12 -5.62 6.26
C GLY A 1092 -4.18 -5.57 7.45
N TRP A 1093 -3.93 -4.35 7.96
CA TRP A 1093 -3.11 -4.13 9.13
C TRP A 1093 -3.78 -4.85 10.33
N GLY A 1094 -5.09 -4.69 10.46
CA GLY A 1094 -5.94 -5.34 11.46
C GLY A 1094 -5.41 -5.46 12.87
N PRO A 1095 -5.59 -6.61 13.57
CA PRO A 1095 -6.19 -7.88 13.12
C PRO A 1095 -7.69 -7.90 12.87
N ILE A 1096 -8.06 -8.26 11.64
CA ILE A 1096 -9.45 -8.45 11.24
C ILE A 1096 -9.77 -9.89 11.64
N PRO A 1097 -10.92 -10.19 12.27
CA PRO A 1097 -11.22 -11.59 12.60
C PRO A 1097 -11.24 -12.48 11.37
N GLY A 1098 -10.75 -13.71 11.53
CA GLY A 1098 -10.67 -14.66 10.42
C GLY A 1098 -9.39 -14.58 9.61
N ASP A 1099 -8.41 -13.79 10.07
CA ASP A 1099 -7.14 -13.65 9.36
C ASP A 1099 -5.97 -14.39 10.01
N ASP A 1100 -6.23 -15.25 11.02
CA ASP A 1100 -5.19 -16.03 11.72
C ASP A 1100 -4.78 -17.15 10.78
N ASN A 1101 -4.20 -16.76 9.68
CA ASN A 1101 -3.87 -17.57 8.54
C ASN A 1101 -2.46 -17.31 8.07
N THR A 1102 -1.90 -18.29 7.38
CA THR A 1102 -0.59 -18.13 6.77
C THR A 1102 -0.66 -18.44 5.26
N GLU A 1103 -1.84 -18.26 4.65
CA GLU A 1103 -2.07 -18.53 3.24
C GLU A 1103 -2.05 -17.26 2.43
N VAL A 1104 -1.34 -17.26 1.31
CA VAL A 1104 -1.32 -16.14 0.37
C VAL A 1104 -1.75 -16.62 -1.01
N VAL A 1105 -2.56 -15.82 -1.69
CA VAL A 1105 -3.07 -16.16 -3.02
C VAL A 1105 -2.96 -14.91 -3.90
N LEU A 1106 -2.46 -15.04 -5.15
CA LEU A 1106 -2.45 -13.87 -6.03
C LEU A 1106 -3.30 -14.13 -7.25
N MET A 1107 -4.29 -13.28 -7.42
CA MET A 1107 -5.31 -13.35 -8.46
C MET A 1107 -5.53 -11.98 -9.10
N ASP A 1108 -4.50 -11.14 -9.13
CA ASP A 1108 -4.58 -9.81 -9.72
C ASP A 1108 -3.24 -9.33 -10.24
N PHE A 1109 -3.28 -8.37 -11.15
CA PHE A 1109 -2.09 -7.72 -11.70
C PHE A 1109 -1.46 -6.72 -10.72
N GLN A 1110 -2.06 -6.53 -9.55
CA GLN A 1110 -1.53 -5.68 -8.49
C GLN A 1110 -0.75 -6.50 -7.44
N GLY A 1111 -0.58 -7.80 -7.68
CA GLY A 1111 0.13 -8.71 -6.79
C GLY A 1111 -0.62 -8.95 -5.50
N THR A 1112 0.13 -9.12 -4.40
CA THR A 1112 -0.48 -9.34 -3.09
C THR A 1112 0.27 -8.55 -2.02
N THR A 1113 -0.46 -7.73 -1.26
CA THR A 1113 0.14 -6.92 -0.20
C THR A 1113 -0.21 -7.54 1.15
N LEU A 1114 0.80 -7.79 1.97
CA LEU A 1114 0.62 -8.48 3.24
C LEU A 1114 1.17 -7.67 4.42
N TYR A 1115 0.62 -7.90 5.61
CA TYR A 1115 1.07 -7.28 6.85
C TYR A 1115 1.21 -8.35 7.93
N PRO A 1116 2.18 -9.26 7.79
CA PRO A 1116 2.32 -10.38 8.73
C PRO A 1116 2.65 -9.98 10.16
N ARG A 1117 2.36 -10.88 11.11
CA ARG A 1117 2.59 -10.69 12.53
C ARG A 1117 3.36 -11.88 13.09
N LEU A 1118 4.39 -11.61 13.88
CA LEU A 1118 5.26 -12.64 14.46
C LEU A 1118 5.40 -12.41 15.95
N ARG A 1119 5.07 -13.40 16.80
CA ARG A 1119 5.26 -13.21 18.23
C ARG A 1119 6.34 -14.11 18.75
N ARG A 1120 7.22 -13.55 19.58
CA ARG A 1120 8.35 -14.26 20.16
C ARG A 1120 7.91 -15.44 21.01
N LYS A 1121 8.67 -16.52 20.95
CA LYS A 1121 8.38 -17.72 21.73
C LYS A 1121 8.74 -17.52 23.22
N PRO A 1122 8.15 -18.35 24.11
CA PRO A 1122 8.37 -18.20 25.55
C PRO A 1122 9.68 -17.61 26.05
N GLY A 1123 9.57 -16.47 26.72
CA GLY A 1123 10.65 -15.72 27.34
C GLY A 1123 11.91 -15.52 26.52
N MET A 1124 11.80 -14.86 25.36
CA MET A 1124 12.98 -14.64 24.54
C MET A 1124 13.29 -13.20 24.23
N GLU A 1125 14.54 -12.84 24.47
CA GLU A 1125 15.19 -11.59 24.10
C GLU A 1125 16.37 -11.90 23.14
N GLU A 1126 16.35 -13.10 22.52
CA GLU A 1126 17.35 -13.63 21.61
C GLU A 1126 17.35 -12.89 20.28
N GLU A 1127 18.44 -13.04 19.54
CA GLU A 1127 18.57 -12.42 18.23
C GLU A 1127 19.25 -13.43 17.30
N ASP A 1128 18.79 -13.52 16.04
CA ASP A 1128 19.34 -14.45 15.06
C ASP A 1128 20.88 -14.27 14.85
N VAL A 1129 21.42 -13.11 15.24
CA VAL A 1129 22.84 -12.78 15.16
C VAL A 1129 23.64 -13.45 16.31
N LEU A 1130 23.18 -13.30 17.57
CA LEU A 1130 23.87 -13.83 18.75
C LEU A 1130 23.41 -15.24 19.19
N GLU A 1131 24.36 -16.01 19.77
CA GLU A 1131 24.24 -17.40 20.25
C GLU A 1131 23.07 -17.65 21.25
N PRO A 1132 22.51 -18.89 21.29
CA PRO A 1132 21.42 -19.15 22.24
C PRO A 1132 21.94 -19.41 23.65
N SER A 1173 26.34 -25.69 0.05
CA SER A 1173 26.23 -24.77 -1.09
C SER A 1173 26.89 -25.36 -2.32
N LYS A 1174 28.06 -25.99 -2.13
CA LYS A 1174 28.81 -26.60 -3.23
C LYS A 1174 28.00 -27.71 -3.89
N THR A 1175 27.38 -28.57 -3.07
CA THR A 1175 26.57 -29.69 -3.55
C THR A 1175 25.35 -29.19 -4.33
N GLU A 1176 24.69 -28.17 -3.80
CA GLU A 1176 23.50 -27.59 -4.41
C GLU A 1176 23.82 -26.80 -5.66
N HIS A 1177 24.91 -26.05 -5.63
CA HIS A 1177 25.29 -25.16 -6.71
C HIS A 1177 26.57 -25.61 -7.43
N ALA A 1178 27.76 -25.22 -6.93
CA ALA A 1178 29.05 -25.54 -7.54
C ALA A 1178 30.22 -25.23 -6.57
N GLU A 1179 31.44 -25.70 -6.88
CA GLU A 1179 32.65 -25.43 -6.09
C GLU A 1179 32.86 -23.92 -6.00
N ILE A 1180 32.72 -23.22 -7.14
CA ILE A 1180 32.91 -21.79 -7.26
C ILE A 1180 31.62 -21.12 -7.68
N ASN A 1181 31.26 -20.01 -7.04
CA ASN A 1181 30.08 -19.24 -7.40
C ASN A 1181 30.51 -17.81 -7.75
N ILE A 1182 30.40 -17.45 -9.03
CA ILE A 1182 30.76 -16.14 -9.53
C ILE A 1182 29.53 -15.43 -10.11
N PHE A 1183 29.34 -14.14 -9.80
CA PHE A 1183 28.22 -13.37 -10.31
C PHE A 1183 28.69 -12.12 -11.07
N SER A 1184 27.93 -11.69 -12.09
CA SER A 1184 28.28 -10.51 -12.90
C SER A 1184 27.07 -9.84 -13.57
N VAL A 1185 27.29 -8.69 -14.23
CA VAL A 1185 26.29 -7.91 -14.96
C VAL A 1185 26.94 -7.24 -16.19
N ALA A 1186 26.22 -7.19 -17.31
CA ALA A 1186 26.69 -6.58 -18.55
C ALA A 1186 25.54 -5.79 -19.19
N SER A 1187 25.82 -4.59 -19.72
CA SER A 1187 24.77 -3.74 -20.30
C SER A 1187 24.61 -3.90 -21.82
N GLY A 1188 25.70 -3.80 -22.57
CA GLY A 1188 25.65 -3.87 -24.02
C GLY A 1188 26.17 -5.13 -24.66
N HIS A 1189 26.05 -5.22 -25.99
CA HIS A 1189 26.52 -6.37 -26.76
C HIS A 1189 28.01 -6.59 -26.59
N LEU A 1190 28.78 -5.50 -26.49
CA LEU A 1190 30.22 -5.57 -26.30
C LEU A 1190 30.51 -6.15 -24.92
N TYR A 1191 29.90 -5.58 -23.86
CA TYR A 1191 30.09 -6.03 -22.50
C TYR A 1191 29.63 -7.47 -22.27
N GLU A 1192 28.65 -7.93 -23.06
CA GLU A 1192 28.18 -9.31 -23.00
C GLU A 1192 29.17 -10.23 -23.72
N ARG A 1193 29.78 -9.75 -24.81
CA ARG A 1193 30.81 -10.46 -25.58
C ARG A 1193 32.07 -10.62 -24.71
N MET A 1194 32.41 -9.59 -23.92
CA MET A 1194 33.56 -9.62 -23.01
C MET A 1194 33.32 -10.53 -21.81
N LEU A 1195 32.04 -10.64 -21.38
CA LEU A 1195 31.56 -11.50 -20.29
C LEU A 1195 31.74 -12.98 -20.67
N ASN A 1196 31.52 -13.32 -21.96
CA ASN A 1196 31.70 -14.66 -22.52
C ASN A 1196 33.18 -15.08 -22.41
N ILE A 1197 34.10 -14.13 -22.67
CA ILE A 1197 35.53 -14.34 -22.59
C ILE A 1197 35.94 -14.56 -21.13
N MET A 1198 35.39 -13.76 -20.22
CA MET A 1198 35.66 -13.84 -18.79
C MET A 1198 35.37 -15.22 -18.24
N MET A 1199 34.19 -15.77 -18.56
CA MET A 1199 33.80 -17.09 -18.07
C MET A 1199 34.69 -18.19 -18.62
N ALA A 1200 35.08 -18.08 -19.90
CA ALA A 1200 35.94 -19.05 -20.57
C ALA A 1200 37.33 -19.10 -19.94
N SER A 1201 37.91 -17.92 -19.61
CA SER A 1201 39.22 -17.82 -18.99
C SER A 1201 39.25 -18.55 -17.65
N VAL A 1202 38.16 -18.44 -16.86
CA VAL A 1202 38.01 -19.13 -15.57
C VAL A 1202 38.10 -20.64 -15.81
N MET A 1203 37.26 -21.18 -16.72
CA MET A 1203 37.15 -22.59 -17.08
C MET A 1203 38.47 -23.23 -17.51
N HIS A 1204 39.22 -22.56 -18.40
CA HIS A 1204 40.53 -23.06 -18.83
C HIS A 1204 41.53 -23.09 -17.68
N HIS A 1205 41.36 -22.21 -16.69
CA HIS A 1205 42.30 -22.02 -15.59
C HIS A 1205 41.91 -22.73 -14.29
N THR A 1206 40.88 -23.59 -14.30
CA THR A 1206 40.51 -24.38 -13.13
C THR A 1206 39.93 -25.76 -13.49
N ASN A 1207 40.39 -26.79 -12.77
CA ASN A 1207 39.83 -28.13 -12.96
C ASN A 1207 38.86 -28.34 -11.79
N HIS A 1208 37.92 -27.39 -11.61
CA HIS A 1208 36.93 -27.40 -10.55
C HIS A 1208 35.51 -27.11 -11.10
N THR A 1209 34.47 -27.28 -10.27
CA THR A 1209 33.09 -27.01 -10.71
C THR A 1209 32.73 -25.53 -10.46
N VAL A 1210 32.24 -24.85 -11.50
CA VAL A 1210 31.89 -23.42 -11.43
C VAL A 1210 30.41 -23.18 -11.79
N LYS A 1211 29.76 -22.25 -11.09
CA LYS A 1211 28.39 -21.84 -11.35
C LYS A 1211 28.39 -20.34 -11.55
N PHE A 1212 27.75 -19.86 -12.61
CA PHE A 1212 27.69 -18.43 -12.90
C PHE A 1212 26.31 -17.85 -12.61
N TRP A 1213 26.27 -16.66 -12.01
CA TRP A 1213 25.04 -15.97 -11.62
C TRP A 1213 24.94 -14.63 -12.34
N PHE A 1214 23.75 -14.31 -12.87
CA PHE A 1214 23.59 -13.06 -13.62
C PHE A 1214 22.39 -12.24 -13.16
N ILE A 1215 22.50 -10.91 -13.25
CA ILE A 1215 21.38 -10.02 -12.91
C ILE A 1215 20.51 -9.95 -14.15
N GLU A 1216 19.56 -10.88 -14.23
CA GLU A 1216 18.60 -11.18 -15.28
C GLU A 1216 18.10 -10.03 -16.20
N GLN A 1217 17.54 -8.94 -15.66
CA GLN A 1217 16.91 -7.90 -16.48
C GLN A 1217 17.85 -6.97 -17.27
N PHE A 1218 19.16 -6.97 -16.99
CA PHE A 1218 20.09 -6.11 -17.74
C PHE A 1218 20.76 -6.80 -18.94
N LEU A 1219 20.40 -8.07 -19.20
CA LEU A 1219 20.98 -8.86 -20.29
C LEU A 1219 20.09 -8.93 -21.53
N SER A 1220 20.72 -9.08 -22.71
CA SER A 1220 20.01 -9.16 -23.98
C SER A 1220 19.47 -10.56 -24.24
N PRO A 1221 18.37 -10.70 -25.02
CA PRO A 1221 17.88 -12.05 -25.33
C PRO A 1221 18.87 -12.83 -26.18
N SER A 1222 19.70 -12.15 -26.97
CA SER A 1222 20.74 -12.77 -27.79
C SER A 1222 21.73 -13.50 -26.88
N PHE A 1223 22.10 -12.87 -25.75
CA PHE A 1223 22.98 -13.45 -24.76
C PHE A 1223 22.24 -14.55 -24.01
N LYS A 1224 20.98 -14.29 -23.62
CA LYS A 1224 20.12 -15.23 -22.91
C LYS A 1224 19.91 -16.55 -23.67
N ASP A 1225 19.71 -16.47 -24.99
CA ASP A 1225 19.53 -17.64 -25.84
C ASP A 1225 20.84 -18.39 -26.11
N PHE A 1226 21.99 -17.74 -25.91
CA PHE A 1226 23.31 -18.31 -26.17
C PHE A 1226 23.89 -19.17 -25.03
N ILE A 1227 23.77 -18.74 -23.76
CA ILE A 1227 24.36 -19.43 -22.59
C ILE A 1227 24.17 -20.96 -22.50
N PRO A 1228 23.02 -21.64 -22.79
CA PRO A 1228 22.99 -23.12 -22.69
C PRO A 1228 24.09 -23.76 -23.55
N HIS A 1229 24.40 -23.15 -24.70
CA HIS A 1229 25.44 -23.60 -25.61
C HIS A 1229 26.83 -23.38 -25.01
N MET A 1230 27.02 -22.30 -24.24
CA MET A 1230 28.28 -22.04 -23.54
C MET A 1230 28.44 -23.06 -22.40
N ALA A 1231 27.34 -23.35 -21.69
CA ALA A 1231 27.28 -24.30 -20.58
C ALA A 1231 27.56 -25.73 -21.01
N ALA A 1232 27.15 -26.10 -22.23
CA ALA A 1232 27.39 -27.45 -22.74
C ALA A 1232 28.87 -27.62 -23.13
N GLU A 1233 29.45 -26.59 -23.75
CA GLU A 1233 30.84 -26.57 -24.20
C GLU A 1233 31.86 -26.49 -23.06
N TYR A 1234 31.65 -25.57 -22.12
CA TYR A 1234 32.60 -25.33 -21.04
C TYR A 1234 32.33 -26.11 -19.75
N GLY A 1235 31.15 -26.71 -19.64
CA GLY A 1235 30.79 -27.54 -18.49
C GLY A 1235 30.57 -26.80 -17.20
N PHE A 1236 29.71 -25.78 -17.21
CA PHE A 1236 29.37 -25.03 -16.01
C PHE A 1236 27.85 -24.97 -15.82
N LYS A 1237 27.39 -24.51 -14.65
CA LYS A 1237 25.99 -24.32 -14.38
C LYS A 1237 25.69 -22.82 -14.32
N TYR A 1238 24.46 -22.41 -14.61
CA TYR A 1238 24.09 -21.00 -14.56
C TYR A 1238 22.73 -20.79 -13.92
N GLU A 1239 22.52 -19.61 -13.34
CA GLU A 1239 21.24 -19.27 -12.75
C GLU A 1239 20.97 -17.78 -12.83
N MET A 1240 19.76 -17.42 -13.24
CA MET A 1240 19.34 -16.04 -13.38
C MET A 1240 18.73 -15.55 -12.08
N VAL A 1241 19.21 -14.41 -11.57
CA VAL A 1241 18.67 -13.82 -10.34
C VAL A 1241 18.29 -12.36 -10.58
N THR A 1242 17.32 -11.89 -9.78
CA THR A 1242 16.80 -10.52 -9.81
C THR A 1242 16.05 -10.19 -8.51
N TYR A 1243 15.84 -8.91 -8.26
CA TYR A 1243 15.10 -8.38 -7.12
C TYR A 1243 14.51 -7.06 -7.58
N LYS A 1244 13.26 -6.75 -7.21
CA LYS A 1244 12.68 -5.48 -7.62
C LYS A 1244 12.98 -4.38 -6.63
N TRP A 1245 13.49 -3.24 -7.14
CA TRP A 1245 13.85 -2.06 -6.35
C TRP A 1245 12.66 -1.62 -5.49
N PRO A 1246 12.80 -1.70 -4.16
CA PRO A 1246 11.68 -1.34 -3.28
C PRO A 1246 11.14 0.08 -3.48
N HIS A 1247 9.84 0.27 -3.20
CA HIS A 1247 9.19 1.57 -3.38
C HIS A 1247 9.70 2.63 -2.40
N TRP A 1248 10.05 2.18 -1.18
CA TRP A 1248 10.56 3.06 -0.14
C TRP A 1248 11.98 3.53 -0.45
N LEU A 1249 12.79 2.64 -1.03
CA LEU A 1249 14.17 2.90 -1.37
C LEU A 1249 14.25 3.90 -2.51
N ARG A 1250 15.21 4.82 -2.44
CA ARG A 1250 15.37 5.89 -3.42
C ARG A 1250 15.83 5.42 -4.80
N GLN A 1251 15.06 5.78 -5.83
CA GLN A 1251 15.26 5.45 -7.25
C GLN A 1251 16.50 6.06 -7.88
N GLN A 1252 16.88 5.55 -9.07
CA GLN A 1252 17.98 6.07 -9.87
C GLN A 1252 17.43 6.30 -11.28
N LYS A 1253 17.36 7.57 -11.71
CA LYS A 1253 16.87 7.91 -13.05
C LYS A 1253 17.83 7.48 -14.17
N GLU A 1254 19.12 7.33 -13.85
CA GLU A 1254 20.14 6.94 -14.82
C GLU A 1254 20.44 5.44 -14.65
N LYS A 1255 20.16 4.65 -15.68
CA LYS A 1255 20.32 3.19 -15.66
C LYS A 1255 21.70 2.70 -15.25
N GLN A 1256 22.80 3.36 -15.64
CA GLN A 1256 24.15 2.94 -15.22
C GLN A 1256 24.27 2.97 -13.69
N ARG A 1257 23.64 3.96 -13.05
CA ARG A 1257 23.62 4.11 -11.60
C ARG A 1257 22.79 2.98 -10.98
N GLU A 1258 21.68 2.57 -11.64
CA GLU A 1258 20.83 1.47 -11.20
C GLU A 1258 21.67 0.19 -11.09
N ILE A 1259 22.44 -0.12 -12.15
CA ILE A 1259 23.31 -1.28 -12.25
C ILE A 1259 24.29 -1.36 -11.10
N TRP A 1260 24.94 -0.24 -10.77
CA TRP A 1260 25.89 -0.16 -9.66
C TRP A 1260 25.21 -0.48 -8.33
N GLY A 1261 23.98 0.00 -8.16
CA GLY A 1261 23.18 -0.25 -6.97
C GLY A 1261 22.85 -1.71 -6.79
N TYR A 1262 22.62 -2.41 -7.90
CA TYR A 1262 22.32 -3.83 -7.88
C TYR A 1262 23.46 -4.71 -7.39
N LYS A 1263 24.70 -4.25 -7.55
CA LYS A 1263 25.86 -5.00 -7.11
C LYS A 1263 26.13 -4.85 -5.62
N ILE A 1264 25.64 -3.79 -4.98
CA ILE A 1264 25.95 -3.53 -3.57
C ILE A 1264 24.73 -3.51 -2.62
N LEU A 1265 23.60 -2.94 -3.04
CA LEU A 1265 22.42 -2.78 -2.17
C LEU A 1265 21.65 -4.05 -1.82
N PHE A 1266 21.56 -5.05 -2.72
CA PHE A 1266 20.73 -6.22 -2.47
C PHE A 1266 21.48 -7.57 -2.37
N LEU A 1267 22.76 -7.56 -1.96
CA LEU A 1267 23.55 -8.79 -1.87
C LEU A 1267 22.96 -9.90 -1.02
N ASP A 1268 22.35 -9.54 0.11
CA ASP A 1268 21.73 -10.47 1.05
C ASP A 1268 20.42 -11.09 0.56
N VAL A 1269 19.66 -10.37 -0.27
CA VAL A 1269 18.35 -10.83 -0.72
C VAL A 1269 18.32 -11.30 -2.19
N LEU A 1270 19.35 -11.00 -2.98
CA LEU A 1270 19.42 -11.36 -4.39
C LEU A 1270 19.72 -12.85 -4.61
N PHE A 1271 20.43 -13.47 -3.68
CA PHE A 1271 20.82 -14.88 -3.79
C PHE A 1271 20.12 -15.78 -2.77
N PRO A 1272 19.81 -17.04 -3.13
CA PRO A 1272 19.13 -17.94 -2.19
C PRO A 1272 19.94 -18.22 -0.93
N LEU A 1273 19.25 -18.47 0.18
CA LEU A 1273 19.88 -18.73 1.48
C LEU A 1273 20.84 -19.91 1.48
N SER A 1274 20.61 -20.87 0.59
CA SER A 1274 21.43 -22.08 0.49
C SER A 1274 22.88 -21.83 0.08
N LEU A 1275 23.19 -20.65 -0.51
CA LEU A 1275 24.58 -20.39 -0.91
C LEU A 1275 25.40 -19.71 0.17
N ASP A 1276 26.53 -20.32 0.49
CA ASP A 1276 27.46 -19.87 1.50
C ASP A 1276 28.18 -18.59 1.09
N LYS A 1277 28.77 -18.55 -0.12
CA LYS A 1277 29.54 -17.40 -0.59
C LYS A 1277 29.42 -17.18 -2.10
N VAL A 1278 29.68 -15.94 -2.58
CA VAL A 1278 29.67 -15.55 -4.00
C VAL A 1278 30.85 -14.57 -4.30
N ILE A 1279 31.32 -14.53 -5.56
CA ILE A 1279 32.42 -13.66 -5.99
C ILE A 1279 31.99 -12.80 -7.20
N PHE A 1280 32.21 -11.48 -7.16
CA PHE A 1280 31.86 -10.62 -8.30
C PHE A 1280 33.09 -10.41 -9.17
N VAL A 1281 32.94 -10.58 -10.48
CA VAL A 1281 34.01 -10.35 -11.46
C VAL A 1281 33.40 -9.43 -12.54
N ASP A 1282 34.03 -8.28 -12.83
CA ASP A 1282 33.49 -7.30 -13.79
C ASP A 1282 33.76 -7.65 -15.25
N ALA A 1283 32.68 -7.84 -16.05
CA ALA A 1283 32.58 -8.20 -17.47
C ALA A 1283 33.87 -8.00 -18.31
N ASP A 1284 34.49 -6.81 -18.27
CA ASP A 1284 35.74 -6.55 -18.98
C ASP A 1284 36.95 -7.07 -18.17
N GLN A 1285 36.81 -8.24 -17.56
CA GLN A 1285 37.90 -8.86 -16.81
C GLN A 1285 38.30 -10.19 -17.45
N ILE A 1286 39.52 -10.63 -17.17
CA ILE A 1286 40.08 -11.89 -17.64
C ILE A 1286 40.86 -12.49 -16.47
N VAL A 1287 40.68 -13.79 -16.21
CA VAL A 1287 41.33 -14.44 -15.07
C VAL A 1287 42.24 -15.58 -15.50
N ARG A 1288 43.51 -15.53 -15.05
CA ARG A 1288 44.56 -16.51 -15.29
C ARG A 1288 44.73 -17.50 -14.11
N THR A 1289 44.13 -17.21 -12.95
CA THR A 1289 44.24 -18.07 -11.79
C THR A 1289 43.07 -19.05 -11.64
N ASP A 1290 43.28 -20.10 -10.83
CA ASP A 1290 42.24 -21.03 -10.44
C ASP A 1290 41.50 -20.25 -9.34
N MET A 1291 40.24 -19.91 -9.61
CA MET A 1291 39.43 -19.05 -8.75
C MET A 1291 39.08 -19.57 -7.37
N TYR A 1292 39.31 -20.86 -7.07
CA TYR A 1292 39.00 -21.45 -5.77
C TYR A 1292 39.75 -20.72 -4.69
N ASP A 1293 41.03 -20.42 -4.91
CA ASP A 1293 41.91 -19.73 -3.98
C ASP A 1293 41.24 -18.53 -3.27
N LEU A 1294 40.41 -17.77 -3.99
CA LEU A 1294 39.69 -16.64 -3.42
C LEU A 1294 38.66 -17.07 -2.36
N VAL A 1295 38.00 -18.21 -2.58
CA VAL A 1295 37.05 -18.82 -1.65
C VAL A 1295 37.79 -19.21 -0.35
N GLU A 1296 38.87 -20.00 -0.46
CA GLU A 1296 39.66 -20.48 0.67
C GLU A 1296 40.31 -19.38 1.50
N HIS A 1297 40.50 -18.19 0.90
CA HIS A 1297 41.12 -17.07 1.58
C HIS A 1297 40.35 -16.66 2.83
N PRO A 1298 41.01 -16.70 4.00
CA PRO A 1298 40.31 -16.30 5.24
C PRO A 1298 40.03 -14.80 5.21
N LEU A 1299 38.82 -14.42 5.60
CA LEU A 1299 38.43 -13.01 5.56
C LEU A 1299 38.54 -12.29 6.91
N ASP A 1300 39.16 -12.92 7.93
CA ASP A 1300 39.37 -12.35 9.26
C ASP A 1300 38.06 -11.82 9.87
N GLY A 1301 37.03 -12.65 9.85
CA GLY A 1301 35.71 -12.31 10.39
C GLY A 1301 34.98 -11.18 9.71
N ALA A 1302 35.35 -10.85 8.46
CA ALA A 1302 34.73 -9.76 7.72
C ALA A 1302 33.68 -10.27 6.72
N PRO A 1303 32.60 -9.51 6.48
CA PRO A 1303 31.56 -9.99 5.55
C PRO A 1303 31.96 -10.04 4.08
N TYR A 1304 32.83 -9.12 3.64
CA TYR A 1304 33.25 -9.07 2.25
C TYR A 1304 34.69 -8.57 2.07
N GLY A 1305 35.35 -9.02 1.00
CA GLY A 1305 36.74 -8.68 0.73
C GLY A 1305 36.97 -8.01 -0.61
N PHE A 1306 37.76 -6.92 -0.62
CA PHE A 1306 38.07 -6.15 -1.83
C PHE A 1306 39.59 -6.02 -2.06
N ALA A 1307 40.00 -5.66 -3.29
CA ALA A 1307 41.41 -5.42 -3.64
C ALA A 1307 41.67 -3.91 -3.72
N PRO A 1308 42.81 -3.41 -3.21
CA PRO A 1308 43.06 -1.97 -3.25
C PRO A 1308 43.58 -1.45 -4.58
N MET A 1309 43.70 -0.12 -4.71
CA MET A 1309 44.21 0.48 -5.93
C MET A 1309 45.72 0.38 -5.99
N CYS A 1310 46.24 0.12 -7.20
CA CYS A 1310 47.67 -0.03 -7.50
C CYS A 1310 48.48 1.20 -7.16
N ASP A 1311 49.62 1.00 -6.52
CA ASP A 1311 50.56 2.07 -6.18
C ASP A 1311 51.83 2.02 -7.08
N SER A 1312 52.10 0.84 -7.65
CA SER A 1312 53.24 0.44 -8.45
C SER A 1312 53.60 1.40 -9.60
N ARG A 1313 52.61 1.91 -10.38
CA ARG A 1313 52.92 2.88 -11.46
C ARG A 1313 53.52 4.13 -10.80
N VAL A 1314 54.71 4.52 -11.26
CA VAL A 1314 55.50 5.61 -10.68
C VAL A 1314 55.04 7.03 -11.05
N GLU A 1315 54.78 7.25 -12.34
CA GLU A 1315 54.44 8.53 -12.95
C GLU A 1315 52.94 8.85 -13.04
N MET A 1316 52.08 8.00 -12.45
CA MET A 1316 50.65 8.22 -12.54
C MET A 1316 50.05 9.10 -11.45
N GLU A 1317 50.77 9.25 -10.32
CA GLU A 1317 50.39 9.96 -9.10
C GLU A 1317 49.39 11.13 -9.21
N GLY A 1318 49.61 12.06 -10.13
CA GLY A 1318 48.75 13.22 -10.31
C GLY A 1318 47.27 12.90 -10.42
N TYR A 1319 46.93 11.85 -11.17
CA TYR A 1319 45.53 11.45 -11.35
C TYR A 1319 45.02 10.47 -10.28
N ARG A 1320 45.77 10.28 -9.17
CA ARG A 1320 45.31 9.45 -8.07
C ARG A 1320 44.52 10.38 -7.16
N PHE A 1321 43.21 10.50 -7.41
CA PHE A 1321 42.29 11.39 -6.69
C PHE A 1321 41.94 10.94 -5.27
N TRP A 1322 42.28 9.71 -4.91
CA TRP A 1322 41.99 9.16 -3.58
C TRP A 1322 43.05 9.46 -2.52
N LYS A 1323 43.94 10.40 -2.81
CA LYS A 1323 44.96 10.94 -1.93
C LYS A 1323 44.76 12.48 -1.83
N THR A 1324 43.54 12.99 -2.14
CA THR A 1324 43.19 14.40 -2.19
C THR A 1324 41.94 14.68 -1.33
N GLY A 1325 41.83 15.91 -0.85
CA GLY A 1325 40.75 16.46 -0.05
C GLY A 1325 39.75 15.53 0.59
N TYR A 1326 38.56 15.42 -0.01
CA TYR A 1326 37.48 14.59 0.53
C TYR A 1326 37.89 13.14 0.81
N TRP A 1327 38.57 12.47 -0.15
CA TRP A 1327 38.91 11.07 0.06
C TRP A 1327 40.03 10.88 1.09
N ALA A 1328 41.04 11.74 1.10
CA ALA A 1328 42.12 11.63 2.09
C ALA A 1328 41.68 12.05 3.50
N ASN A 1329 40.75 13.02 3.62
CA ASN A 1329 40.26 13.44 4.94
C ASN A 1329 39.45 12.28 5.52
N TYR A 1330 38.53 11.73 4.73
CA TYR A 1330 37.68 10.63 5.18
C TYR A 1330 38.49 9.36 5.43
N LEU A 1331 39.18 8.85 4.38
CA LEU A 1331 40.01 7.65 4.52
C LEU A 1331 41.33 8.10 5.16
N LYS A 1332 41.33 8.26 6.49
CA LYS A 1332 42.54 8.71 7.20
C LYS A 1332 43.71 7.74 6.98
N GLY A 1333 43.47 6.46 7.24
CA GLY A 1333 44.46 5.43 7.02
C GLY A 1333 43.95 4.27 6.17
N LYS A 1334 42.63 4.19 5.98
CA LYS A 1334 41.99 3.12 5.22
C LYS A 1334 42.19 3.24 3.70
N PRO A 1335 42.24 2.09 3.00
CA PRO A 1335 42.49 2.12 1.55
C PRO A 1335 41.30 2.49 0.67
N TYR A 1336 41.60 2.89 -0.59
CA TYR A 1336 40.57 3.17 -1.58
C TYR A 1336 40.49 1.92 -2.45
N HIS A 1337 39.41 1.16 -2.27
CA HIS A 1337 39.16 -0.13 -2.89
C HIS A 1337 38.50 -0.09 -4.29
N ILE A 1338 38.66 -1.19 -5.04
CA ILE A 1338 38.12 -1.34 -6.40
C ILE A 1338 36.97 -2.35 -6.45
N SER A 1339 35.83 -1.94 -7.02
CA SER A 1339 34.63 -2.77 -7.15
C SER A 1339 34.57 -3.66 -8.39
N ALA A 1340 35.72 -3.91 -9.00
CA ALA A 1340 35.80 -4.77 -10.17
C ALA A 1340 35.77 -6.24 -9.75
N LEU A 1341 36.42 -6.56 -8.63
CA LEU A 1341 36.49 -7.91 -8.08
C LEU A 1341 36.34 -7.86 -6.56
N TYR A 1342 35.51 -8.75 -6.00
CA TYR A 1342 35.30 -8.85 -4.55
C TYR A 1342 34.62 -10.16 -4.13
N VAL A 1343 34.83 -10.58 -2.87
CA VAL A 1343 34.24 -11.79 -2.28
C VAL A 1343 33.20 -11.39 -1.27
N VAL A 1344 32.06 -12.08 -1.25
CA VAL A 1344 31.04 -11.83 -0.24
C VAL A 1344 30.78 -13.12 0.49
N ASP A 1345 31.15 -13.19 1.77
CA ASP A 1345 30.87 -14.34 2.62
C ASP A 1345 29.42 -14.11 3.00
N LEU A 1346 28.49 -14.59 2.15
CA LEU A 1346 27.06 -14.40 2.29
C LEU A 1346 26.50 -14.78 3.66
N GLN A 1347 26.90 -15.94 4.20
CA GLN A 1347 26.42 -16.36 5.52
C GLN A 1347 26.75 -15.33 6.60
N ARG A 1348 27.98 -14.78 6.56
CA ARG A 1348 28.39 -13.74 7.50
C ARG A 1348 27.72 -12.41 7.16
N PHE A 1349 27.60 -12.08 5.87
CA PHE A 1349 26.95 -10.84 5.42
C PHE A 1349 25.53 -10.71 6.00
N ARG A 1350 24.72 -11.78 5.86
CA ARG A 1350 23.36 -11.89 6.37
C ARG A 1350 23.38 -11.80 7.91
N GLU A 1351 24.29 -12.57 8.53
CA GLU A 1351 24.50 -12.64 9.99
C GLU A 1351 24.81 -11.28 10.58
N LEU A 1352 25.64 -10.51 9.91
CA LEU A 1352 26.01 -9.17 10.37
C LEU A 1352 24.93 -8.12 10.02
N ALA A 1353 24.01 -8.45 9.09
CA ALA A 1353 22.93 -7.59 8.58
C ALA A 1353 23.56 -6.32 8.01
N ALA A 1354 24.54 -6.53 7.13
CA ALA A 1354 25.31 -5.47 6.50
C ALA A 1354 24.48 -4.70 5.47
N GLY A 1355 23.65 -5.41 4.73
CA GLY A 1355 22.79 -4.87 3.68
C GLY A 1355 21.90 -3.72 4.12
N ASP A 1356 21.24 -3.89 5.28
CA ASP A 1356 20.35 -2.87 5.87
C ASP A 1356 21.06 -1.56 6.07
N ARG A 1357 22.32 -1.61 6.54
CA ARG A 1357 23.15 -0.44 6.80
C ARG A 1357 23.53 0.25 5.51
N LEU A 1358 23.90 -0.54 4.48
CA LEU A 1358 24.26 -0.03 3.16
C LEU A 1358 23.06 0.72 2.57
N ARG A 1359 21.88 0.10 2.61
CA ARG A 1359 20.63 0.66 2.10
C ARG A 1359 20.23 1.97 2.77
N GLN A 1360 20.23 2.04 4.12
CA GLN A 1360 19.81 3.27 4.79
C GLN A 1360 20.84 4.37 4.67
N GLN A 1361 22.13 4.03 4.60
CA GLN A 1361 23.15 5.06 4.40
C GLN A 1361 23.04 5.61 2.98
N TYR A 1362 22.80 4.74 1.98
CA TYR A 1362 22.58 5.15 0.60
C TYR A 1362 21.41 6.13 0.50
N HIS A 1363 20.27 5.78 1.12
CA HIS A 1363 19.06 6.59 1.08
C HIS A 1363 19.30 7.96 1.68
N ALA A 1364 20.04 8.01 2.81
CA ALA A 1364 20.37 9.25 3.50
C ALA A 1364 21.34 10.12 2.71
N LEU A 1365 22.39 9.52 2.13
CA LEU A 1365 23.40 10.22 1.34
C LEU A 1365 22.82 10.75 0.02
N SER A 1366 21.92 9.96 -0.59
CA SER A 1366 21.29 10.20 -1.88
C SER A 1366 20.45 11.47 -2.00
N ALA A 1367 20.13 12.14 -0.88
CA ALA A 1367 19.37 13.40 -0.91
C ALA A 1367 20.15 14.46 -1.70
N ASP A 1368 21.48 14.46 -1.57
CA ASP A 1368 22.37 15.34 -2.32
C ASP A 1368 22.65 14.60 -3.63
N PRO A 1369 22.38 15.23 -4.79
CA PRO A 1369 22.60 14.53 -6.07
C PRO A 1369 24.05 14.21 -6.42
N ASN A 1370 25.00 15.03 -5.97
CA ASN A 1370 26.43 14.84 -6.29
C ASN A 1370 27.17 13.98 -5.24
N SER A 1371 26.43 13.25 -4.41
CA SER A 1371 26.90 12.41 -3.30
C SER A 1371 27.84 11.25 -3.66
N LEU A 1372 27.43 10.37 -4.59
CA LEU A 1372 28.27 9.22 -4.95
C LEU A 1372 28.56 9.23 -6.44
N ALA A 1373 29.82 9.50 -6.83
CA ALA A 1373 30.21 9.52 -8.24
C ALA A 1373 30.03 8.12 -8.83
N ASN A 1374 30.59 7.10 -8.18
CA ASN A 1374 30.44 5.70 -8.55
C ASN A 1374 30.03 5.09 -7.23
N LEU A 1375 28.73 4.86 -7.02
CA LEU A 1375 28.25 4.36 -5.73
C LEU A 1375 28.84 3.01 -5.36
N ASP A 1376 28.99 2.09 -6.32
CA ASP A 1376 29.52 0.75 -6.06
C ASP A 1376 30.86 0.77 -5.33
N GLN A 1377 31.77 1.64 -5.76
CA GLN A 1377 33.06 1.76 -5.10
C GLN A 1377 32.94 2.59 -3.83
N ASP A 1378 32.23 3.72 -3.91
CA ASP A 1378 32.10 4.67 -2.82
C ASP A 1378 31.33 4.20 -1.58
N LEU A 1379 30.30 3.34 -1.73
CA LEU A 1379 29.55 2.88 -0.57
C LEU A 1379 30.39 1.95 0.33
N PRO A 1380 31.04 0.86 -0.14
CA PRO A 1380 31.89 0.06 0.77
C PRO A 1380 33.01 0.88 1.40
N ASN A 1381 33.57 1.87 0.68
CA ASN A 1381 34.63 2.73 1.22
C ASN A 1381 34.11 3.66 2.31
N HIS A 1382 32.92 4.23 2.14
CA HIS A 1382 32.29 5.08 3.15
C HIS A 1382 31.84 4.26 4.40
N MET A 1383 31.59 2.96 4.23
CA MET A 1383 31.15 2.10 5.32
C MET A 1383 32.24 1.16 5.86
N GLN A 1384 33.53 1.36 5.51
CA GLN A 1384 34.55 0.41 5.97
C GLN A 1384 34.92 0.54 7.45
N PHE A 1385 34.58 1.66 8.12
CA PHE A 1385 34.84 1.71 9.56
C PHE A 1385 33.68 1.06 10.34
N THR A 1386 32.45 1.20 9.83
CA THR A 1386 31.24 0.62 10.40
C THR A 1386 31.16 -0.89 10.08
N ILE A 1387 31.44 -1.25 8.82
CA ILE A 1387 31.42 -2.62 8.30
C ILE A 1387 32.82 -3.01 7.84
N PRO A 1388 33.43 -4.03 8.47
CA PRO A 1388 34.79 -4.42 8.08
C PRO A 1388 34.95 -4.84 6.64
N ILE A 1389 36.06 -4.43 6.01
CA ILE A 1389 36.40 -4.84 4.66
C ILE A 1389 37.74 -5.55 4.74
N ALA A 1390 37.76 -6.83 4.37
CA ALA A 1390 38.99 -7.58 4.32
C ALA A 1390 39.75 -7.09 3.08
N THR A 1391 41.04 -6.76 3.21
CA THR A 1391 41.81 -6.28 2.07
C THR A 1391 42.57 -7.46 1.43
N LEU A 1392 42.56 -7.51 0.11
CA LEU A 1392 43.13 -8.57 -0.70
C LEU A 1392 44.54 -8.34 -1.16
N PRO A 1393 45.31 -9.43 -1.40
CA PRO A 1393 46.65 -9.27 -1.98
C PRO A 1393 46.56 -8.58 -3.34
N GLN A 1394 47.50 -7.67 -3.62
CA GLN A 1394 47.55 -6.93 -4.88
C GLN A 1394 47.83 -7.82 -6.09
N GLU A 1395 48.22 -9.10 -5.85
CA GLU A 1395 48.38 -10.08 -6.93
C GLU A 1395 47.03 -10.27 -7.65
N TRP A 1396 45.90 -10.05 -6.94
CA TRP A 1396 44.55 -10.19 -7.41
C TRP A 1396 44.04 -9.14 -8.40
N LEU A 1397 44.78 -8.05 -8.67
CA LEU A 1397 44.30 -7.08 -9.67
C LEU A 1397 45.40 -6.35 -10.41
N TRP A 1398 45.22 -6.22 -11.73
CA TRP A 1398 46.16 -5.49 -12.57
C TRP A 1398 45.42 -4.60 -13.55
N CYS A 1399 45.94 -3.40 -13.72
CA CYS A 1399 45.40 -2.40 -14.62
C CYS A 1399 46.58 -1.58 -15.09
N GLU A 1400 46.77 -1.46 -16.41
CA GLU A 1400 47.90 -0.73 -16.98
C GLU A 1400 48.01 0.70 -16.45
N THR A 1401 46.88 1.42 -16.40
CA THR A 1401 46.76 2.79 -15.93
C THR A 1401 47.43 3.03 -14.56
N TRP A 1402 47.27 2.12 -13.59
CA TRP A 1402 47.85 2.34 -12.25
C TRP A 1402 48.92 1.32 -11.80
N CYS A 1403 49.13 0.21 -12.54
CA CYS A 1403 50.16 -0.79 -12.20
C CYS A 1403 51.27 -0.78 -13.25
N SER A 1404 52.53 -0.96 -12.83
CA SER A 1404 53.67 -0.99 -13.76
C SER A 1404 53.67 -2.26 -14.63
N ASP A 1405 54.32 -2.19 -15.80
CA ASP A 1405 54.41 -3.32 -16.73
C ASP A 1405 55.17 -4.51 -16.13
N GLU A 1406 56.12 -4.22 -15.21
CA GLU A 1406 56.90 -5.27 -14.52
C GLU A 1406 56.00 -6.13 -13.63
N THR A 1407 54.94 -5.53 -13.06
CA THR A 1407 53.97 -6.13 -12.15
C THR A 1407 53.16 -7.29 -12.75
N LEU A 1408 52.73 -7.16 -14.02
CA LEU A 1408 51.88 -8.12 -14.75
C LEU A 1408 52.35 -9.61 -14.72
N LYS A 1409 53.64 -9.86 -14.46
CA LYS A 1409 54.14 -11.24 -14.38
C LYS A 1409 53.51 -12.00 -13.22
N ASP A 1410 53.31 -11.32 -12.07
CA ASP A 1410 52.68 -11.91 -10.90
C ASP A 1410 51.17 -11.55 -10.77
N ALA A 1411 50.57 -11.04 -11.84
CA ALA A 1411 49.16 -10.65 -11.82
C ALA A 1411 48.25 -11.87 -11.98
N ARG A 1412 47.16 -11.89 -11.22
CA ARG A 1412 46.17 -12.96 -11.24
C ARG A 1412 45.06 -12.63 -12.24
N THR A 1413 44.46 -11.42 -12.14
CA THR A 1413 43.37 -10.98 -13.02
C THR A 1413 43.57 -9.52 -13.48
N ILE A 1414 43.02 -9.15 -14.66
CA ILE A 1414 43.17 -7.81 -15.25
C ILE A 1414 41.79 -7.18 -15.49
N ASP A 1415 41.55 -5.92 -15.03
CA ASP A 1415 40.23 -5.31 -15.27
C ASP A 1415 40.02 -4.52 -16.58
N LEU A 1416 41.06 -3.95 -17.18
CA LEU A 1416 40.96 -3.03 -18.33
C LEU A 1416 40.43 -1.71 -17.78
N CYS A 1417 41.19 -1.11 -16.87
CA CYS A 1417 40.82 0.14 -16.22
C CYS A 1417 40.81 1.29 -17.21
N ASN A 1418 39.86 2.22 -17.04
CA ASN A 1418 39.67 3.38 -17.90
C ASN A 1418 40.93 4.23 -18.07
N ASN A 1419 41.02 4.87 -19.25
CA ASN A 1419 42.10 5.69 -19.80
C ASN A 1419 42.95 6.38 -18.69
N PRO A 1420 42.66 7.56 -18.04
CA PRO A 1420 41.57 8.51 -18.29
C PRO A 1420 41.97 9.66 -19.23
N MET A 1421 43.28 9.92 -19.41
CA MET A 1421 43.76 10.98 -20.30
C MET A 1421 44.16 10.46 -21.69
N THR A 1422 43.92 9.17 -21.97
CA THR A 1422 44.17 8.59 -23.29
C THR A 1422 42.82 8.46 -24.04
N LYS A 1423 42.86 8.07 -25.31
CA LYS A 1423 41.65 7.93 -26.11
C LYS A 1423 41.39 6.49 -26.60
N GLU A 1424 42.32 5.56 -26.36
CA GLU A 1424 42.16 4.19 -26.83
C GLU A 1424 40.97 3.48 -26.18
N PRO A 1425 40.14 2.83 -27.01
CA PRO A 1425 38.95 2.15 -26.47
C PRO A 1425 39.25 0.75 -25.91
N LYS A 1426 38.26 0.19 -25.18
CA LYS A 1426 38.37 -1.12 -24.53
C LYS A 1426 38.69 -2.27 -25.47
N LEU A 1427 38.16 -2.26 -26.71
CA LEU A 1427 38.48 -3.32 -27.68
C LEU A 1427 39.98 -3.34 -28.00
N ASP A 1428 40.59 -2.15 -28.09
CA ASP A 1428 42.00 -1.99 -28.39
C ASP A 1428 42.91 -2.45 -27.25
N ARG A 1429 42.56 -2.10 -26.00
CA ARG A 1429 43.34 -2.49 -24.82
C ARG A 1429 43.45 -4.02 -24.73
N ALA A 1430 42.33 -4.71 -24.90
CA ALA A 1430 42.28 -6.16 -24.82
C ALA A 1430 43.27 -6.90 -25.73
N ARG A 1431 43.32 -6.54 -27.02
CA ARG A 1431 44.20 -7.20 -27.97
C ARG A 1431 45.67 -6.87 -27.73
N ARG A 1432 45.95 -5.61 -27.36
CA ARG A 1432 47.31 -5.14 -27.10
C ARG A 1432 47.83 -5.61 -25.74
N GLN A 1433 47.04 -5.44 -24.68
CA GLN A 1433 47.37 -5.81 -23.31
C GLN A 1433 47.46 -7.33 -23.10
N VAL A 1434 46.49 -8.10 -23.62
CA VAL A 1434 46.50 -9.56 -23.45
C VAL A 1434 46.54 -10.31 -24.79
N PRO A 1435 47.55 -11.16 -25.00
CA PRO A 1435 47.63 -11.90 -26.28
C PRO A 1435 46.66 -13.08 -26.37
N GLU A 1436 46.27 -13.68 -25.23
CA GLU A 1436 45.35 -14.83 -25.24
C GLU A 1436 43.86 -14.45 -25.33
N TRP A 1437 43.55 -13.13 -25.38
CA TRP A 1437 42.19 -12.61 -25.50
C TRP A 1437 41.55 -13.07 -26.80
N THR A 1438 42.33 -13.07 -27.89
CA THR A 1438 41.90 -13.48 -29.22
C THR A 1438 41.57 -14.97 -29.25
N LYS A 1439 42.39 -15.81 -28.59
CA LYS A 1439 42.20 -17.25 -28.49
C LYS A 1439 40.82 -17.58 -27.90
N TYR A 1440 40.41 -16.83 -26.86
CA TYR A 1440 39.11 -17.00 -26.24
C TYR A 1440 38.01 -16.55 -27.18
N ASP A 1441 38.20 -15.39 -27.83
CA ASP A 1441 37.24 -14.82 -28.78
C ASP A 1441 36.98 -15.74 -29.97
N GLU A 1442 38.01 -16.41 -30.50
CA GLU A 1442 37.92 -17.35 -31.62
C GLU A 1442 37.03 -18.54 -31.27
N GLU A 1443 37.20 -19.09 -30.06
CA GLU A 1443 36.42 -20.21 -29.55
C GLU A 1443 34.93 -19.89 -29.52
N ILE A 1444 34.57 -18.69 -29.02
CA ILE A 1444 33.19 -18.22 -28.96
C ILE A 1444 32.67 -17.99 -30.38
N ALA A 1445 33.48 -17.35 -31.23
CA ALA A 1445 33.13 -17.05 -32.62
C ALA A 1445 32.75 -18.27 -33.45
N GLU A 1446 33.54 -19.36 -33.40
CA GLU A 1446 33.22 -20.56 -34.16
C GLU A 1446 31.97 -21.26 -33.63
N LEU A 1447 31.79 -21.25 -32.30
CA LEU A 1447 30.63 -21.85 -31.65
C LEU A 1447 29.36 -21.09 -32.04
N ALA A 1448 29.40 -19.76 -32.07
CA ALA A 1448 28.26 -18.94 -32.48
C ALA A 1448 27.84 -19.28 -33.92
N ARG A 1449 28.82 -19.51 -34.81
CA ARG A 1449 28.55 -19.89 -36.19
C ARG A 1449 28.02 -21.32 -36.28
N ARG A 1450 28.53 -22.22 -35.42
CA ARG A 1450 28.12 -23.62 -35.31
C ARG A 1450 26.62 -23.67 -34.92
N VAL A 1451 26.21 -22.79 -33.99
CA VAL A 1451 24.84 -22.67 -33.49
C VAL A 1451 23.93 -22.07 -34.55
N ARG A 1452 24.42 -21.03 -35.26
CA ARG A 1452 23.69 -20.31 -36.30
C ARG A 1452 23.19 -21.23 -37.42
N GLU A 1453 23.87 -22.36 -37.66
CA GLU A 1453 23.42 -23.28 -38.70
C GLU A 1453 22.59 -24.44 -38.14
N GLU A 1454 21.67 -24.13 -37.22
CA GLU A 1454 20.75 -25.09 -36.63
C GLU A 1454 19.31 -24.59 -36.75
N LYS A 1455 18.97 -23.89 -37.85
CA LYS A 1455 17.61 -23.37 -38.05
C LYS A 1455 16.96 -23.69 -39.42
N PRO A 1456 17.66 -23.67 -40.59
CA PRO A 1456 16.98 -23.99 -41.85
C PRO A 1456 16.90 -25.48 -42.12
#